data_1I0M
# 
_entry.id   1I0M 
# 
_audit_conform.dict_name       mmcif_pdbx.dic 
_audit_conform.dict_version    5.386 
_audit_conform.dict_location   http://mmcif.pdb.org/dictionaries/ascii/mmcif_pdbx.dic 
# 
loop_
_database_2.database_id 
_database_2.database_code 
_database_2.pdbx_database_accession 
_database_2.pdbx_DOI 
PDB   1I0M         pdb_00001i0m 10.2210/pdb1i0m/pdb 
NDB   AD0015       ?            ?                   
RCSB  RCSB012757   ?            ?                   
WWPDB D_1000012757 ?            ?                   
# 
loop_
_pdbx_audit_revision_history.ordinal 
_pdbx_audit_revision_history.data_content_type 
_pdbx_audit_revision_history.major_revision 
_pdbx_audit_revision_history.minor_revision 
_pdbx_audit_revision_history.revision_date 
1 'Structure model' 1 0 2001-04-04 
2 'Structure model' 1 1 2008-04-27 
3 'Structure model' 1 2 2011-07-13 
4 'Structure model' 1 3 2024-02-07 
# 
_pdbx_audit_revision_details.ordinal             1 
_pdbx_audit_revision_details.revision_ordinal    1 
_pdbx_audit_revision_details.data_content_type   'Structure model' 
_pdbx_audit_revision_details.provider            repository 
_pdbx_audit_revision_details.type                'Initial release' 
_pdbx_audit_revision_details.description         ? 
_pdbx_audit_revision_details.details             ? 
# 
loop_
_pdbx_audit_revision_group.ordinal 
_pdbx_audit_revision_group.revision_ordinal 
_pdbx_audit_revision_group.data_content_type 
_pdbx_audit_revision_group.group 
1 2 'Structure model' 'Version format compliance' 
2 3 'Structure model' 'Version format compliance' 
3 4 'Structure model' 'Data collection'           
4 4 'Structure model' 'Database references'       
5 4 'Structure model' 'Derived calculations'      
# 
loop_
_pdbx_audit_revision_category.ordinal 
_pdbx_audit_revision_category.revision_ordinal 
_pdbx_audit_revision_category.data_content_type 
_pdbx_audit_revision_category.category 
1 4 'Structure model' chem_comp_atom         
2 4 'Structure model' chem_comp_bond         
3 4 'Structure model' database_2             
4 4 'Structure model' pdbx_struct_conn_angle 
5 4 'Structure model' struct_conn            
6 4 'Structure model' struct_site            
# 
loop_
_pdbx_audit_revision_item.ordinal 
_pdbx_audit_revision_item.revision_ordinal 
_pdbx_audit_revision_item.data_content_type 
_pdbx_audit_revision_item.item 
1  4 'Structure model' '_database_2.pdbx_DOI'                        
2  4 'Structure model' '_database_2.pdbx_database_accession'         
3  4 'Structure model' '_pdbx_struct_conn_angle.ptnr1_auth_asym_id'  
4  4 'Structure model' '_pdbx_struct_conn_angle.ptnr1_auth_comp_id'  
5  4 'Structure model' '_pdbx_struct_conn_angle.ptnr1_auth_seq_id'   
6  4 'Structure model' '_pdbx_struct_conn_angle.ptnr1_label_asym_id' 
7  4 'Structure model' '_pdbx_struct_conn_angle.ptnr1_label_atom_id' 
8  4 'Structure model' '_pdbx_struct_conn_angle.ptnr1_label_comp_id' 
9  4 'Structure model' '_pdbx_struct_conn_angle.ptnr1_label_seq_id'  
10 4 'Structure model' '_pdbx_struct_conn_angle.ptnr1_symmetry'      
11 4 'Structure model' '_pdbx_struct_conn_angle.ptnr2_auth_seq_id'   
12 4 'Structure model' '_pdbx_struct_conn_angle.ptnr2_label_asym_id' 
13 4 'Structure model' '_pdbx_struct_conn_angle.ptnr3_auth_asym_id'  
14 4 'Structure model' '_pdbx_struct_conn_angle.ptnr3_auth_comp_id'  
15 4 'Structure model' '_pdbx_struct_conn_angle.ptnr3_auth_seq_id'   
16 4 'Structure model' '_pdbx_struct_conn_angle.ptnr3_label_asym_id' 
17 4 'Structure model' '_pdbx_struct_conn_angle.ptnr3_label_atom_id' 
18 4 'Structure model' '_pdbx_struct_conn_angle.ptnr3_label_comp_id' 
19 4 'Structure model' '_pdbx_struct_conn_angle.ptnr3_label_seq_id'  
20 4 'Structure model' '_pdbx_struct_conn_angle.ptnr3_symmetry'      
21 4 'Structure model' '_pdbx_struct_conn_angle.value'               
22 4 'Structure model' '_struct_conn.conn_type_id'                   
23 4 'Structure model' '_struct_conn.id'                             
24 4 'Structure model' '_struct_conn.pdbx_dist_value'                
25 4 'Structure model' '_struct_conn.pdbx_leaving_atom_flag'         
26 4 'Structure model' '_struct_conn.ptnr1_auth_asym_id'             
27 4 'Structure model' '_struct_conn.ptnr1_auth_comp_id'             
28 4 'Structure model' '_struct_conn.ptnr1_auth_seq_id'              
29 4 'Structure model' '_struct_conn.ptnr1_label_asym_id'            
30 4 'Structure model' '_struct_conn.ptnr1_label_atom_id'            
31 4 'Structure model' '_struct_conn.ptnr1_label_comp_id'            
32 4 'Structure model' '_struct_conn.ptnr1_label_seq_id'             
33 4 'Structure model' '_struct_conn.ptnr2_auth_asym_id'             
34 4 'Structure model' '_struct_conn.ptnr2_auth_comp_id'             
35 4 'Structure model' '_struct_conn.ptnr2_auth_seq_id'              
36 4 'Structure model' '_struct_conn.ptnr2_label_asym_id'            
37 4 'Structure model' '_struct_conn.ptnr2_label_atom_id'            
38 4 'Structure model' '_struct_conn.ptnr2_label_comp_id'            
39 4 'Structure model' '_struct_conn.ptnr2_label_seq_id'             
40 4 'Structure model' '_struct_conn.ptnr2_symmetry'                 
41 4 'Structure model' '_struct_site.pdbx_auth_asym_id'              
42 4 'Structure model' '_struct_site.pdbx_auth_comp_id'              
43 4 'Structure model' '_struct_site.pdbx_auth_seq_id'               
# 
_pdbx_database_status.status_code                     REL 
_pdbx_database_status.entry_id                        1I0M 
_pdbx_database_status.recvd_initial_deposition_date   2001-01-29 
_pdbx_database_status.deposit_site                    RCSB 
_pdbx_database_status.process_site                    RCSB 
_pdbx_database_status.status_code_sf                  REL 
_pdbx_database_status.SG_entry                        . 
_pdbx_database_status.pdb_format_compatible           Y 
_pdbx_database_status.status_code_mr                  ? 
_pdbx_database_status.status_code_cs                  ? 
_pdbx_database_status.status_code_nmr_data            ? 
_pdbx_database_status.methods_development_category    ? 
# 
loop_
_audit_author.name 
_audit_author.pdbx_ordinal 
'Tereshko, V.'  1 
'Wilds, C.J.'   2 
'Minasov, G.'   3 
'Prakash, T.P.' 4 
'Maier, M.A.'   5 
'Howard, A.'    6 
'Wawrzak, Z.'   7 
'Manoharan, M.' 8 
'Egli, M.'      9 
# 
_citation.id                        primary 
_citation.title                     
'Detection of alkali metal ions in DNA crystals using state-of-the-art X-ray diffraction experiments.' 
_citation.journal_abbrev            'Nucleic Acids Res.' 
_citation.journal_volume            29 
_citation.page_first                1208 
_citation.page_last                 1215 
_citation.year                      2001 
_citation.journal_id_ASTM           NARHAD 
_citation.country                   UK 
_citation.journal_id_ISSN           0305-1048 
_citation.journal_id_CSD            0389 
_citation.book_publisher            ? 
_citation.pdbx_database_id_PubMed   11222771 
_citation.pdbx_database_id_DOI      10.1093/nar/29.5.1208 
# 
loop_
_citation_author.citation_id 
_citation_author.name 
_citation_author.ordinal 
_citation_author.identifier_ORCID 
primary 'Tereshko, V.'  1 ? 
primary 'Wilds, C.J.'   2 ? 
primary 'Minasov, G.'   3 ? 
primary 'Prakash, T.P.' 4 ? 
primary 'Maier, M.A.'   5 ? 
primary 'Howard, A.'    6 ? 
primary 'Wawrzak, Z.'   7 ? 
primary 'Manoharan, M.' 8 ? 
primary 'Egli, M.'      9 ? 
# 
loop_
_entity.id 
_entity.type 
_entity.src_method 
_entity.pdbx_description 
_entity.formula_weight 
_entity.pdbx_number_of_molecules 
_entity.pdbx_ec 
_entity.pdbx_mutation 
_entity.pdbx_fragment 
_entity.details 
1 polymer     syn "5'-D(*GP*CP*GP*TP*AP*(125)P*AP*CP*GP*C)-3'" 3107.048 2   ? ? ? ? 
2 non-polymer syn 'RUBIDIUM ION'                               85.468   3   ? ? ? ? 
3 water       nat water                                        18.015   250 ? ? ? ? 
# 
_entity_poly.entity_id                      1 
_entity_poly.type                           polydeoxyribonucleotide 
_entity_poly.nstd_linkage                   no 
_entity_poly.nstd_monomer                   yes 
_entity_poly.pdbx_seq_one_letter_code       '(DG)(DC)(DG)(DT)(DA)(125)(DA)(DC)(DG)(DC)' 
_entity_poly.pdbx_seq_one_letter_code_can   GCGTAUACGC 
_entity_poly.pdbx_strand_id                 A,B 
_entity_poly.pdbx_target_identifier         ? 
# 
loop_
_pdbx_entity_nonpoly.entity_id 
_pdbx_entity_nonpoly.name 
_pdbx_entity_nonpoly.comp_id 
2 'RUBIDIUM ION' RB  
3 water          HOH 
# 
loop_
_entity_poly_seq.entity_id 
_entity_poly_seq.num 
_entity_poly_seq.mon_id 
_entity_poly_seq.hetero 
1 1  DG  n 
1 2  DC  n 
1 3  DG  n 
1 4  DT  n 
1 5  DA  n 
1 6  125 n 
1 7  DA  n 
1 8  DC  n 
1 9  DG  n 
1 10 DC  n 
# 
loop_
_chem_comp.id 
_chem_comp.type 
_chem_comp.mon_nstd_flag 
_chem_comp.name 
_chem_comp.pdbx_synonyms 
_chem_comp.formula 
_chem_comp.formula_weight 
125 'RNA linking' n "2'-O-FLUOROETHYL-5-METHYL-URIDINE-5'-MONOPHOSPHATE" ? 'C12 H18 F N2 O9 P' 384.251 
DA  'DNA linking' y "2'-DEOXYADENOSINE-5'-MONOPHOSPHATE"                 ? 'C10 H14 N5 O6 P'   331.222 
DC  'DNA linking' y "2'-DEOXYCYTIDINE-5'-MONOPHOSPHATE"                  ? 'C9 H14 N3 O7 P'    307.197 
DG  'DNA linking' y "2'-DEOXYGUANOSINE-5'-MONOPHOSPHATE"                 ? 'C10 H14 N5 O7 P'   347.221 
DT  'DNA linking' y "THYMIDINE-5'-MONOPHOSPHATE"                         ? 'C10 H15 N2 O8 P'   322.208 
HOH non-polymer   . WATER                                                ? 'H2 O'              18.015  
RB  non-polymer   . 'RUBIDIUM ION'                                       ? 'Rb 1'              85.468  
# 
loop_
_pdbx_poly_seq_scheme.asym_id 
_pdbx_poly_seq_scheme.entity_id 
_pdbx_poly_seq_scheme.seq_id 
_pdbx_poly_seq_scheme.mon_id 
_pdbx_poly_seq_scheme.ndb_seq_num 
_pdbx_poly_seq_scheme.pdb_seq_num 
_pdbx_poly_seq_scheme.auth_seq_num 
_pdbx_poly_seq_scheme.pdb_mon_id 
_pdbx_poly_seq_scheme.auth_mon_id 
_pdbx_poly_seq_scheme.pdb_strand_id 
_pdbx_poly_seq_scheme.pdb_ins_code 
_pdbx_poly_seq_scheme.hetero 
A 1 1  DG  1  1  1  DG  G   A . n 
A 1 2  DC  2  2  2  DC  C   A . n 
A 1 3  DG  3  3  3  DG  G   A . n 
A 1 4  DT  4  4  4  DT  T   A . n 
A 1 5  DA  5  5  5  DA  A   A . n 
A 1 6  125 6  6  6  125 125 A . n 
A 1 7  DA  7  7  7  DA  A   A . n 
A 1 8  DC  8  8  8  DC  C   A . n 
A 1 9  DG  9  9  9  DG  G   A . n 
A 1 10 DC  10 10 10 DC  C   A . n 
B 1 1  DG  1  11 11 DG  G   B . n 
B 1 2  DC  2  12 12 DC  C   B . n 
B 1 3  DG  3  13 13 DG  G   B . n 
B 1 4  DT  4  14 14 DT  T   B . n 
B 1 5  DA  5  15 15 DA  A   B . n 
B 1 6  125 6  16 16 125 125 B . n 
B 1 7  DA  7  17 17 DA  A   B . n 
B 1 8  DC  8  18 18 DC  C   B . n 
B 1 9  DG  9  19 19 DG  G   B . n 
B 1 10 DC  10 20 20 DC  C   B . n 
# 
loop_
_pdbx_nonpoly_scheme.asym_id 
_pdbx_nonpoly_scheme.entity_id 
_pdbx_nonpoly_scheme.mon_id 
_pdbx_nonpoly_scheme.ndb_seq_num 
_pdbx_nonpoly_scheme.pdb_seq_num 
_pdbx_nonpoly_scheme.auth_seq_num 
_pdbx_nonpoly_scheme.pdb_mon_id 
_pdbx_nonpoly_scheme.auth_mon_id 
_pdbx_nonpoly_scheme.pdb_strand_id 
_pdbx_nonpoly_scheme.pdb_ins_code 
C 2 RB  1   21  21  RB  RB  A . 
D 2 RB  1   22  22  RB  RB  A . 
E 2 RB  1   23  23  RB  RB  A . 
F 3 HOH 1   102 102 HOH HOH A . 
F 3 HOH 2   105 105 HOH HOH A . 
F 3 HOH 3   106 106 HOH HOH A . 
F 3 HOH 4   107 107 HOH HOH A . 
F 3 HOH 5   108 108 HOH HOH A . 
F 3 HOH 6   109 109 HOH HOH A . 
F 3 HOH 7   110 110 HOH HOH A . 
F 3 HOH 8   112 112 HOH HOH A . 
F 3 HOH 9   113 113 HOH HOH A . 
F 3 HOH 10  114 114 HOH HOH A . 
F 3 HOH 11  116 116 HOH HOH A . 
F 3 HOH 12  119 119 HOH HOH A . 
F 3 HOH 13  121 121 HOH HOH A . 
F 3 HOH 14  123 123 HOH HOH A . 
F 3 HOH 15  125 125 HOH HOH A . 
F 3 HOH 16  126 126 HOH HOH A . 
F 3 HOH 17  129 129 HOH HOH A . 
F 3 HOH 18  131 131 HOH HOH A . 
F 3 HOH 19  132 132 HOH HOH A . 
F 3 HOH 20  134 134 HOH HOH A . 
F 3 HOH 21  135 135 HOH HOH A . 
F 3 HOH 22  136 136 HOH HOH A . 
F 3 HOH 23  137 137 HOH HOH A . 
F 3 HOH 24  138 138 HOH HOH A . 
F 3 HOH 25  139 139 HOH HOH A . 
F 3 HOH 26  141 141 HOH HOH A . 
F 3 HOH 27  142 142 HOH HOH A . 
F 3 HOH 28  143 143 HOH HOH A . 
F 3 HOH 29  145 145 HOH HOH A . 
F 3 HOH 30  147 147 HOH HOH A . 
F 3 HOH 31  148 148 HOH HOH A . 
F 3 HOH 32  150 150 HOH HOH A . 
F 3 HOH 33  151 151 HOH HOH A . 
F 3 HOH 34  152 152 HOH HOH A . 
F 3 HOH 35  154 154 HOH HOH A . 
F 3 HOH 36  156 156 HOH HOH A . 
F 3 HOH 37  157 157 HOH HOH A . 
F 3 HOH 38  159 159 HOH HOH A . 
F 3 HOH 39  164 164 HOH HOH A . 
F 3 HOH 40  165 165 HOH HOH A . 
F 3 HOH 41  166 166 HOH HOH A . 
F 3 HOH 42  172 172 HOH HOH A . 
F 3 HOH 43  174 174 HOH HOH A . 
F 3 HOH 44  175 175 HOH HOH A . 
F 3 HOH 45  179 179 HOH HOH A . 
F 3 HOH 46  181 181 HOH HOH A . 
F 3 HOH 47  185 185 HOH HOH A . 
F 3 HOH 48  189 189 HOH HOH A . 
F 3 HOH 49  190 190 HOH HOH A . 
F 3 HOH 50  194 194 HOH HOH A . 
F 3 HOH 51  195 195 HOH HOH A . 
F 3 HOH 52  196 196 HOH HOH A . 
F 3 HOH 53  197 197 HOH HOH A . 
F 3 HOH 54  201 201 HOH HOH A . 
F 3 HOH 55  203 203 HOH HOH A . 
F 3 HOH 56  205 205 HOH HOH A . 
F 3 HOH 57  207 207 HOH HOH A . 
F 3 HOH 58  208 208 HOH HOH A . 
F 3 HOH 59  209 209 HOH HOH A . 
F 3 HOH 60  210 210 HOH HOH A . 
F 3 HOH 61  213 213 HOH HOH A . 
F 3 HOH 62  214 214 HOH HOH A . 
F 3 HOH 63  224 224 HOH HOH A . 
F 3 HOH 64  228 228 HOH HOH A . 
F 3 HOH 65  229 229 HOH HOH A . 
F 3 HOH 66  234 234 HOH HOH A . 
F 3 HOH 67  236 236 HOH HOH A . 
F 3 HOH 68  237 237 HOH HOH A . 
F 3 HOH 69  239 239 HOH HOH A . 
F 3 HOH 70  242 242 HOH HOH A . 
F 3 HOH 71  244 244 HOH HOH A . 
F 3 HOH 72  246 246 HOH HOH A . 
F 3 HOH 73  251 251 HOH HOH A . 
F 3 HOH 74  252 252 HOH HOH A . 
F 3 HOH 75  254 254 HOH HOH A . 
F 3 HOH 76  255 255 HOH HOH A . 
F 3 HOH 77  256 256 HOH HOH A . 
F 3 HOH 78  258 258 HOH HOH A . 
F 3 HOH 79  261 261 HOH HOH A . 
F 3 HOH 80  264 264 HOH HOH A . 
F 3 HOH 81  267 267 HOH HOH A . 
F 3 HOH 82  269 269 HOH HOH A . 
F 3 HOH 83  280 280 HOH HOH A . 
F 3 HOH 84  285 285 HOH HOH A . 
F 3 HOH 85  288 288 HOH HOH A . 
F 3 HOH 86  289 289 HOH HOH A . 
F 3 HOH 87  293 293 HOH HOH A . 
F 3 HOH 88  294 294 HOH HOH A . 
F 3 HOH 89  297 297 HOH HOH A . 
F 3 HOH 90  300 300 HOH HOH A . 
F 3 HOH 91  302 302 HOH HOH A . 
F 3 HOH 92  305 305 HOH HOH A . 
F 3 HOH 93  307 307 HOH HOH A . 
F 3 HOH 94  311 311 HOH HOH A . 
F 3 HOH 95  313 313 HOH HOH A . 
F 3 HOH 96  316 316 HOH HOH A . 
F 3 HOH 97  317 317 HOH HOH A . 
F 3 HOH 98  320 320 HOH HOH A . 
F 3 HOH 99  330 330 HOH HOH A . 
F 3 HOH 100 331 331 HOH HOH A . 
F 3 HOH 101 338 338 HOH HOH A . 
F 3 HOH 102 339 339 HOH HOH A . 
F 3 HOH 103 340 340 HOH HOH A . 
F 3 HOH 104 343 343 HOH HOH A . 
F 3 HOH 105 346 346 HOH HOH A . 
F 3 HOH 106 347 347 HOH HOH A . 
F 3 HOH 107 348 348 HOH HOH A . 
F 3 HOH 108 352 352 HOH HOH A . 
F 3 HOH 109 353 353 HOH HOH A . 
G 3 HOH 1   24  24  HOH HOH B . 
G 3 HOH 2   104 104 HOH HOH B . 
G 3 HOH 3   111 111 HOH HOH B . 
G 3 HOH 4   115 115 HOH HOH B . 
G 3 HOH 5   117 117 HOH HOH B . 
G 3 HOH 6   120 120 HOH HOH B . 
G 3 HOH 7   122 122 HOH HOH B . 
G 3 HOH 8   124 124 HOH HOH B . 
G 3 HOH 9   127 127 HOH HOH B . 
G 3 HOH 10  128 128 HOH HOH B . 
G 3 HOH 11  130 130 HOH HOH B . 
G 3 HOH 12  133 133 HOH HOH B . 
G 3 HOH 13  140 140 HOH HOH B . 
G 3 HOH 14  144 144 HOH HOH B . 
G 3 HOH 15  146 146 HOH HOH B . 
G 3 HOH 16  149 149 HOH HOH B . 
G 3 HOH 17  153 153 HOH HOH B . 
G 3 HOH 18  155 155 HOH HOH B . 
G 3 HOH 19  158 158 HOH HOH B . 
G 3 HOH 20  160 160 HOH HOH B . 
G 3 HOH 21  161 161 HOH HOH B . 
G 3 HOH 22  162 162 HOH HOH B . 
G 3 HOH 23  163 163 HOH HOH B . 
G 3 HOH 24  168 168 HOH HOH B . 
G 3 HOH 25  169 169 HOH HOH B . 
G 3 HOH 26  170 170 HOH HOH B . 
G 3 HOH 27  171 171 HOH HOH B . 
G 3 HOH 28  173 173 HOH HOH B . 
G 3 HOH 29  176 176 HOH HOH B . 
G 3 HOH 30  177 177 HOH HOH B . 
G 3 HOH 31  178 178 HOH HOH B . 
G 3 HOH 32  180 180 HOH HOH B . 
G 3 HOH 33  182 182 HOH HOH B . 
G 3 HOH 34  183 183 HOH HOH B . 
G 3 HOH 35  184 184 HOH HOH B . 
G 3 HOH 36  186 186 HOH HOH B . 
G 3 HOH 37  187 187 HOH HOH B . 
G 3 HOH 38  188 188 HOH HOH B . 
G 3 HOH 39  191 191 HOH HOH B . 
G 3 HOH 40  192 192 HOH HOH B . 
G 3 HOH 41  193 193 HOH HOH B . 
G 3 HOH 42  198 198 HOH HOH B . 
G 3 HOH 43  199 199 HOH HOH B . 
G 3 HOH 44  200 200 HOH HOH B . 
G 3 HOH 45  202 202 HOH HOH B . 
G 3 HOH 46  204 204 HOH HOH B . 
G 3 HOH 47  206 206 HOH HOH B . 
G 3 HOH 48  211 211 HOH HOH B . 
G 3 HOH 49  212 212 HOH HOH B . 
G 3 HOH 50  215 215 HOH HOH B . 
G 3 HOH 51  216 216 HOH HOH B . 
G 3 HOH 52  217 217 HOH HOH B . 
G 3 HOH 53  218 218 HOH HOH B . 
G 3 HOH 54  219 219 HOH HOH B . 
G 3 HOH 55  220 220 HOH HOH B . 
G 3 HOH 56  221 221 HOH HOH B . 
G 3 HOH 57  222 222 HOH HOH B . 
G 3 HOH 58  223 223 HOH HOH B . 
G 3 HOH 59  225 225 HOH HOH B . 
G 3 HOH 60  226 226 HOH HOH B . 
G 3 HOH 61  227 227 HOH HOH B . 
G 3 HOH 62  230 230 HOH HOH B . 
G 3 HOH 63  231 231 HOH HOH B . 
G 3 HOH 64  232 232 HOH HOH B . 
G 3 HOH 65  233 233 HOH HOH B . 
G 3 HOH 66  235 235 HOH HOH B . 
G 3 HOH 67  238 238 HOH HOH B . 
G 3 HOH 68  240 240 HOH HOH B . 
G 3 HOH 69  241 241 HOH HOH B . 
G 3 HOH 70  243 243 HOH HOH B . 
G 3 HOH 71  245 245 HOH HOH B . 
G 3 HOH 72  247 247 HOH HOH B . 
G 3 HOH 73  248 248 HOH HOH B . 
G 3 HOH 74  249 249 HOH HOH B . 
G 3 HOH 75  250 250 HOH HOH B . 
G 3 HOH 76  253 253 HOH HOH B . 
G 3 HOH 77  257 257 HOH HOH B . 
G 3 HOH 78  259 259 HOH HOH B . 
G 3 HOH 79  260 260 HOH HOH B . 
G 3 HOH 80  262 262 HOH HOH B . 
G 3 HOH 81  263 263 HOH HOH B . 
G 3 HOH 82  265 265 HOH HOH B . 
G 3 HOH 83  266 266 HOH HOH B . 
G 3 HOH 84  268 268 HOH HOH B . 
G 3 HOH 85  270 270 HOH HOH B . 
G 3 HOH 86  271 271 HOH HOH B . 
G 3 HOH 87  272 272 HOH HOH B . 
G 3 HOH 88  273 273 HOH HOH B . 
G 3 HOH 89  274 274 HOH HOH B . 
G 3 HOH 90  275 275 HOH HOH B . 
G 3 HOH 91  276 276 HOH HOH B . 
G 3 HOH 92  277 277 HOH HOH B . 
G 3 HOH 93  278 278 HOH HOH B . 
G 3 HOH 94  279 279 HOH HOH B . 
G 3 HOH 95  281 281 HOH HOH B . 
G 3 HOH 96  282 282 HOH HOH B . 
G 3 HOH 97  283 283 HOH HOH B . 
G 3 HOH 98  284 284 HOH HOH B . 
G 3 HOH 99  286 286 HOH HOH B . 
G 3 HOH 100 287 287 HOH HOH B . 
G 3 HOH 101 290 290 HOH HOH B . 
G 3 HOH 102 291 291 HOH HOH B . 
G 3 HOH 103 292 292 HOH HOH B . 
G 3 HOH 104 295 295 HOH HOH B . 
G 3 HOH 105 296 296 HOH HOH B . 
G 3 HOH 106 298 298 HOH HOH B . 
G 3 HOH 107 299 299 HOH HOH B . 
G 3 HOH 108 301 301 HOH HOH B . 
G 3 HOH 109 303 303 HOH HOH B . 
G 3 HOH 110 304 304 HOH HOH B . 
G 3 HOH 111 306 306 HOH HOH B . 
G 3 HOH 112 308 308 HOH HOH B . 
G 3 HOH 113 309 309 HOH HOH B . 
G 3 HOH 114 310 310 HOH HOH B . 
G 3 HOH 115 312 312 HOH HOH B . 
G 3 HOH 116 314 314 HOH HOH B . 
G 3 HOH 117 315 315 HOH HOH B . 
G 3 HOH 118 318 318 HOH HOH B . 
G 3 HOH 119 319 319 HOH HOH B . 
G 3 HOH 120 321 321 HOH HOH B . 
G 3 HOH 121 322 322 HOH HOH B . 
G 3 HOH 122 323 323 HOH HOH B . 
G 3 HOH 123 324 324 HOH HOH B . 
G 3 HOH 124 325 325 HOH HOH B . 
G 3 HOH 125 326 326 HOH HOH B . 
G 3 HOH 126 327 327 HOH HOH B . 
G 3 HOH 127 328 328 HOH HOH B . 
G 3 HOH 128 329 329 HOH HOH B . 
G 3 HOH 129 332 332 HOH HOH B . 
G 3 HOH 130 333 333 HOH HOH B . 
G 3 HOH 131 334 334 HOH HOH B . 
G 3 HOH 132 335 335 HOH HOH B . 
G 3 HOH 133 336 336 HOH HOH B . 
G 3 HOH 134 337 337 HOH HOH B . 
G 3 HOH 135 341 341 HOH HOH B . 
G 3 HOH 136 342 342 HOH HOH B . 
G 3 HOH 137 344 344 HOH HOH B . 
G 3 HOH 138 345 345 HOH HOH B . 
G 3 HOH 139 349 349 HOH HOH B . 
G 3 HOH 140 350 350 HOH HOH B . 
G 3 HOH 141 351 351 HOH HOH B . 
# 
loop_
_software.name 
_software.classification 
_software.version 
_software.citation_id 
_software.pdbx_ordinal 
DENZO     'data reduction' . ? 1 
SCALEPACK 'data scaling'   . ? 2 
CNS       refinement       . ? 3 
SHELXL-97 refinement       . ? 4 
CNS       phasing          . ? 5 
# 
_cell.entry_id           1I0M 
_cell.length_a           24.82 
_cell.length_b           45.26 
_cell.length_c           43.97 
_cell.angle_alpha        90 
_cell.angle_beta         90 
_cell.angle_gamma        90 
_cell.Z_PDB              8 
_cell.pdbx_unique_axis   ? 
# 
_symmetry.entry_id                         1I0M 
_symmetry.space_group_name_H-M             'P 21 21 21' 
_symmetry.pdbx_full_space_group_name_H-M   ? 
_symmetry.cell_setting                     orthorhombic 
_symmetry.Int_Tables_number                19 
# 
_exptl.entry_id          1I0M 
_exptl.method            'X-RAY DIFFRACTION' 
_exptl.crystals_number   1 
# 
_exptl_crystal.id                    1 
_exptl_crystal.density_meas          ? 
_exptl_crystal.density_Matthews      1.91 
_exptl_crystal.density_percent_sol   35.55 
_exptl_crystal.description           ? 
# 
_exptl_crystal_grow.crystal_id      1 
_exptl_crystal_grow.method          'VAPOR DIFFUSION, HANGING DROP' 
_exptl_crystal_grow.temp            298 
_exptl_crystal_grow.temp_details    ? 
_exptl_crystal_grow.pH              6.0 
_exptl_crystal_grow.pdbx_details    'Rb salt, pH 6.0, VAPOR DIFFUSION, HANGING DROP at 298 K' 
_exptl_crystal_grow.pdbx_pH_range   ? 
# 
_diffrn.id                     1 
_diffrn.ambient_temp           100 
_diffrn.ambient_temp_details   ? 
_diffrn.crystal_id             1 
# 
_diffrn_detector.diffrn_id              1 
_diffrn_detector.detector               CCD 
_diffrn_detector.type                   MARRESEARCH 
_diffrn_detector.pdbx_collection_date   1999-11-01 
_diffrn_detector.details                ? 
# 
_diffrn_radiation.diffrn_id                        1 
_diffrn_radiation.wavelength_id                    1 
_diffrn_radiation.pdbx_monochromatic_or_laue_m_l   M 
_diffrn_radiation.monochromator                    ? 
_diffrn_radiation.pdbx_diffrn_protocol             'SINGLE WAVELENGTH' 
_diffrn_radiation.pdbx_scattering_type             x-ray 
# 
_diffrn_radiation_wavelength.id           1 
_diffrn_radiation_wavelength.wavelength   0.9500 
_diffrn_radiation_wavelength.wt           1.0 
# 
_diffrn_source.diffrn_id                   1 
_diffrn_source.source                      SYNCHROTRON 
_diffrn_source.type                        'APS BEAMLINE 17-ID' 
_diffrn_source.pdbx_synchrotron_site       APS 
_diffrn_source.pdbx_synchrotron_beamline   17-ID 
_diffrn_source.pdbx_wavelength             ? 
_diffrn_source.pdbx_wavelength_list        0.9500 
# 
_reflns.entry_id                     1I0M 
_reflns.observed_criterion_sigma_I   0 
_reflns.observed_criterion_sigma_F   0 
_reflns.d_resolution_low             20 
_reflns.d_resolution_high            1.05 
_reflns.number_obs                   22802 
_reflns.number_all                   22802 
_reflns.percent_possible_obs         100 
_reflns.pdbx_Rmerge_I_obs            0.046 
_reflns.pdbx_Rsym_value              ? 
_reflns.pdbx_netI_over_sigmaI        ? 
_reflns.B_iso_Wilson_estimate        ? 
_reflns.pdbx_redundancy              ? 
_reflns.R_free_details               ? 
_reflns.pdbx_diffrn_id               1 
_reflns.pdbx_ordinal                 1 
# 
_refine.entry_id                                 1I0M 
_refine.ls_number_reflns_obs                     22802 
_refine.ls_number_reflns_all                     22802 
_refine.pdbx_ls_sigma_I                          0 
_refine.pdbx_ls_sigma_F                          0 
_refine.pdbx_data_cutoff_high_absF               ? 
_refine.pdbx_data_cutoff_low_absF                ? 
_refine.ls_d_res_low                             20 
_refine.ls_d_res_high                            1.05 
_refine.ls_percent_reflns_obs                    ? 
_refine.ls_R_factor_obs                          0.154 
_refine.ls_R_factor_all                          ? 
_refine.ls_R_factor_R_work                       0.154 
_refine.ls_R_factor_R_free                       0.17 
_refine.ls_R_factor_R_free_error                 ? 
_refine.ls_R_factor_R_free_error_details         ? 
_refine.ls_percent_reflns_R_free                 ? 
_refine.ls_number_reflns_R_free                  ? 
_refine.ls_number_parameters                     ? 
_refine.ls_number_restraints                     ? 
_refine.occupancy_min                            ? 
_refine.occupancy_max                            ? 
_refine.B_iso_mean                               ? 
_refine.aniso_B[1][1]                            ? 
_refine.aniso_B[2][2]                            ? 
_refine.aniso_B[3][3]                            ? 
_refine.aniso_B[1][2]                            ? 
_refine.aniso_B[1][3]                            ? 
_refine.aniso_B[2][3]                            ? 
_refine.solvent_model_details                    ? 
_refine.solvent_model_param_ksol                 ? 
_refine.solvent_model_param_bsol                 ? 
_refine.pdbx_ls_cross_valid_method               THROUGHOUT 
_refine.details                                  ? 
_refine.pdbx_starting_model                      ? 
_refine.pdbx_method_to_determine_struct          ? 
_refine.pdbx_isotropic_thermal_model             ? 
_refine.pdbx_stereochemistry_target_values       ? 
_refine.pdbx_stereochem_target_val_spec_case     ? 
_refine.pdbx_R_Free_selection_details            random 
_refine.pdbx_overall_ESU_R_Free                  ? 
_refine.overall_SU_B                             ? 
_refine.ls_redundancy_reflns_obs                 ? 
_refine.overall_SU_ML                            ? 
_refine.pdbx_overall_ESU_R                       ? 
_refine.pdbx_data_cutoff_high_rms_absF           ? 
_refine.correlation_coeff_Fo_to_Fc               ? 
_refine.correlation_coeff_Fo_to_Fc_free          ? 
_refine.overall_SU_R_Cruickshank_DPI             ? 
_refine.overall_SU_R_free                        ? 
_refine.pdbx_refine_id                           'X-RAY DIFFRACTION' 
_refine.pdbx_diffrn_id                           1 
_refine.pdbx_TLS_residual_ADP_flag               ? 
_refine.pdbx_solvent_vdw_probe_radii             ? 
_refine.pdbx_solvent_ion_probe_radii             ? 
_refine.pdbx_solvent_shrinkage_radii             ? 
_refine.pdbx_overall_phase_error                 ? 
_refine.pdbx_overall_SU_R_free_Cruickshank_DPI   ? 
_refine.pdbx_overall_SU_R_Blow_DPI               ? 
_refine.pdbx_overall_SU_R_free_Blow_DPI          ? 
# 
_refine_hist.pdbx_refine_id                   'X-RAY DIFFRACTION' 
_refine_hist.cycle_id                         LAST 
_refine_hist.pdbx_number_atoms_protein        0 
_refine_hist.pdbx_number_atoms_nucleic_acid   412 
_refine_hist.pdbx_number_atoms_ligand         3 
_refine_hist.number_atoms_solvent             250 
_refine_hist.number_atoms_total               665 
_refine_hist.d_res_high                       1.05 
_refine_hist.d_res_low                        20 
# 
_struct.entry_id                  1I0M 
_struct.title                     
;1.05 A STRUCTURE OF THE A-DECAMER GCGTATACGC WITH A SINGLE 2'-O-FLUOROETHYL THYMINE IN PLACE OF T6, HIGH RB-SALT
;
_struct.pdbx_model_details        ? 
_struct.pdbx_CASP_flag            ? 
_struct.pdbx_model_type_details   ? 
# 
_struct_keywords.entry_id        1I0M 
_struct_keywords.pdbx_keywords   DNA 
_struct_keywords.text            'A-form double helix, modified sugar, DNA' 
# 
loop_
_struct_asym.id 
_struct_asym.pdbx_blank_PDB_chainid_flag 
_struct_asym.pdbx_modified 
_struct_asym.entity_id 
_struct_asym.details 
A N N 1 ? 
B N N 1 ? 
C N N 2 ? 
D N N 2 ? 
E N N 2 ? 
F N N 3 ? 
G N N 3 ? 
# 
_struct_ref.id                         1 
_struct_ref.entity_id                  1 
_struct_ref.db_name                    PDB 
_struct_ref.db_code                    1I0M 
_struct_ref.pdbx_db_accession          1I0M 
_struct_ref.pdbx_db_isoform            ? 
_struct_ref.pdbx_seq_one_letter_code   ? 
_struct_ref.pdbx_align_begin           ? 
# 
loop_
_struct_ref_seq.align_id 
_struct_ref_seq.ref_id 
_struct_ref_seq.pdbx_PDB_id_code 
_struct_ref_seq.pdbx_strand_id 
_struct_ref_seq.seq_align_beg 
_struct_ref_seq.pdbx_seq_align_beg_ins_code 
_struct_ref_seq.seq_align_end 
_struct_ref_seq.pdbx_seq_align_end_ins_code 
_struct_ref_seq.pdbx_db_accession 
_struct_ref_seq.db_align_beg 
_struct_ref_seq.pdbx_db_align_beg_ins_code 
_struct_ref_seq.db_align_end 
_struct_ref_seq.pdbx_db_align_end_ins_code 
_struct_ref_seq.pdbx_auth_seq_align_beg 
_struct_ref_seq.pdbx_auth_seq_align_end 
1 1 1I0M A 1 ? 10 ? 1I0M 1  ? 10 ? 1  10 
2 1 1I0M B 1 ? 10 ? 1I0M 11 ? 20 ? 11 20 
# 
_pdbx_struct_assembly.id                   1 
_pdbx_struct_assembly.details              author_defined_assembly 
_pdbx_struct_assembly.method_details       ? 
_pdbx_struct_assembly.oligomeric_details   dimeric 
_pdbx_struct_assembly.oligomeric_count     2 
# 
_pdbx_struct_assembly_gen.assembly_id       1 
_pdbx_struct_assembly_gen.oper_expression   1 
_pdbx_struct_assembly_gen.asym_id_list      A,B,C,D,E,F,G 
# 
_pdbx_struct_oper_list.id                   1 
_pdbx_struct_oper_list.type                 'identity operation' 
_pdbx_struct_oper_list.name                 1_555 
_pdbx_struct_oper_list.symmetry_operation   x,y,z 
_pdbx_struct_oper_list.matrix[1][1]         1.0000000000 
_pdbx_struct_oper_list.matrix[1][2]         0.0000000000 
_pdbx_struct_oper_list.matrix[1][3]         0.0000000000 
_pdbx_struct_oper_list.vector[1]            0.0000000000 
_pdbx_struct_oper_list.matrix[2][1]         0.0000000000 
_pdbx_struct_oper_list.matrix[2][2]         1.0000000000 
_pdbx_struct_oper_list.matrix[2][3]         0.0000000000 
_pdbx_struct_oper_list.vector[2]            0.0000000000 
_pdbx_struct_oper_list.matrix[3][1]         0.0000000000 
_pdbx_struct_oper_list.matrix[3][2]         0.0000000000 
_pdbx_struct_oper_list.matrix[3][3]         1.0000000000 
_pdbx_struct_oper_list.vector[3]            0.0000000000 
# 
_struct_biol.id                    1 
_struct_biol.pdbx_parent_biol_id   ? 
_struct_biol.details               ? 
# 
loop_
_struct_conn.id 
_struct_conn.conn_type_id 
_struct_conn.pdbx_leaving_atom_flag 
_struct_conn.pdbx_PDB_id 
_struct_conn.ptnr1_label_asym_id 
_struct_conn.ptnr1_label_comp_id 
_struct_conn.ptnr1_label_seq_id 
_struct_conn.ptnr1_label_atom_id 
_struct_conn.pdbx_ptnr1_label_alt_id 
_struct_conn.pdbx_ptnr1_PDB_ins_code 
_struct_conn.pdbx_ptnr1_standard_comp_id 
_struct_conn.ptnr1_symmetry 
_struct_conn.ptnr2_label_asym_id 
_struct_conn.ptnr2_label_comp_id 
_struct_conn.ptnr2_label_seq_id 
_struct_conn.ptnr2_label_atom_id 
_struct_conn.pdbx_ptnr2_label_alt_id 
_struct_conn.pdbx_ptnr2_PDB_ins_code 
_struct_conn.ptnr1_auth_asym_id 
_struct_conn.ptnr1_auth_comp_id 
_struct_conn.ptnr1_auth_seq_id 
_struct_conn.ptnr2_auth_asym_id 
_struct_conn.ptnr2_auth_comp_id 
_struct_conn.ptnr2_auth_seq_id 
_struct_conn.ptnr2_symmetry 
_struct_conn.pdbx_ptnr3_label_atom_id 
_struct_conn.pdbx_ptnr3_label_seq_id 
_struct_conn.pdbx_ptnr3_label_comp_id 
_struct_conn.pdbx_ptnr3_label_asym_id 
_struct_conn.pdbx_ptnr3_label_alt_id 
_struct_conn.pdbx_ptnr3_PDB_ins_code 
_struct_conn.details 
_struct_conn.pdbx_dist_value 
_struct_conn.pdbx_value_order 
_struct_conn.pdbx_role 
covale1  covale both ? A DA  5  "O3'" ? ? ? 1_555 A 125 6  P     ? ? A DA  5  A 125 6   1_555 ? ? ? ? ? ? ?            1.604 ? ? 
covale2  covale both ? A 125 6  "O3'" ? ? ? 1_555 A DA  7  P     ? ? A 125 6  A DA  7   1_555 ? ? ? ? ? ? ?            1.601 ? ? 
covale3  covale both ? B DA  5  "O3'" ? ? ? 1_555 B 125 6  P     ? ? B DA  15 B 125 16  1_555 ? ? ? ? ? ? ?            1.602 ? ? 
covale4  covale both ? B 125 6  "O3'" ? ? ? 1_555 B DA  7  P     ? ? B 125 16 B DA  17  1_555 ? ? ? ? ? ? ?            1.607 ? ? 
metalc1  metalc ?    ? A DG  3  O6    ? ? ? 1_555 D RB  .  RB    ? ? A DG  3  A RB  22  1_555 ? ? ? ? ? ? ?            3.274 ? ? 
metalc2  metalc ?    ? A DG  3  N7    ? ? ? 1_555 D RB  .  RB    ? ? A DG  3  A RB  22  1_555 ? ? ? ? ? ? ?            3.378 ? ? 
metalc3  metalc ?    ? A DT  4  O4    ? ? ? 1_555 D RB  .  RB    ? ? A DT  4  A RB  22  1_555 ? ? ? ? ? ? ?            2.980 ? ? 
metalc4  metalc ?    ? A DG  9  "O3'" ? ? ? 1_555 C RB  .  RB    ? ? A DG  9  A RB  21  1_555 ? ? ? ? ? ? ?            3.044 ? ? 
metalc5  metalc ?    ? A DC  10 OP1   ? ? ? 1_555 C RB  .  RB    ? ? A DC  10 A RB  21  1_555 ? ? ? ? ? ? ?            2.989 ? ? 
metalc6  metalc ?    ? A DC  10 OP2   ? ? ? 1_555 E RB  .  RB    ? ? A DC  10 A RB  23  1_555 ? ? ? ? ? ? ?            2.836 ? ? 
metalc7  metalc ?    ? C RB  .  RB    ? ? ? 1_555 F HOH .  O     ? ? A RB  21 A HOH 145 2_555 ? ? ? ? ? ? ?            3.013 ? ? 
metalc8  metalc ?    ? C RB  .  RB    ? ? ? 1_555 B DT  4  "O3'" ? ? A RB  21 B DT  14  4_556 ? ? ? ? ? ? ?            3.045 ? ? 
metalc9  metalc ?    ? C RB  .  RB    ? ? ? 1_555 B DA  5  OP1   ? ? A RB  21 B DA  15  4_556 ? ? ? ? ? ? ?            3.199 ? ? 
metalc10 metalc ?    ? C RB  .  RB    ? ? ? 1_555 B DC  10 OP1   ? ? A RB  21 B DC  20  3_555 ? ? ? ? ? ? ?            3.443 ? ? 
metalc11 metalc ?    ? C RB  .  RB    ? ? ? 1_555 B DC  10 OP2   ? ? A RB  21 B DC  20  3_555 ? ? ? ? ? ? ?            3.219 ? ? 
metalc12 metalc ?    ? C RB  .  RB    ? ? ? 1_555 G HOH .  O     ? ? A RB  21 B HOH 130 3_555 ? ? ? ? ? ? ?            3.161 ? ? 
metalc13 metalc ?    ? C RB  .  RB    ? ? ? 1_555 G HOH .  O     ? ? A RB  21 B HOH 140 3_555 ? ? ? ? ? ? ?            2.830 ? ? 
metalc14 metalc ?    ? C RB  .  RB    ? ? ? 1_555 G HOH .  O     ? ? A RB  21 B HOH 182 4_556 ? ? ? ? ? ? ?            2.958 ? ? 
metalc15 metalc ?    ? C RB  .  RB    ? ? ? 1_555 G HOH .  O     ? ? A RB  21 B HOH 250 3_555 ? ? ? ? ? ? ?            2.376 ? ? 
metalc16 metalc ?    ? D RB  .  RB    ? ? ? 1_555 F HOH .  O     ? ? A RB  22 A HOH 136 1_555 ? ? ? ? ? ? ?            2.976 ? ? 
metalc17 metalc ?    ? D RB  .  RB    ? ? ? 1_555 F HOH .  O     ? ? A RB  22 A HOH 164 1_555 ? ? ? ? ? ? ?            3.568 ? ? 
metalc18 metalc ?    ? D RB  .  RB    ? ? ? 1_555 F HOH .  O     ? ? A RB  22 A HOH 208 1_555 ? ? ? ? ? ? ?            3.257 ? ? 
metalc19 metalc ?    ? D RB  .  RB    ? ? ? 1_555 F HOH .  O     ? ? A RB  22 A HOH 305 1_555 ? ? ? ? ? ? ?            3.891 ? ? 
metalc20 metalc ?    ? D RB  .  RB    ? ? ? 1_555 G HOH .  O     ? ? A RB  22 B HOH 219 1_555 ? ? ? ? ? ? ?            3.667 ? ? 
metalc21 metalc ?    ? D RB  .  RB    ? ? ? 1_555 G HOH .  O     ? ? A RB  22 B HOH 282 1_555 ? ? ? ? ? ? ?            3.729 ? ? 
metalc22 metalc ?    ? D RB  .  RB    ? ? ? 1_555 G HOH .  O     ? ? A RB  22 B HOH 308 1_555 ? ? ? ? ? ? ?            3.294 ? ? 
metalc23 metalc ?    ? E RB  .  RB    ? ? ? 1_555 F HOH .  O     ? ? A RB  23 A HOH 175 1_555 ? ? ? ? ? ? ?            2.495 ? ? 
metalc24 metalc ?    ? E RB  .  RB    ? ? ? 1_555 F HOH .  O     ? ? A RB  23 A HOH 185 1_555 ? ? ? ? ? ? ?            1.711 ? ? 
metalc25 metalc ?    ? E RB  .  RB    ? ? ? 1_555 F HOH .  O     ? ? A RB  23 A HOH 195 1_555 ? ? ? ? ? ? ?            2.706 ? ? 
metalc26 metalc ?    ? E RB  .  RB    ? ? ? 1_555 F HOH .  O     ? ? A RB  23 A HOH 210 3_655 ? ? ? ? ? ? ?            3.878 ? ? 
metalc27 metalc ?    ? E RB  .  RB    ? ? ? 1_555 F HOH .  O     ? ? A RB  23 A HOH 229 3_655 ? ? ? ? ? ? ?            3.113 ? ? 
metalc28 metalc ?    ? E RB  .  RB    ? ? ? 1_555 B DT  4  "O4'" ? ? A RB  23 B DT  14  4_556 ? ? ? ? ? ? ?            3.179 ? ? 
metalc29 metalc ?    ? E RB  .  RB    ? ? ? 1_555 B DC  10 "O3'" ? ? A RB  23 B DC  20  2_555 ? ? ? ? ? ? ?            3.404 ? ? 
metalc30 metalc ?    ? E RB  .  RB    ? ? ? 1_555 G HOH .  O     ? ? A RB  23 B HOH 127 4_556 ? ? ? ? ? ? ?            3.062 ? ? 
metalc31 metalc ?    ? E RB  .  RB    ? ? ? 1_555 G HOH .  O     ? ? A RB  23 B HOH 161 2_555 ? ? ? ? ? ? ?            3.677 ? ? 
hydrog1  hydrog ?    ? A DG  1  N1    ? ? ? 1_555 B DC  10 N3    ? ? A DG  1  B DC  20  1_555 ? ? ? ? ? ? WATSON-CRICK ?     ? ? 
hydrog2  hydrog ?    ? A DG  1  N2    ? ? ? 1_555 B DC  10 O2    ? ? A DG  1  B DC  20  1_555 ? ? ? ? ? ? WATSON-CRICK ?     ? ? 
hydrog3  hydrog ?    ? A DG  1  O6    ? ? ? 1_555 B DC  10 N4    ? ? A DG  1  B DC  20  1_555 ? ? ? ? ? ? WATSON-CRICK ?     ? ? 
hydrog4  hydrog ?    ? A DC  2  N3    ? ? ? 1_555 B DG  9  N1    ? ? A DC  2  B DG  19  1_555 ? ? ? ? ? ? WATSON-CRICK ?     ? ? 
hydrog5  hydrog ?    ? A DC  2  N4    ? ? ? 1_555 B DG  9  O6    ? ? A DC  2  B DG  19  1_555 ? ? ? ? ? ? WATSON-CRICK ?     ? ? 
hydrog6  hydrog ?    ? A DC  2  O2    ? ? ? 1_555 B DG  9  N2    ? ? A DC  2  B DG  19  1_555 ? ? ? ? ? ? WATSON-CRICK ?     ? ? 
hydrog7  hydrog ?    ? A DG  3  N1    ? ? ? 1_555 B DC  8  N3    ? ? A DG  3  B DC  18  1_555 ? ? ? ? ? ? WATSON-CRICK ?     ? ? 
hydrog8  hydrog ?    ? A DG  3  N2    ? ? ? 1_555 B DC  8  O2    ? ? A DG  3  B DC  18  1_555 ? ? ? ? ? ? WATSON-CRICK ?     ? ? 
hydrog9  hydrog ?    ? A DG  3  O6    ? ? ? 1_555 B DC  8  N4    ? ? A DG  3  B DC  18  1_555 ? ? ? ? ? ? WATSON-CRICK ?     ? ? 
hydrog10 hydrog ?    ? A DT  4  N3    ? ? ? 1_555 B DA  7  N1    ? ? A DT  4  B DA  17  1_555 ? ? ? ? ? ? WATSON-CRICK ?     ? ? 
hydrog11 hydrog ?    ? A DT  4  O4    ? ? ? 1_555 B DA  7  N6    ? ? A DT  4  B DA  17  1_555 ? ? ? ? ? ? WATSON-CRICK ?     ? ? 
hydrog12 hydrog ?    ? A DA  5  N1    ? ? ? 1_555 B 125 6  N3    ? ? A DA  5  B 125 16  1_555 ? ? ? ? ? ? WATSON-CRICK ?     ? ? 
hydrog13 hydrog ?    ? A DA  5  N6    ? ? ? 1_555 B 125 6  O4    ? ? A DA  5  B 125 16  1_555 ? ? ? ? ? ? WATSON-CRICK ?     ? ? 
hydrog14 hydrog ?    ? A 125 6  N3    ? ? ? 1_555 B DA  5  N1    ? ? A 125 6  B DA  15  1_555 ? ? ? ? ? ? WATSON-CRICK ?     ? ? 
hydrog15 hydrog ?    ? A 125 6  O4    ? ? ? 1_555 B DA  5  N6    ? ? A 125 6  B DA  15  1_555 ? ? ? ? ? ? WATSON-CRICK ?     ? ? 
hydrog16 hydrog ?    ? A DA  7  N1    ? ? ? 1_555 B DT  4  N3    ? ? A DA  7  B DT  14  1_555 ? ? ? ? ? ? WATSON-CRICK ?     ? ? 
hydrog17 hydrog ?    ? A DA  7  N6    ? ? ? 1_555 B DT  4  O4    ? ? A DA  7  B DT  14  1_555 ? ? ? ? ? ? WATSON-CRICK ?     ? ? 
hydrog18 hydrog ?    ? A DC  8  N3    ? ? ? 1_555 B DG  3  N1    ? ? A DC  8  B DG  13  1_555 ? ? ? ? ? ? WATSON-CRICK ?     ? ? 
hydrog19 hydrog ?    ? A DC  8  N4    ? ? ? 1_555 B DG  3  O6    ? ? A DC  8  B DG  13  1_555 ? ? ? ? ? ? WATSON-CRICK ?     ? ? 
hydrog20 hydrog ?    ? A DC  8  O2    ? ? ? 1_555 B DG  3  N2    ? ? A DC  8  B DG  13  1_555 ? ? ? ? ? ? WATSON-CRICK ?     ? ? 
hydrog21 hydrog ?    ? A DG  9  N1    ? ? ? 1_555 B DC  2  N3    ? ? A DG  9  B DC  12  1_555 ? ? ? ? ? ? WATSON-CRICK ?     ? ? 
hydrog22 hydrog ?    ? A DG  9  N2    ? ? ? 1_555 B DC  2  O2    ? ? A DG  9  B DC  12  1_555 ? ? ? ? ? ? WATSON-CRICK ?     ? ? 
hydrog23 hydrog ?    ? A DG  9  O6    ? ? ? 1_555 B DC  2  N4    ? ? A DG  9  B DC  12  1_555 ? ? ? ? ? ? WATSON-CRICK ?     ? ? 
hydrog24 hydrog ?    ? A DC  10 N3    ? ? ? 1_555 B DG  1  N1    ? ? A DC  10 B DG  11  1_555 ? ? ? ? ? ? WATSON-CRICK ?     ? ? 
hydrog25 hydrog ?    ? A DC  10 N4    ? ? ? 1_555 B DG  1  O6    ? ? A DC  10 B DG  11  1_555 ? ? ? ? ? ? WATSON-CRICK ?     ? ? 
hydrog26 hydrog ?    ? A DC  10 O2    ? ? ? 1_555 B DG  1  N2    ? ? A DC  10 B DG  11  1_555 ? ? ? ? ? ? WATSON-CRICK ?     ? ? 
# 
loop_
_struct_conn_type.id 
_struct_conn_type.criteria 
_struct_conn_type.reference 
covale ? ? 
metalc ? ? 
hydrog ? ? 
# 
loop_
_pdbx_struct_conn_angle.id 
_pdbx_struct_conn_angle.ptnr1_label_atom_id 
_pdbx_struct_conn_angle.ptnr1_label_alt_id 
_pdbx_struct_conn_angle.ptnr1_label_asym_id 
_pdbx_struct_conn_angle.ptnr1_label_comp_id 
_pdbx_struct_conn_angle.ptnr1_label_seq_id 
_pdbx_struct_conn_angle.ptnr1_auth_atom_id 
_pdbx_struct_conn_angle.ptnr1_auth_asym_id 
_pdbx_struct_conn_angle.ptnr1_auth_comp_id 
_pdbx_struct_conn_angle.ptnr1_auth_seq_id 
_pdbx_struct_conn_angle.ptnr1_PDB_ins_code 
_pdbx_struct_conn_angle.ptnr1_symmetry 
_pdbx_struct_conn_angle.ptnr2_label_atom_id 
_pdbx_struct_conn_angle.ptnr2_label_alt_id 
_pdbx_struct_conn_angle.ptnr2_label_asym_id 
_pdbx_struct_conn_angle.ptnr2_label_comp_id 
_pdbx_struct_conn_angle.ptnr2_label_seq_id 
_pdbx_struct_conn_angle.ptnr2_auth_atom_id 
_pdbx_struct_conn_angle.ptnr2_auth_asym_id 
_pdbx_struct_conn_angle.ptnr2_auth_comp_id 
_pdbx_struct_conn_angle.ptnr2_auth_seq_id 
_pdbx_struct_conn_angle.ptnr2_PDB_ins_code 
_pdbx_struct_conn_angle.ptnr2_symmetry 
_pdbx_struct_conn_angle.ptnr3_label_atom_id 
_pdbx_struct_conn_angle.ptnr3_label_alt_id 
_pdbx_struct_conn_angle.ptnr3_label_asym_id 
_pdbx_struct_conn_angle.ptnr3_label_comp_id 
_pdbx_struct_conn_angle.ptnr3_label_seq_id 
_pdbx_struct_conn_angle.ptnr3_auth_atom_id 
_pdbx_struct_conn_angle.ptnr3_auth_asym_id 
_pdbx_struct_conn_angle.ptnr3_auth_comp_id 
_pdbx_struct_conn_angle.ptnr3_auth_seq_id 
_pdbx_struct_conn_angle.ptnr3_PDB_ins_code 
_pdbx_struct_conn_angle.ptnr3_symmetry 
_pdbx_struct_conn_angle.value 
_pdbx_struct_conn_angle.value_esd 
1   O6    ? A DG  3  ? A DG  3   ? 1_555 RB ? D RB . ? A RB 22 ? 1_555 N7    ? A DG  3  ? A DG  3   ? 1_555 55.6  ? 
2   O6    ? A DG  3  ? A DG  3   ? 1_555 RB ? D RB . ? A RB 22 ? 1_555 O4    ? A DT  4  ? A DT  4   ? 1_555 64.5  ? 
3   N7    ? A DG  3  ? A DG  3   ? 1_555 RB ? D RB . ? A RB 22 ? 1_555 O4    ? A DT  4  ? A DT  4   ? 1_555 86.4  ? 
4   O6    ? A DG  3  ? A DG  3   ? 1_555 RB ? D RB . ? A RB 22 ? 1_555 O     ? F HOH .  ? A HOH 136 ? 1_555 79.4  ? 
5   N7    ? A DG  3  ? A DG  3   ? 1_555 RB ? D RB . ? A RB 22 ? 1_555 O     ? F HOH .  ? A HOH 136 ? 1_555 53.4  ? 
6   O4    ? A DT  4  ? A DT  4   ? 1_555 RB ? D RB . ? A RB 22 ? 1_555 O     ? F HOH .  ? A HOH 136 ? 1_555 137.3 ? 
7   O6    ? A DG  3  ? A DG  3   ? 1_555 RB ? D RB . ? A RB 22 ? 1_555 O     ? F HOH .  ? A HOH 164 ? 1_555 119.3 ? 
8   N7    ? A DG  3  ? A DG  3   ? 1_555 RB ? D RB . ? A RB 22 ? 1_555 O     ? F HOH .  ? A HOH 164 ? 1_555 64.9  ? 
9   O4    ? A DT  4  ? A DT  4   ? 1_555 RB ? D RB . ? A RB 22 ? 1_555 O     ? F HOH .  ? A HOH 164 ? 1_555 102.8 ? 
10  O     ? F HOH .  ? A HOH 136 ? 1_555 RB ? D RB . ? A RB 22 ? 1_555 O     ? F HOH .  ? A HOH 164 ? 1_555 74.9  ? 
11  O6    ? A DG  3  ? A DG  3   ? 1_555 RB ? D RB . ? A RB 22 ? 1_555 O     ? F HOH .  ? A HOH 208 ? 1_555 130.1 ? 
12  N7    ? A DG  3  ? A DG  3   ? 1_555 RB ? D RB . ? A RB 22 ? 1_555 O     ? F HOH .  ? A HOH 208 ? 1_555 124.4 ? 
13  O4    ? A DT  4  ? A DT  4   ? 1_555 RB ? D RB . ? A RB 22 ? 1_555 O     ? F HOH .  ? A HOH 208 ? 1_555 65.7  ? 
14  O     ? F HOH .  ? A HOH 136 ? 1_555 RB ? D RB . ? A RB 22 ? 1_555 O     ? F HOH .  ? A HOH 208 ? 1_555 146.1 ? 
15  O     ? F HOH .  ? A HOH 164 ? 1_555 RB ? D RB . ? A RB 22 ? 1_555 O     ? F HOH .  ? A HOH 208 ? 1_555 75.4  ? 
16  O6    ? A DG  3  ? A DG  3   ? 1_555 RB ? D RB . ? A RB 22 ? 1_555 O     ? F HOH .  ? A HOH 305 ? 1_555 111.0 ? 
17  N7    ? A DG  3  ? A DG  3   ? 1_555 RB ? D RB . ? A RB 22 ? 1_555 O     ? F HOH .  ? A HOH 305 ? 1_555 97.9  ? 
18  O4    ? A DT  4  ? A DT  4   ? 1_555 RB ? D RB . ? A RB 22 ? 1_555 O     ? F HOH .  ? A HOH 305 ? 1_555 49.9  ? 
19  O     ? F HOH .  ? A HOH 136 ? 1_555 RB ? D RB . ? A RB 22 ? 1_555 O     ? F HOH .  ? A HOH 305 ? 1_555 138.2 ? 
20  O     ? F HOH .  ? A HOH 164 ? 1_555 RB ? D RB . ? A RB 22 ? 1_555 O     ? F HOH .  ? A HOH 305 ? 1_555 64.7  ? 
21  O     ? F HOH .  ? A HOH 208 ? 1_555 RB ? D RB . ? A RB 22 ? 1_555 O     ? F HOH .  ? A HOH 305 ? 1_555 27.6  ? 
22  O6    ? A DG  3  ? A DG  3   ? 1_555 RB ? D RB . ? A RB 22 ? 1_555 O     ? G HOH .  ? B HOH 219 ? 1_555 63.9  ? 
23  N7    ? A DG  3  ? A DG  3   ? 1_555 RB ? D RB . ? A RB 22 ? 1_555 O     ? G HOH .  ? B HOH 219 ? 1_555 114.3 ? 
24  O4    ? A DT  4  ? A DT  4   ? 1_555 RB ? D RB . ? A RB 22 ? 1_555 O     ? G HOH .  ? B HOH 219 ? 1_555 89.7  ? 
25  O     ? F HOH .  ? A HOH 136 ? 1_555 RB ? D RB . ? A RB 22 ? 1_555 O     ? G HOH .  ? B HOH 219 ? 1_555 94.5  ? 
26  O     ? F HOH .  ? A HOH 164 ? 1_555 RB ? D RB . ? A RB 22 ? 1_555 O     ? G HOH .  ? B HOH 219 ? 1_555 167.3 ? 
27  O     ? F HOH .  ? A HOH 208 ? 1_555 RB ? D RB . ? A RB 22 ? 1_555 O     ? G HOH .  ? B HOH 219 ? 1_555 112.5 ? 
28  O     ? F HOH .  ? A HOH 305 ? 1_555 RB ? D RB . ? A RB 22 ? 1_555 O     ? G HOH .  ? B HOH 219 ? 1_555 126.9 ? 
29  O6    ? A DG  3  ? A DG  3   ? 1_555 RB ? D RB . ? A RB 22 ? 1_555 O     ? G HOH .  ? B HOH 282 ? 1_555 147.3 ? 
30  N7    ? A DG  3  ? A DG  3   ? 1_555 RB ? D RB . ? A RB 22 ? 1_555 O     ? G HOH .  ? B HOH 282 ? 1_555 145.5 ? 
31  O4    ? A DT  4  ? A DT  4   ? 1_555 RB ? D RB . ? A RB 22 ? 1_555 O     ? G HOH .  ? B HOH 282 ? 1_555 124.5 ? 
32  O     ? F HOH .  ? A HOH 136 ? 1_555 RB ? D RB . ? A RB 22 ? 1_555 O     ? G HOH .  ? B HOH 282 ? 1_555 98.2  ? 
33  O     ? F HOH .  ? A HOH 164 ? 1_555 RB ? D RB . ? A RB 22 ? 1_555 O     ? G HOH .  ? B HOH 282 ? 1_555 90.8  ? 
34  O     ? F HOH .  ? A HOH 208 ? 1_555 RB ? D RB . ? A RB 22 ? 1_555 O     ? G HOH .  ? B HOH 282 ? 1_555 66.4  ? 
35  O     ? F HOH .  ? A HOH 305 ? 1_555 RB ? D RB . ? A RB 22 ? 1_555 O     ? G HOH .  ? B HOH 282 ? 1_555 92.7  ? 
36  O     ? G HOH .  ? B HOH 219 ? 1_555 RB ? D RB . ? A RB 22 ? 1_555 O     ? G HOH .  ? B HOH 282 ? 1_555 83.9  ? 
37  O6    ? A DG  3  ? A DG  3   ? 1_555 RB ? D RB . ? A RB 22 ? 1_555 O     ? G HOH .  ? B HOH 308 ? 1_555 92.3  ? 
38  N7    ? A DG  3  ? A DG  3   ? 1_555 RB ? D RB . ? A RB 22 ? 1_555 O     ? G HOH .  ? B HOH 308 ? 1_555 135.6 ? 
39  O4    ? A DT  4  ? A DT  4   ? 1_555 RB ? D RB . ? A RB 22 ? 1_555 O     ? G HOH .  ? B HOH 308 ? 1_555 108.0 ? 
40  O     ? F HOH .  ? A HOH 136 ? 1_555 RB ? D RB . ? A RB 22 ? 1_555 O     ? G HOH .  ? B HOH 308 ? 1_555 94.9  ? 
41  O     ? F HOH .  ? A HOH 164 ? 1_555 RB ? D RB . ? A RB 22 ? 1_555 O     ? G HOH .  ? B HOH 308 ? 1_555 143.3 ? 
42  O     ? F HOH .  ? A HOH 208 ? 1_555 RB ? D RB . ? A RB 22 ? 1_555 O     ? G HOH .  ? B HOH 308 ? 1_555 99.3  ? 
43  O     ? F HOH .  ? A HOH 305 ? 1_555 RB ? D RB . ? A RB 22 ? 1_555 O     ? G HOH .  ? B HOH 308 ? 1_555 123.8 ? 
44  O     ? G HOH .  ? B HOH 219 ? 1_555 RB ? D RB . ? A RB 22 ? 1_555 O     ? G HOH .  ? B HOH 308 ? 1_555 28.9  ? 
45  O     ? G HOH .  ? B HOH 282 ? 1_555 RB ? D RB . ? A RB 22 ? 1_555 O     ? G HOH .  ? B HOH 308 ? 1_555 55.2  ? 
46  "O3'" ? A DG  9  ? A DG  9   ? 1_555 RB ? C RB . ? A RB 21 ? 1_555 OP1   ? A DC  10 ? A DC  10  ? 1_555 48.8  ? 
47  "O3'" ? A DG  9  ? A DG  9   ? 1_555 RB ? C RB . ? A RB 21 ? 1_555 O     ? F HOH .  ? A HOH 145 ? 2_555 98.9  ? 
48  OP1   ? A DC  10 ? A DC  10  ? 1_555 RB ? C RB . ? A RB 21 ? 1_555 O     ? F HOH .  ? A HOH 145 ? 2_555 88.0  ? 
49  "O3'" ? A DG  9  ? A DG  9   ? 1_555 RB ? C RB . ? A RB 21 ? 1_555 "O3'" ? B DT  4  ? B DT  14  ? 4_556 115.2 ? 
50  OP1   ? A DC  10 ? A DC  10  ? 1_555 RB ? C RB . ? A RB 21 ? 1_555 "O3'" ? B DT  4  ? B DT  14  ? 4_556 70.0  ? 
51  O     ? F HOH .  ? A HOH 145 ? 2_555 RB ? C RB . ? A RB 21 ? 1_555 "O3'" ? B DT  4  ? B DT  14  ? 4_556 98.2  ? 
52  "O3'" ? A DG  9  ? A DG  9   ? 1_555 RB ? C RB . ? A RB 21 ? 1_555 OP1   ? B DA  5  ? B DA  15  ? 4_556 157.4 ? 
53  OP1   ? A DC  10 ? A DC  10  ? 1_555 RB ? C RB . ? A RB 21 ? 1_555 OP1   ? B DA  5  ? B DA  15  ? 4_556 108.8 ? 
54  O     ? F HOH .  ? A HOH 145 ? 2_555 RB ? C RB . ? A RB 21 ? 1_555 OP1   ? B DA  5  ? B DA  15  ? 4_556 74.1  ? 
55  "O3'" ? B DT  4  ? B DT  14  ? 4_556 RB ? C RB . ? A RB 21 ? 1_555 OP1   ? B DA  5  ? B DA  15  ? 4_556 47.0  ? 
56  "O3'" ? A DG  9  ? A DG  9   ? 1_555 RB ? C RB . ? A RB 21 ? 1_555 OP1   ? B DC  10 ? B DC  20  ? 3_555 94.9  ? 
57  OP1   ? A DC  10 ? A DC  10  ? 1_555 RB ? C RB . ? A RB 21 ? 1_555 OP1   ? B DC  10 ? B DC  20  ? 3_555 135.4 ? 
58  O     ? F HOH .  ? A HOH 145 ? 2_555 RB ? C RB . ? A RB 21 ? 1_555 OP1   ? B DC  10 ? B DC  20  ? 3_555 71.0  ? 
59  "O3'" ? B DT  4  ? B DT  14  ? 4_556 RB ? C RB . ? A RB 21 ? 1_555 OP1   ? B DC  10 ? B DC  20  ? 3_555 149.5 ? 
60  OP1   ? B DA  5  ? B DA  15  ? 4_556 RB ? C RB . ? A RB 21 ? 1_555 OP1   ? B DC  10 ? B DC  20  ? 3_555 102.7 ? 
61  "O3'" ? A DG  9  ? A DG  9   ? 1_555 RB ? C RB . ? A RB 21 ? 1_555 OP2   ? B DC  10 ? B DC  20  ? 3_555 84.1  ? 
62  OP1   ? A DC  10 ? A DC  10  ? 1_555 RB ? C RB . ? A RB 21 ? 1_555 OP2   ? B DC  10 ? B DC  20  ? 3_555 131.1 ? 
63  O     ? F HOH .  ? A HOH 145 ? 2_555 RB ? C RB . ? A RB 21 ? 1_555 OP2   ? B DC  10 ? B DC  20  ? 3_555 115.8 ? 
64  "O3'" ? B DT  4  ? B DT  14  ? 4_556 RB ? C RB . ? A RB 21 ? 1_555 OP2   ? B DC  10 ? B DC  20  ? 3_555 138.2 ? 
65  OP1   ? B DA  5  ? B DA  15  ? 4_556 RB ? C RB . ? A RB 21 ? 1_555 OP2   ? B DC  10 ? B DC  20  ? 3_555 118.4 ? 
66  OP1   ? B DC  10 ? B DC  20  ? 3_555 RB ? C RB . ? A RB 21 ? 1_555 OP2   ? B DC  10 ? B DC  20  ? 3_555 45.0  ? 
67  "O3'" ? A DG  9  ? A DG  9   ? 1_555 RB ? C RB . ? A RB 21 ? 1_555 O     ? G HOH .  ? B HOH 130 ? 3_555 71.6  ? 
68  OP1   ? A DC  10 ? A DC  10  ? 1_555 RB ? C RB . ? A RB 21 ? 1_555 O     ? G HOH .  ? B HOH 130 ? 3_555 94.5  ? 
69  O     ? F HOH .  ? A HOH 145 ? 2_555 RB ? C RB . ? A RB 21 ? 1_555 O     ? G HOH .  ? B HOH 130 ? 3_555 43.4  ? 
70  "O3'" ? B DT  4  ? B DT  14  ? 4_556 RB ? C RB . ? A RB 21 ? 1_555 O     ? G HOH .  ? B HOH 130 ? 3_555 140.3 ? 
71  OP1   ? B DA  5  ? B DA  15  ? 4_556 RB ? C RB . ? A RB 21 ? 1_555 O     ? G HOH .  ? B HOH 130 ? 3_555 112.3 ? 
72  OP1   ? B DC  10 ? B DC  20  ? 3_555 RB ? C RB . ? A RB 21 ? 1_555 O     ? G HOH .  ? B HOH 130 ? 3_555 43.5  ? 
73  OP2   ? B DC  10 ? B DC  20  ? 3_555 RB ? C RB . ? A RB 21 ? 1_555 O     ? G HOH .  ? B HOH 130 ? 3_555 79.7  ? 
74  "O3'" ? A DG  9  ? A DG  9   ? 1_555 RB ? C RB . ? A RB 21 ? 1_555 O     ? G HOH .  ? B HOH 140 ? 3_555 81.5  ? 
75  OP1   ? A DC  10 ? A DC  10  ? 1_555 RB ? C RB . ? A RB 21 ? 1_555 O     ? G HOH .  ? B HOH 140 ? 3_555 92.2  ? 
76  O     ? F HOH .  ? A HOH 145 ? 2_555 RB ? C RB . ? A RB 21 ? 1_555 O     ? G HOH .  ? B HOH 140 ? 3_555 179.5 ? 
77  "O3'" ? B DT  4  ? B DT  14  ? 4_556 RB ? C RB . ? A RB 21 ? 1_555 O     ? G HOH .  ? B HOH 140 ? 3_555 81.5  ? 
78  OP1   ? B DA  5  ? B DA  15  ? 4_556 RB ? C RB . ? A RB 21 ? 1_555 O     ? G HOH .  ? B HOH 140 ? 3_555 105.5 ? 
79  OP1   ? B DC  10 ? B DC  20  ? 3_555 RB ? C RB . ? A RB 21 ? 1_555 O     ? G HOH .  ? B HOH 140 ? 3_555 109.1 ? 
80  OP2   ? B DC  10 ? B DC  20  ? 3_555 RB ? C RB . ? A RB 21 ? 1_555 O     ? G HOH .  ? B HOH 140 ? 3_555 64.3  ? 
81  O     ? G HOH .  ? B HOH 130 ? 3_555 RB ? C RB . ? A RB 21 ? 1_555 O     ? G HOH .  ? B HOH 140 ? 3_555 136.9 ? 
82  "O3'" ? A DG  9  ? A DG  9   ? 1_555 RB ? C RB . ? A RB 21 ? 1_555 O     ? G HOH .  ? B HOH 182 ? 4_556 147.3 ? 
83  OP1   ? A DC  10 ? A DC  10  ? 1_555 RB ? C RB . ? A RB 21 ? 1_555 O     ? G HOH .  ? B HOH 182 ? 4_556 146.2 ? 
84  O     ? F HOH .  ? A HOH 145 ? 2_555 RB ? C RB . ? A RB 21 ? 1_555 O     ? G HOH .  ? B HOH 182 ? 4_556 108.7 ? 
85  "O3'" ? B DT  4  ? B DT  14  ? 4_556 RB ? C RB . ? A RB 21 ? 1_555 O     ? G HOH .  ? B HOH 182 ? 4_556 78.5  ? 
86  OP1   ? B DA  5  ? B DA  15  ? 4_556 RB ? C RB . ? A RB 21 ? 1_555 O     ? G HOH .  ? B HOH 182 ? 4_556 52.3  ? 
87  OP1   ? B DC  10 ? B DC  20  ? 3_555 RB ? C RB . ? A RB 21 ? 1_555 O     ? G HOH .  ? B HOH 182 ? 4_556 78.4  ? 
88  OP2   ? B DC  10 ? B DC  20  ? 3_555 RB ? C RB . ? A RB 21 ? 1_555 O     ? G HOH .  ? B HOH 182 ? 4_556 68.4  ? 
89  O     ? G HOH .  ? B HOH 130 ? 3_555 RB ? C RB . ? A RB 21 ? 1_555 O     ? G HOH .  ? B HOH 182 ? 4_556 118.0 ? 
90  O     ? G HOH .  ? B HOH 140 ? 3_555 RB ? C RB . ? A RB 21 ? 1_555 O     ? G HOH .  ? B HOH 182 ? 4_556 70.9  ? 
91  "O3'" ? A DG  9  ? A DG  9   ? 1_555 RB ? C RB . ? A RB 21 ? 1_555 O     ? G HOH .  ? B HOH 250 ? 3_555 55.5  ? 
92  OP1   ? A DC  10 ? A DC  10  ? 1_555 RB ? C RB . ? A RB 21 ? 1_555 O     ? G HOH .  ? B HOH 250 ? 3_555 104.3 ? 
93  O     ? F HOH .  ? A HOH 145 ? 2_555 RB ? C RB . ? A RB 21 ? 1_555 O     ? G HOH .  ? B HOH 250 ? 3_555 105.4 ? 
94  "O3'" ? B DT  4  ? B DT  14  ? 4_556 RB ? C RB . ? A RB 21 ? 1_555 O     ? G HOH .  ? B HOH 250 ? 3_555 155.6 ? 
95  OP1   ? B DA  5  ? B DA  15  ? 4_556 RB ? C RB . ? A RB 21 ? 1_555 O     ? G HOH .  ? B HOH 250 ? 3_555 146.8 ? 
96  OP1   ? B DC  10 ? B DC  20  ? 3_555 RB ? C RB . ? A RB 21 ? 1_555 O     ? G HOH .  ? B HOH 250 ? 3_555 49.1  ? 
97  OP2   ? B DC  10 ? B DC  20  ? 3_555 RB ? C RB . ? A RB 21 ? 1_555 O     ? G HOH .  ? B HOH 250 ? 3_555 30.9  ? 
98  O     ? G HOH .  ? B HOH 130 ? 3_555 RB ? C RB . ? A RB 21 ? 1_555 O     ? G HOH .  ? B HOH 250 ? 3_555 62.2  ? 
99  O     ? G HOH .  ? B HOH 140 ? 3_555 RB ? C RB . ? A RB 21 ? 1_555 O     ? G HOH .  ? B HOH 250 ? 3_555 74.9  ? 
100 O     ? G HOH .  ? B HOH 182 ? 4_556 RB ? C RB . ? A RB 21 ? 1_555 O     ? G HOH .  ? B HOH 250 ? 3_555 99.3  ? 
101 OP2   ? A DC  10 ? A DC  10  ? 1_555 RB ? E RB . ? A RB 23 ? 1_555 O     ? F HOH .  ? A HOH 175 ? 1_555 74.2  ? 
102 OP2   ? A DC  10 ? A DC  10  ? 1_555 RB ? E RB . ? A RB 23 ? 1_555 O     ? F HOH .  ? A HOH 185 ? 1_555 67.2  ? 
103 O     ? F HOH .  ? A HOH 175 ? 1_555 RB ? E RB . ? A RB 23 ? 1_555 O     ? F HOH .  ? A HOH 185 ? 1_555 22.2  ? 
104 OP2   ? A DC  10 ? A DC  10  ? 1_555 RB ? E RB . ? A RB 23 ? 1_555 O     ? F HOH .  ? A HOH 195 ? 1_555 126.9 ? 
105 O     ? F HOH .  ? A HOH 175 ? 1_555 RB ? E RB . ? A RB 23 ? 1_555 O     ? F HOH .  ? A HOH 195 ? 1_555 69.3  ? 
106 O     ? F HOH .  ? A HOH 185 ? 1_555 RB ? E RB . ? A RB 23 ? 1_555 O     ? F HOH .  ? A HOH 195 ? 1_555 64.3  ? 
107 OP2   ? A DC  10 ? A DC  10  ? 1_555 RB ? E RB . ? A RB 23 ? 1_555 O     ? F HOH .  ? A HOH 210 ? 3_655 148.7 ? 
108 O     ? F HOH .  ? A HOH 175 ? 1_555 RB ? E RB . ? A RB 23 ? 1_555 O     ? F HOH .  ? A HOH 210 ? 3_655 100.2 ? 
109 O     ? F HOH .  ? A HOH 185 ? 1_555 RB ? E RB . ? A RB 23 ? 1_555 O     ? F HOH .  ? A HOH 210 ? 3_655 95.7  ? 
110 O     ? F HOH .  ? A HOH 195 ? 1_555 RB ? E RB . ? A RB 23 ? 1_555 O     ? F HOH .  ? A HOH 210 ? 3_655 31.8  ? 
111 OP2   ? A DC  10 ? A DC  10  ? 1_555 RB ? E RB . ? A RB 23 ? 1_555 O     ? F HOH .  ? A HOH 229 ? 3_655 136.8 ? 
112 O     ? F HOH .  ? A HOH 175 ? 1_555 RB ? E RB . ? A RB 23 ? 1_555 O     ? F HOH .  ? A HOH 229 ? 3_655 65.6  ? 
113 O     ? F HOH .  ? A HOH 185 ? 1_555 RB ? E RB . ? A RB 23 ? 1_555 O     ? F HOH .  ? A HOH 229 ? 3_655 69.7  ? 
114 O     ? F HOH .  ? A HOH 195 ? 1_555 RB ? E RB . ? A RB 23 ? 1_555 O     ? F HOH .  ? A HOH 229 ? 3_655 21.9  ? 
115 O     ? F HOH .  ? A HOH 210 ? 3_655 RB ? E RB . ? A RB 23 ? 1_555 O     ? F HOH .  ? A HOH 229 ? 3_655 37.9  ? 
116 OP2   ? A DC  10 ? A DC  10  ? 1_555 RB ? E RB . ? A RB 23 ? 1_555 "O4'" ? B DT  4  ? B DT  14  ? 4_556 111.3 ? 
117 O     ? F HOH .  ? A HOH 175 ? 1_555 RB ? E RB . ? A RB 23 ? 1_555 "O4'" ? B DT  4  ? B DT  14  ? 4_556 91.8  ? 
118 O     ? F HOH .  ? A HOH 185 ? 1_555 RB ? E RB . ? A RB 23 ? 1_555 "O4'" ? B DT  4  ? B DT  14  ? 4_556 114.0 ? 
119 O     ? F HOH .  ? A HOH 195 ? 1_555 RB ? E RB . ? A RB 23 ? 1_555 "O4'" ? B DT  4  ? B DT  14  ? 4_556 107.1 ? 
120 O     ? F HOH .  ? A HOH 210 ? 3_655 RB ? E RB . ? A RB 23 ? 1_555 "O4'" ? B DT  4  ? B DT  14  ? 4_556 99.5  ? 
121 O     ? F HOH .  ? A HOH 229 ? 3_655 RB ? E RB . ? A RB 23 ? 1_555 "O4'" ? B DT  4  ? B DT  14  ? 4_556 85.5  ? 
122 OP2   ? A DC  10 ? A DC  10  ? 1_555 RB ? E RB . ? A RB 23 ? 1_555 "O3'" ? B DC  10 ? B DC  20  ? 2_555 98.5  ? 
123 O     ? F HOH .  ? A HOH 175 ? 1_555 RB ? E RB . ? A RB 23 ? 1_555 "O3'" ? B DC  10 ? B DC  20  ? 2_555 171.8 ? 
124 O     ? F HOH .  ? A HOH 185 ? 1_555 RB ? E RB . ? A RB 23 ? 1_555 "O3'" ? B DC  10 ? B DC  20  ? 2_555 151.2 ? 
125 O     ? F HOH .  ? A HOH 195 ? 1_555 RB ? E RB . ? A RB 23 ? 1_555 "O3'" ? B DC  10 ? B DC  20  ? 2_555 113.8 ? 
126 O     ? F HOH .  ? A HOH 210 ? 3_655 RB ? E RB . ? A RB 23 ? 1_555 "O3'" ? B DC  10 ? B DC  20  ? 2_555 84.2  ? 
127 O     ? F HOH .  ? A HOH 229 ? 3_655 RB ? E RB . ? A RB 23 ? 1_555 "O3'" ? B DC  10 ? B DC  20  ? 2_555 120.3 ? 
128 "O4'" ? B DT  4  ? B DT  14  ? 4_556 RB ? E RB . ? A RB 23 ? 1_555 "O3'" ? B DC  10 ? B DC  20  ? 2_555 94.3  ? 
129 OP2   ? A DC  10 ? A DC  10  ? 1_555 RB ? E RB . ? A RB 23 ? 1_555 O     ? G HOH .  ? B HOH 127 ? 4_556 164.9 ? 
130 O     ? F HOH .  ? A HOH 175 ? 1_555 RB ? E RB . ? A RB 23 ? 1_555 O     ? G HOH .  ? B HOH 127 ? 4_556 120.8 ? 
131 O     ? F HOH .  ? A HOH 185 ? 1_555 RB ? E RB . ? A RB 23 ? 1_555 O     ? G HOH .  ? B HOH 127 ? 4_556 125.6 ? 
132 O     ? F HOH .  ? A HOH 195 ? 1_555 RB ? E RB . ? A RB 23 ? 1_555 O     ? G HOH .  ? B HOH 127 ? 4_556 62.6  ? 
133 O     ? F HOH .  ? A HOH 210 ? 3_655 RB ? E RB . ? A RB 23 ? 1_555 O     ? G HOH .  ? B HOH 127 ? 4_556 34.2  ? 
134 O     ? F HOH .  ? A HOH 229 ? 3_655 RB ? E RB . ? A RB 23 ? 1_555 O     ? G HOH .  ? B HOH 127 ? 4_556 56.8  ? 
135 "O4'" ? B DT  4  ? B DT  14  ? 4_556 RB ? E RB . ? A RB 23 ? 1_555 O     ? G HOH .  ? B HOH 127 ? 4_556 72.4  ? 
136 "O3'" ? B DC  10 ? B DC  20  ? 2_555 RB ? E RB . ? A RB 23 ? 1_555 O     ? G HOH .  ? B HOH 127 ? 4_556 66.4  ? 
137 OP2   ? A DC  10 ? A DC  10  ? 1_555 RB ? E RB . ? A RB 23 ? 1_555 O     ? G HOH .  ? B HOH 161 ? 2_555 104.6 ? 
138 O     ? F HOH .  ? A HOH 175 ? 1_555 RB ? E RB . ? A RB 23 ? 1_555 O     ? G HOH .  ? B HOH 161 ? 2_555 134.2 ? 
139 O     ? F HOH .  ? A HOH 185 ? 1_555 RB ? E RB . ? A RB 23 ? 1_555 O     ? G HOH .  ? B HOH 161 ? 2_555 113.8 ? 
140 O     ? F HOH .  ? A HOH 195 ? 1_555 RB ? E RB . ? A RB 23 ? 1_555 O     ? G HOH .  ? B HOH 161 ? 2_555 77.1  ? 
141 O     ? F HOH .  ? A HOH 210 ? 3_655 RB ? E RB . ? A RB 23 ? 1_555 O     ? G HOH .  ? B HOH 161 ? 2_555 56.9  ? 
142 O     ? F HOH .  ? A HOH 229 ? 3_655 RB ? E RB . ? A RB 23 ? 1_555 O     ? G HOH .  ? B HOH 161 ? 2_555 93.1  ? 
143 "O4'" ? B DT  4  ? B DT  14  ? 4_556 RB ? E RB . ? A RB 23 ? 1_555 O     ? G HOH .  ? B HOH 161 ? 2_555 128.1 ? 
144 "O3'" ? B DC  10 ? B DC  20  ? 2_555 RB ? E RB . ? A RB 23 ? 1_555 O     ? G HOH .  ? B HOH 161 ? 2_555 43.4  ? 
145 O     ? G HOH .  ? B HOH 127 ? 4_556 RB ? E RB . ? A RB 23 ? 1_555 O     ? G HOH .  ? B HOH 161 ? 2_555 64.1  ? 
# 
loop_
_struct_site.id 
_struct_site.pdbx_evidence_code 
_struct_site.pdbx_auth_asym_id 
_struct_site.pdbx_auth_comp_id 
_struct_site.pdbx_auth_seq_id 
_struct_site.pdbx_auth_ins_code 
_struct_site.pdbx_num_residues 
_struct_site.details 
AC1 Software A RB 21 ? 9 'BINDING SITE FOR RESIDUE RB A 21' 
AC2 Software A RB 22 ? 3 'BINDING SITE FOR RESIDUE RB A 22' 
AC3 Software A RB 23 ? 7 'BINDING SITE FOR RESIDUE RB A 23' 
# 
loop_
_struct_site_gen.id 
_struct_site_gen.site_id 
_struct_site_gen.pdbx_num_res 
_struct_site_gen.label_comp_id 
_struct_site_gen.label_asym_id 
_struct_site_gen.label_seq_id 
_struct_site_gen.pdbx_auth_ins_code 
_struct_site_gen.auth_comp_id 
_struct_site_gen.auth_asym_id 
_struct_site_gen.auth_seq_id 
_struct_site_gen.label_atom_id 
_struct_site_gen.label_alt_id 
_struct_site_gen.symmetry 
_struct_site_gen.details 
1  AC1 9 DG  A 9  ? DG  A 9   . ? 1_555 ? 
2  AC1 9 DC  A 10 ? DC  A 10  . ? 1_555 ? 
3  AC1 9 HOH F .  ? HOH A 145 . ? 2_555 ? 
4  AC1 9 DT  B 4  ? DT  B 14  . ? 4_556 ? 
5  AC1 9 DA  B 5  ? DA  B 15  . ? 4_556 ? 
6  AC1 9 DC  B 10 ? DC  B 20  . ? 3_555 ? 
7  AC1 9 HOH G .  ? HOH B 140 . ? 3_555 ? 
8  AC1 9 HOH G .  ? HOH B 182 . ? 4_556 ? 
9  AC1 9 HOH G .  ? HOH B 250 . ? 3_555 ? 
10 AC2 3 DG  A 3  ? DG  A 3   . ? 1_555 ? 
11 AC2 3 DT  A 4  ? DT  A 4   . ? 1_555 ? 
12 AC2 3 HOH F .  ? HOH A 136 . ? 1_555 ? 
13 AC3 7 DC  A 10 ? DC  A 10  . ? 1_555 ? 
14 AC3 7 HOH F .  ? HOH A 175 . ? 1_555 ? 
15 AC3 7 HOH F .  ? HOH A 185 . ? 1_555 ? 
16 AC3 7 HOH F .  ? HOH A 195 . ? 1_555 ? 
17 AC3 7 DT  B 4  ? DT  B 14  . ? 4_556 ? 
18 AC3 7 DC  B 10 ? DC  B 20  . ? 2_555 ? 
19 AC3 7 HOH G .  ? HOH B 127 . ? 4_556 ? 
# 
loop_
_pdbx_validate_close_contact.id 
_pdbx_validate_close_contact.PDB_model_num 
_pdbx_validate_close_contact.auth_atom_id_1 
_pdbx_validate_close_contact.auth_asym_id_1 
_pdbx_validate_close_contact.auth_comp_id_1 
_pdbx_validate_close_contact.auth_seq_id_1 
_pdbx_validate_close_contact.PDB_ins_code_1 
_pdbx_validate_close_contact.label_alt_id_1 
_pdbx_validate_close_contact.auth_atom_id_2 
_pdbx_validate_close_contact.auth_asym_id_2 
_pdbx_validate_close_contact.auth_comp_id_2 
_pdbx_validate_close_contact.auth_seq_id_2 
_pdbx_validate_close_contact.PDB_ins_code_2 
_pdbx_validate_close_contact.label_alt_id_2 
_pdbx_validate_close_contact.dist 
1   1 O     A HOH 313 ? ? O A HOH 317 ? ? 1.08 
2   1 O     A HOH 175 ? ? O A HOH 185 ? ? 1.12 
3   1 O     B HOH 231 ? ? O B HOH 299 ? ? 1.17 
4   1 O     A HOH 189 ? ? O A HOH 269 ? ? 1.19 
5   1 O     B HOH 241 ? ? O B HOH 309 ? ? 1.23 
6   1 O     A HOH 194 ? ? O A HOH 348 ? ? 1.28 
7   1 O     B HOH 290 ? ? O B HOH 309 ? ? 1.31 
8   1 O     B HOH 184 ? ? O B HOH 200 ? ? 1.32 
9   1 O     B HOH 133 ? ? O B HOH 329 ? ? 1.33 
10  1 O     B HOH 169 ? ? O B HOH 245 ? ? 1.35 
11  1 O     A HOH 236 ? ? O B HOH 177 ? ? 1.35 
12  1 O     B HOH 241 ? ? O B HOH 290 ? ? 1.36 
13  1 O     A HOH 203 ? ? O A HOH 254 ? ? 1.37 
14  1 O     B HOH 227 ? ? O B HOH 263 ? ? 1.37 
15  1 O     B HOH 178 ? ? O B HOH 277 ? ? 1.37 
16  1 O     B HOH 183 ? ? O B HOH 291 ? ? 1.38 
17  1 O     B HOH 230 ? ? O B HOH 245 ? ? 1.41 
18  1 O     A HOH 305 ? ? O A HOH 311 ? ? 1.42 
19  1 O     B HOH 259 ? ? O B HOH 299 ? ? 1.44 
20  1 O     B HOH 169 ? ? O B HOH 230 ? ? 1.45 
21  1 O     B HOH 304 ? ? O B HOH 342 ? ? 1.45 
22  1 O     B HOH 287 ? ? O B HOH 345 ? ? 1.46 
23  1 N2    A DG  9   ? ? O A HOH 320 ? ? 1.47 
24  1 O     A HOH 181 ? ? O A HOH 348 ? ? 1.51 
25  1 "O3'" B DC  12  ? ? O B HOH 217 ? ? 1.52 
26  1 O     B HOH 162 ? ? O B HOH 177 ? ? 1.53 
27  1 O     B HOH 211 ? ? O B HOH 245 ? ? 1.54 
28  1 O     B HOH 187 ? ? O B HOH 270 ? ? 1.55 
29  1 O     B HOH 191 ? ? O B HOH 278 ? ? 1.56 
30  1 "O5'" A DG  1   ? ? O A HOH 203 ? ? 1.56 
31  1 O     A HOH 108 ? ? O A HOH 252 ? ? 1.60 
32  1 O     A HOH 196 ? ? O A HOH 242 ? ? 1.60 
33  1 O     B HOH 169 ? ? O B HOH 211 ? ? 1.62 
34  1 O     B HOH 222 ? ? O B HOH 287 ? ? 1.62 
35  1 O     B HOH 296 ? ? O B HOH 326 ? ? 1.64 
36  1 O     B HOH 180 ? ? O B HOH 315 ? ? 1.64 
37  1 O     B HOH 286 ? ? O B HOH 333 ? ? 1.64 
38  1 O     B HOH 170 ? ? O B HOH 221 ? ? 1.64 
39  1 O     B HOH 104 ? ? O B HOH 247 ? ? 1.65 
40  1 O     B HOH 226 ? ? O B HOH 266 ? ? 1.69 
41  1 N2    B DG  11  ? ? O B HOH 198 ? ? 1.69 
42  1 O     B HOH 193 ? ? O B HOH 303 ? ? 1.69 
43  1 O     A HOH 209 ? ? O A HOH 352 ? ? 1.70 
44  1 OP2   B DC  20  ? ? O B HOH 250 ? ? 1.70 
45  1 O     A HOH 194 ? ? O A HOH 305 ? ? 1.70 
46  1 O2    B DT  14  ? ? O B HOH 324 ? ? 1.71 
47  1 O     A HOH 194 ? ? O A HOH 208 ? ? 1.72 
48  1 O     B HOH 257 ? ? O B HOH 310 ? ? 1.72 
49  1 O     A HOH 234 ? ? O B HOH 277 ? ? 1.72 
50  1 O     A HOH 106 ? ? O A HOH 242 ? ? 1.72 
51  1 OP1   B DG  13  ? ? O B HOH 231 ? ? 1.73 
52  1 O     A HOH 175 ? ? O A HOH 317 ? ? 1.73 
53  1 "O3'" B DC  18  ? ? O B HOH 241 ? ? 1.74 
54  1 O     A HOH 136 ? ? O A HOH 347 ? ? 1.76 
55  1 O     B HOH 169 ? ? O B HOH 268 ? ? 1.77 
56  1 O     A HOH 165 ? ? O A HOH 340 ? ? 1.77 
57  1 O     B HOH 219 ? ? O B HOH 308 ? ? 1.77 
58  1 "O4'" B DC  18  ? ? O B HOH 279 ? ? 1.78 
59  1 "O3'" B DC  18  ? ? O B HOH 272 ? ? 1.78 
60  1 O6    B DG  19  ? ? O B HOH 341 ? ? 1.79 
61  1 O     A HOH 165 ? ? O A HOH 302 ? ? 1.80 
62  1 O     A HOH 237 ? ? O B HOH 266 ? ? 1.80 
63  1 N3    A DG  3   ? ? O A HOH 207 ? ? 1.81 
64  1 O     A HOH 208 ? ? O A HOH 305 ? ? 1.82 
65  1 O     A HOH 196 ? ? O B HOH 171 ? ? 1.82 
66  1 N7    B DG  19  ? ? O B HOH 271 ? ? 1.82 
67  1 O     A HOH 228 ? ? O A HOH 251 ? ? 1.83 
68  1 OP2   A DC  10  ? ? O A HOH 302 ? ? 1.84 
69  1 O2    B DC  18  ? ? O B HOH 216 ? ? 1.85 
70  1 O     B HOH 144 ? ? O B HOH 271 ? ? 1.85 
71  1 O2    A DC  10  ? ? O A HOH 213 ? ? 1.86 
72  1 O     B HOH 188 ? ? O B HOH 219 ? ? 1.87 
73  1 OP1   B DG  19  ? ? O B HOH 241 ? ? 1.88 
74  1 O     B HOH 183 ? ? O B HOH 337 ? ? 1.88 
75  1 O     B HOH 24  ? ? O B HOH 324 ? ? 1.89 
76  1 "O4'" B DC  12  ? ? O B HOH 318 ? ? 1.89 
77  1 O     B HOH 279 ? ? O B HOH 336 ? ? 1.89 
78  1 O     B HOH 312 ? ? O B HOH 322 ? ? 1.89 
79  1 O     B HOH 227 ? ? O B HOH 232 ? ? 1.90 
80  1 O     A HOH 154 ? ? O B HOH 171 ? ? 1.91 
81  1 O     A HOH 125 ? ? O A HOH 174 ? ? 1.91 
82  1 O     B HOH 265 ? ? O B HOH 273 ? ? 1.91 
83  1 O     A HOH 143 ? ? O A HOH 352 ? ? 1.92 
84  1 O2    A DT  4   ? ? O B HOH 216 ? ? 1.93 
85  1 O     A HOH 297 ? ? O A HOH 331 ? ? 1.93 
86  1 O     B HOH 211 ? ? O B HOH 230 ? ? 1.94 
87  1 O     A HOH 165 ? ? O A HOH 338 ? ? 1.94 
88  1 O     B HOH 240 ? ? O B HOH 321 ? ? 1.94 
89  1 "O5'" B DA  17  ? ? O B HOH 202 ? ? 1.95 
90  1 C5M   B 125 16  ? ? O B HOH 334 ? ? 1.96 
91  1 N7    A DG  3   ? ? O A HOH 347 ? ? 1.97 
92  1 "C2'" A DC  10  ? ? O A HOH 267 ? ? 1.98 
93  1 "O3'" A DG  3   ? ? O A HOH 197 ? ? 1.98 
94  1 C7    A DT  4   ? ? O A HOH 311 ? ? 1.98 
95  1 OP2   A DG  9   ? ? O A HOH 338 ? ? 1.99 
96  1 "O4'" B DG  11  ? ? O B HOH 184 ? ? 2.01 
97  1 "C4'" B DC  18  ? ? O B HOH 272 ? ? 2.02 
98  1 N7    A DG  9   ? ? O A HOH 340 ? ? 2.03 
99  1 O     A HOH 213 ? ? O A HOH 267 ? ? 2.04 
100 1 "O4'" A DG  3   ? ? O A HOH 280 ? ? 2.04 
101 1 OP2   B DG  19  ? ? O B HOH 281 ? ? 2.04 
102 1 O     A HOH 252 ? ? O A HOH 311 ? ? 2.04 
103 1 O     B HOH 155 ? ? O B HOH 342 ? ? 2.06 
104 1 O2    B DC  20  ? ? O B HOH 215 ? ? 2.06 
105 1 O     A HOH 174 ? ? O A HOH 340 ? ? 2.06 
106 1 O2    A DC  10  ? ? O B HOH 198 ? ? 2.07 
107 1 OP1   B DG  19  ? ? O B HOH 309 ? ? 2.08 
108 1 "C1'" B DC  18  ? ? O B HOH 279 ? ? 2.08 
109 1 "C2'" B DA  15  ? ? O B HOH 328 ? ? 2.09 
110 1 O     A HOH 339 ? ? O B HOH 233 ? ? 2.10 
111 1 O     B HOH 241 ? ? O B HOH 272 ? ? 2.10 
112 1 OP2   B DG  13  ? ? O B HOH 187 ? ? 2.10 
113 1 "C1'" B DG  11  ? ? O B HOH 184 ? ? 2.10 
114 1 "O3'" B DA  15  ? ? O B HOH 350 ? ? 2.11 
115 1 O     B HOH 295 ? ? O B HOH 333 ? ? 2.11 
116 1 O     A HOH 106 ? ? O A HOH 234 ? ? 2.13 
117 1 O     A HOH 339 ? ? O B HOH 332 ? ? 2.13 
118 1 "C3'" B DC  12  ? ? O B HOH 217 ? ? 2.13 
119 1 "C3'" B DC  18  ? ? O B HOH 281 ? ? 2.13 
120 1 O     A HOH 159 ? ? O A HOH 195 ? ? 2.14 
121 1 "C3'" B DC  18  ? ? O B HOH 272 ? ? 2.14 
122 1 C7    A DT  4   ? ? O A HOH 305 ? ? 2.14 
123 1 O     A HOH 288 ? ? O A HOH 346 ? ? 2.15 
124 1 O     A HOH 213 ? ? O B HOH 198 ? ? 2.16 
125 1 O     B HOH 231 ? ? O B HOH 259 ? ? 2.16 
126 1 P     B DG  19  ? ? O B HOH 241 ? ? 2.16 
127 1 C8    B DA  17  ? ? O B HOH 202 ? ? 2.17 
128 1 "C3'" A DG  9   ? ? O A HOH 302 ? ? 2.17 
129 1 C5    B DC  20  ? ? O B HOH 268 ? ? 2.17 
130 1 N4    A DC  2   ? ? O B HOH 341 ? ? 2.17 
131 1 O     A HOH 242 ? ? O B HOH 178 ? ? 2.17 
132 1 O2    A 125 6   ? ? O A HOH 196 ? ? 2.17 
133 1 O     B HOH 111 ? ? O B HOH 206 ? ? 2.18 
134 1 O     B HOH 180 ? ? O B HOH 287 ? ? 2.18 
135 1 O     B HOH 245 ? ? O B HOH 268 ? ? 2.18 
136 1 "C1'" B DA  17  ? ? O B HOH 274 ? ? 2.18 
137 1 O     B HOH 184 ? ? O B HOH 212 ? ? 2.18 
138 1 OP2   B DC  20  ? ? O B HOH 169 ? ? 2.19 
139 1 C8    A DG  9   ? ? O A HOH 340 ? ? 2.19 
140 1 "C4'" B DC  12  ? ? O B HOH 217 ? ? 2.19 
# 
loop_
_pdbx_validate_symm_contact.id 
_pdbx_validate_symm_contact.PDB_model_num 
_pdbx_validate_symm_contact.auth_atom_id_1 
_pdbx_validate_symm_contact.auth_asym_id_1 
_pdbx_validate_symm_contact.auth_comp_id_1 
_pdbx_validate_symm_contact.auth_seq_id_1 
_pdbx_validate_symm_contact.PDB_ins_code_1 
_pdbx_validate_symm_contact.label_alt_id_1 
_pdbx_validate_symm_contact.site_symmetry_1 
_pdbx_validate_symm_contact.auth_atom_id_2 
_pdbx_validate_symm_contact.auth_asym_id_2 
_pdbx_validate_symm_contact.auth_comp_id_2 
_pdbx_validate_symm_contact.auth_seq_id_2 
_pdbx_validate_symm_contact.PDB_ins_code_2 
_pdbx_validate_symm_contact.label_alt_id_2 
_pdbx_validate_symm_contact.site_symmetry_2 
_pdbx_validate_symm_contact.dist 
1  1 O     A HOH 207 ? ? 1_555 O A HOH 267 ? ? 2_554 1.10 
2  1 O     A HOH 316 ? ? 1_555 O B HOH 345 ? ? 2_554 1.14 
3  1 O     A HOH 251 ? ? 1_555 O B HOH 193 ? ? 3_655 1.16 
4  1 O     A HOH 195 ? ? 1_555 O A HOH 229 ? ? 3_655 1.18 
5  1 O     A HOH 264 ? ? 1_555 O B HOH 275 ? ? 1_655 1.23 
6  1 O     B HOH 212 ? ? 1_555 O B HOH 274 ? ? 2_555 1.36 
7  1 O     B HOH 327 ? ? 1_555 O B HOH 335 ? ? 2_454 1.36 
8  1 O     A HOH 297 ? ? 1_555 O B HOH 303 ? ? 3_655 1.42 
9  1 O     A HOH 285 ? ? 1_555 O B HOH 278 ? ? 3_545 1.64 
10 1 O     A HOH 251 ? ? 1_555 O B HOH 295 ? ? 3_655 1.65 
11 1 O     A HOH 331 ? ? 1_555 O B HOH 303 ? ? 3_655 1.74 
12 1 O     B HOH 318 ? ? 1_555 O B HOH 336 ? ? 2_555 1.88 
13 1 N2    A DG  3   ? ? 1_555 O A HOH 213 ? ? 2_554 1.89 
14 1 O     B HOH 212 ? ? 1_555 O B HOH 336 ? ? 2_555 1.93 
15 1 O     A HOH 331 ? ? 1_555 O B HOH 193 ? ? 3_655 1.95 
16 1 O     A HOH 172 ? ? 1_555 O B HOH 223 ? ? 2_455 1.95 
17 1 O     B HOH 146 ? ? 1_555 O B HOH 284 ? ? 2_455 1.97 
18 1 O     B HOH 284 ? ? 1_555 O B HOH 349 ? ? 2_454 1.99 
19 1 O     B HOH 160 ? ? 1_555 O B HOH 276 ? ? 2_555 2.01 
20 1 O     A HOH 316 ? ? 1_555 O B HOH 287 ? ? 2_554 2.03 
21 1 O     A HOH 307 ? ? 1_555 O B HOH 168 ? ? 3_555 2.07 
22 1 O     A HOH 207 ? ? 1_555 O A HOH 213 ? ? 2_554 2.08 
23 1 O     A HOH 195 ? ? 1_555 O A HOH 210 ? ? 3_655 2.13 
24 1 O     A HOH 300 ? ? 1_555 O B HOH 295 ? ? 1_455 2.14 
25 1 O     B HOH 124 ? ? 1_555 O B HOH 212 ? ? 2_554 2.14 
26 1 O     A HOH 210 ? ? 1_555 O B HOH 127 ? ? 2_554 2.19 
27 1 "C1'" A DC  8   ? ? 1_555 O B HOH 215 ? ? 3_555 2.19 
# 
loop_
_pdbx_struct_mod_residue.id 
_pdbx_struct_mod_residue.label_asym_id 
_pdbx_struct_mod_residue.label_comp_id 
_pdbx_struct_mod_residue.label_seq_id 
_pdbx_struct_mod_residue.auth_asym_id 
_pdbx_struct_mod_residue.auth_comp_id 
_pdbx_struct_mod_residue.auth_seq_id 
_pdbx_struct_mod_residue.PDB_ins_code 
_pdbx_struct_mod_residue.parent_comp_id 
_pdbx_struct_mod_residue.details 
1 A 125 6 A 125 6  ? U ? 
2 B 125 6 B 125 16 ? U ? 
# 
loop_
_chem_comp_atom.comp_id 
_chem_comp_atom.atom_id 
_chem_comp_atom.type_symbol 
_chem_comp_atom.pdbx_aromatic_flag 
_chem_comp_atom.pdbx_stereo_config 
_chem_comp_atom.pdbx_ordinal 
125 P      P  N N 1   
125 OP1    O  N N 2   
125 OP2    O  N N 3   
125 OP3    O  N N 4   
125 "O5'"  O  N N 5   
125 "C5'"  C  N N 6   
125 "C4'"  C  N R 7   
125 "O4'"  O  N N 8   
125 "C3'"  C  N R 9   
125 "O3'"  O  N N 10  
125 "C2'"  C  N R 11  
125 "O2'"  O  N N 12  
125 "C1'"  C  N R 13  
125 N1     N  N N 14  
125 C2     C  N N 15  
125 O2     O  N N 16  
125 N3     N  N N 17  
125 C4     C  N N 18  
125 O4     O  N N 19  
125 C5     C  N N 20  
125 C5M    C  N N 21  
125 C6     C  N N 22  
125 "CA'"  C  N N 23  
125 "CB'"  C  N N 24  
125 "FC'"  F  N N 25  
125 HOP2   H  N N 26  
125 HOP3   H  N N 27  
125 "H5'"  H  N N 28  
125 "H5''" H  N N 29  
125 "H4'"  H  N N 30  
125 "H3'"  H  N N 31  
125 "HO3'" H  N N 32  
125 "H2'"  H  N N 33  
125 "H1'"  H  N N 34  
125 H3     H  N N 35  
125 H71    H  N N 36  
125 H72    H  N N 37  
125 H73    H  N N 38  
125 H6     H  N N 39  
125 "HA'1" H  N N 40  
125 "HA'2" H  N N 41  
125 "HB'1" H  N N 42  
125 "HB'2" H  N N 43  
DA  OP3    O  N N 44  
DA  P      P  N N 45  
DA  OP1    O  N N 46  
DA  OP2    O  N N 47  
DA  "O5'"  O  N N 48  
DA  "C5'"  C  N N 49  
DA  "C4'"  C  N R 50  
DA  "O4'"  O  N N 51  
DA  "C3'"  C  N S 52  
DA  "O3'"  O  N N 53  
DA  "C2'"  C  N N 54  
DA  "C1'"  C  N R 55  
DA  N9     N  Y N 56  
DA  C8     C  Y N 57  
DA  N7     N  Y N 58  
DA  C5     C  Y N 59  
DA  C6     C  Y N 60  
DA  N6     N  N N 61  
DA  N1     N  Y N 62  
DA  C2     C  Y N 63  
DA  N3     N  Y N 64  
DA  C4     C  Y N 65  
DA  HOP3   H  N N 66  
DA  HOP2   H  N N 67  
DA  "H5'"  H  N N 68  
DA  "H5''" H  N N 69  
DA  "H4'"  H  N N 70  
DA  "H3'"  H  N N 71  
DA  "HO3'" H  N N 72  
DA  "H2'"  H  N N 73  
DA  "H2''" H  N N 74  
DA  "H1'"  H  N N 75  
DA  H8     H  N N 76  
DA  H61    H  N N 77  
DA  H62    H  N N 78  
DA  H2     H  N N 79  
DC  OP3    O  N N 80  
DC  P      P  N N 81  
DC  OP1    O  N N 82  
DC  OP2    O  N N 83  
DC  "O5'"  O  N N 84  
DC  "C5'"  C  N N 85  
DC  "C4'"  C  N R 86  
DC  "O4'"  O  N N 87  
DC  "C3'"  C  N S 88  
DC  "O3'"  O  N N 89  
DC  "C2'"  C  N N 90  
DC  "C1'"  C  N R 91  
DC  N1     N  N N 92  
DC  C2     C  N N 93  
DC  O2     O  N N 94  
DC  N3     N  N N 95  
DC  C4     C  N N 96  
DC  N4     N  N N 97  
DC  C5     C  N N 98  
DC  C6     C  N N 99  
DC  HOP3   H  N N 100 
DC  HOP2   H  N N 101 
DC  "H5'"  H  N N 102 
DC  "H5''" H  N N 103 
DC  "H4'"  H  N N 104 
DC  "H3'"  H  N N 105 
DC  "HO3'" H  N N 106 
DC  "H2'"  H  N N 107 
DC  "H2''" H  N N 108 
DC  "H1'"  H  N N 109 
DC  H41    H  N N 110 
DC  H42    H  N N 111 
DC  H5     H  N N 112 
DC  H6     H  N N 113 
DG  OP3    O  N N 114 
DG  P      P  N N 115 
DG  OP1    O  N N 116 
DG  OP2    O  N N 117 
DG  "O5'"  O  N N 118 
DG  "C5'"  C  N N 119 
DG  "C4'"  C  N R 120 
DG  "O4'"  O  N N 121 
DG  "C3'"  C  N S 122 
DG  "O3'"  O  N N 123 
DG  "C2'"  C  N N 124 
DG  "C1'"  C  N R 125 
DG  N9     N  Y N 126 
DG  C8     C  Y N 127 
DG  N7     N  Y N 128 
DG  C5     C  Y N 129 
DG  C6     C  N N 130 
DG  O6     O  N N 131 
DG  N1     N  N N 132 
DG  C2     C  N N 133 
DG  N2     N  N N 134 
DG  N3     N  N N 135 
DG  C4     C  Y N 136 
DG  HOP3   H  N N 137 
DG  HOP2   H  N N 138 
DG  "H5'"  H  N N 139 
DG  "H5''" H  N N 140 
DG  "H4'"  H  N N 141 
DG  "H3'"  H  N N 142 
DG  "HO3'" H  N N 143 
DG  "H2'"  H  N N 144 
DG  "H2''" H  N N 145 
DG  "H1'"  H  N N 146 
DG  H8     H  N N 147 
DG  H1     H  N N 148 
DG  H21    H  N N 149 
DG  H22    H  N N 150 
DT  OP3    O  N N 151 
DT  P      P  N N 152 
DT  OP1    O  N N 153 
DT  OP2    O  N N 154 
DT  "O5'"  O  N N 155 
DT  "C5'"  C  N N 156 
DT  "C4'"  C  N R 157 
DT  "O4'"  O  N N 158 
DT  "C3'"  C  N S 159 
DT  "O3'"  O  N N 160 
DT  "C2'"  C  N N 161 
DT  "C1'"  C  N R 162 
DT  N1     N  N N 163 
DT  C2     C  N N 164 
DT  O2     O  N N 165 
DT  N3     N  N N 166 
DT  C4     C  N N 167 
DT  O4     O  N N 168 
DT  C5     C  N N 169 
DT  C7     C  N N 170 
DT  C6     C  N N 171 
DT  HOP3   H  N N 172 
DT  HOP2   H  N N 173 
DT  "H5'"  H  N N 174 
DT  "H5''" H  N N 175 
DT  "H4'"  H  N N 176 
DT  "H3'"  H  N N 177 
DT  "HO3'" H  N N 178 
DT  "H2'"  H  N N 179 
DT  "H2''" H  N N 180 
DT  "H1'"  H  N N 181 
DT  H3     H  N N 182 
DT  H71    H  N N 183 
DT  H72    H  N N 184 
DT  H73    H  N N 185 
DT  H6     H  N N 186 
HOH O      O  N N 187 
HOH H1     H  N N 188 
HOH H2     H  N N 189 
RB  RB     RB N N 190 
# 
loop_
_chem_comp_bond.comp_id 
_chem_comp_bond.atom_id_1 
_chem_comp_bond.atom_id_2 
_chem_comp_bond.value_order 
_chem_comp_bond.pdbx_aromatic_flag 
_chem_comp_bond.pdbx_stereo_config 
_chem_comp_bond.pdbx_ordinal 
125 P     OP1    doub N N 1   
125 P     OP2    sing N N 2   
125 P     OP3    sing N N 3   
125 P     "O5'"  sing N N 4   
125 OP2   HOP2   sing N N 5   
125 OP3   HOP3   sing N N 6   
125 "O5'" "C5'"  sing N N 7   
125 "C5'" "C4'"  sing N N 8   
125 "C5'" "H5'"  sing N N 9   
125 "C5'" "H5''" sing N N 10  
125 "C4'" "O4'"  sing N N 11  
125 "C4'" "C3'"  sing N N 12  
125 "C4'" "H4'"  sing N N 13  
125 "O4'" "C1'"  sing N N 14  
125 "C3'" "O3'"  sing N N 15  
125 "C3'" "C2'"  sing N N 16  
125 "C3'" "H3'"  sing N N 17  
125 "O3'" "HO3'" sing N N 18  
125 "C2'" "O2'"  sing N N 19  
125 "C2'" "C1'"  sing N N 20  
125 "C2'" "H2'"  sing N N 21  
125 "O2'" "CA'"  sing N N 22  
125 "C1'" N1     sing N N 23  
125 "C1'" "H1'"  sing N N 24  
125 N1    C2     sing N N 25  
125 N1    C6     sing N N 26  
125 C2    O2     doub N N 27  
125 C2    N3     sing N N 28  
125 N3    C4     sing N N 29  
125 N3    H3     sing N N 30  
125 C4    O4     doub N N 31  
125 C4    C5     sing N N 32  
125 C5    C5M    sing N N 33  
125 C5    C6     doub N N 34  
125 C5M   H71    sing N N 35  
125 C5M   H72    sing N N 36  
125 C5M   H73    sing N N 37  
125 C6    H6     sing N N 38  
125 "CA'" "CB'"  sing N N 39  
125 "CA'" "HA'1" sing N N 40  
125 "CA'" "HA'2" sing N N 41  
125 "CB'" "FC'"  sing N N 42  
125 "CB'" "HB'1" sing N N 43  
125 "CB'" "HB'2" sing N N 44  
DA  OP3   P      sing N N 45  
DA  OP3   HOP3   sing N N 46  
DA  P     OP1    doub N N 47  
DA  P     OP2    sing N N 48  
DA  P     "O5'"  sing N N 49  
DA  OP2   HOP2   sing N N 50  
DA  "O5'" "C5'"  sing N N 51  
DA  "C5'" "C4'"  sing N N 52  
DA  "C5'" "H5'"  sing N N 53  
DA  "C5'" "H5''" sing N N 54  
DA  "C4'" "O4'"  sing N N 55  
DA  "C4'" "C3'"  sing N N 56  
DA  "C4'" "H4'"  sing N N 57  
DA  "O4'" "C1'"  sing N N 58  
DA  "C3'" "O3'"  sing N N 59  
DA  "C3'" "C2'"  sing N N 60  
DA  "C3'" "H3'"  sing N N 61  
DA  "O3'" "HO3'" sing N N 62  
DA  "C2'" "C1'"  sing N N 63  
DA  "C2'" "H2'"  sing N N 64  
DA  "C2'" "H2''" sing N N 65  
DA  "C1'" N9     sing N N 66  
DA  "C1'" "H1'"  sing N N 67  
DA  N9    C8     sing Y N 68  
DA  N9    C4     sing Y N 69  
DA  C8    N7     doub Y N 70  
DA  C8    H8     sing N N 71  
DA  N7    C5     sing Y N 72  
DA  C5    C6     sing Y N 73  
DA  C5    C4     doub Y N 74  
DA  C6    N6     sing N N 75  
DA  C6    N1     doub Y N 76  
DA  N6    H61    sing N N 77  
DA  N6    H62    sing N N 78  
DA  N1    C2     sing Y N 79  
DA  C2    N3     doub Y N 80  
DA  C2    H2     sing N N 81  
DA  N3    C4     sing Y N 82  
DC  OP3   P      sing N N 83  
DC  OP3   HOP3   sing N N 84  
DC  P     OP1    doub N N 85  
DC  P     OP2    sing N N 86  
DC  P     "O5'"  sing N N 87  
DC  OP2   HOP2   sing N N 88  
DC  "O5'" "C5'"  sing N N 89  
DC  "C5'" "C4'"  sing N N 90  
DC  "C5'" "H5'"  sing N N 91  
DC  "C5'" "H5''" sing N N 92  
DC  "C4'" "O4'"  sing N N 93  
DC  "C4'" "C3'"  sing N N 94  
DC  "C4'" "H4'"  sing N N 95  
DC  "O4'" "C1'"  sing N N 96  
DC  "C3'" "O3'"  sing N N 97  
DC  "C3'" "C2'"  sing N N 98  
DC  "C3'" "H3'"  sing N N 99  
DC  "O3'" "HO3'" sing N N 100 
DC  "C2'" "C1'"  sing N N 101 
DC  "C2'" "H2'"  sing N N 102 
DC  "C2'" "H2''" sing N N 103 
DC  "C1'" N1     sing N N 104 
DC  "C1'" "H1'"  sing N N 105 
DC  N1    C2     sing N N 106 
DC  N1    C6     sing N N 107 
DC  C2    O2     doub N N 108 
DC  C2    N3     sing N N 109 
DC  N3    C4     doub N N 110 
DC  C4    N4     sing N N 111 
DC  C4    C5     sing N N 112 
DC  N4    H41    sing N N 113 
DC  N4    H42    sing N N 114 
DC  C5    C6     doub N N 115 
DC  C5    H5     sing N N 116 
DC  C6    H6     sing N N 117 
DG  OP3   P      sing N N 118 
DG  OP3   HOP3   sing N N 119 
DG  P     OP1    doub N N 120 
DG  P     OP2    sing N N 121 
DG  P     "O5'"  sing N N 122 
DG  OP2   HOP2   sing N N 123 
DG  "O5'" "C5'"  sing N N 124 
DG  "C5'" "C4'"  sing N N 125 
DG  "C5'" "H5'"  sing N N 126 
DG  "C5'" "H5''" sing N N 127 
DG  "C4'" "O4'"  sing N N 128 
DG  "C4'" "C3'"  sing N N 129 
DG  "C4'" "H4'"  sing N N 130 
DG  "O4'" "C1'"  sing N N 131 
DG  "C3'" "O3'"  sing N N 132 
DG  "C3'" "C2'"  sing N N 133 
DG  "C3'" "H3'"  sing N N 134 
DG  "O3'" "HO3'" sing N N 135 
DG  "C2'" "C1'"  sing N N 136 
DG  "C2'" "H2'"  sing N N 137 
DG  "C2'" "H2''" sing N N 138 
DG  "C1'" N9     sing N N 139 
DG  "C1'" "H1'"  sing N N 140 
DG  N9    C8     sing Y N 141 
DG  N9    C4     sing Y N 142 
DG  C8    N7     doub Y N 143 
DG  C8    H8     sing N N 144 
DG  N7    C5     sing Y N 145 
DG  C5    C6     sing N N 146 
DG  C5    C4     doub Y N 147 
DG  C6    O6     doub N N 148 
DG  C6    N1     sing N N 149 
DG  N1    C2     sing N N 150 
DG  N1    H1     sing N N 151 
DG  C2    N2     sing N N 152 
DG  C2    N3     doub N N 153 
DG  N2    H21    sing N N 154 
DG  N2    H22    sing N N 155 
DG  N3    C4     sing N N 156 
DT  OP3   P      sing N N 157 
DT  OP3   HOP3   sing N N 158 
DT  P     OP1    doub N N 159 
DT  P     OP2    sing N N 160 
DT  P     "O5'"  sing N N 161 
DT  OP2   HOP2   sing N N 162 
DT  "O5'" "C5'"  sing N N 163 
DT  "C5'" "C4'"  sing N N 164 
DT  "C5'" "H5'"  sing N N 165 
DT  "C5'" "H5''" sing N N 166 
DT  "C4'" "O4'"  sing N N 167 
DT  "C4'" "C3'"  sing N N 168 
DT  "C4'" "H4'"  sing N N 169 
DT  "O4'" "C1'"  sing N N 170 
DT  "C3'" "O3'"  sing N N 171 
DT  "C3'" "C2'"  sing N N 172 
DT  "C3'" "H3'"  sing N N 173 
DT  "O3'" "HO3'" sing N N 174 
DT  "C2'" "C1'"  sing N N 175 
DT  "C2'" "H2'"  sing N N 176 
DT  "C2'" "H2''" sing N N 177 
DT  "C1'" N1     sing N N 178 
DT  "C1'" "H1'"  sing N N 179 
DT  N1    C2     sing N N 180 
DT  N1    C6     sing N N 181 
DT  C2    O2     doub N N 182 
DT  C2    N3     sing N N 183 
DT  N3    C4     sing N N 184 
DT  N3    H3     sing N N 185 
DT  C4    O4     doub N N 186 
DT  C4    C5     sing N N 187 
DT  C5    C7     sing N N 188 
DT  C5    C6     doub N N 189 
DT  C7    H71    sing N N 190 
DT  C7    H72    sing N N 191 
DT  C7    H73    sing N N 192 
DT  C6    H6     sing N N 193 
HOH O     H1     sing N N 194 
HOH O     H2     sing N N 195 
# 
_ndb_struct_conf_na.entry_id   1I0M 
_ndb_struct_conf_na.feature    'a-form double helix' 
# 
loop_
_ndb_struct_na_base_pair.model_number 
_ndb_struct_na_base_pair.i_label_asym_id 
_ndb_struct_na_base_pair.i_label_comp_id 
_ndb_struct_na_base_pair.i_label_seq_id 
_ndb_struct_na_base_pair.i_symmetry 
_ndb_struct_na_base_pair.j_label_asym_id 
_ndb_struct_na_base_pair.j_label_comp_id 
_ndb_struct_na_base_pair.j_label_seq_id 
_ndb_struct_na_base_pair.j_symmetry 
_ndb_struct_na_base_pair.shear 
_ndb_struct_na_base_pair.stretch 
_ndb_struct_na_base_pair.stagger 
_ndb_struct_na_base_pair.buckle 
_ndb_struct_na_base_pair.propeller 
_ndb_struct_na_base_pair.opening 
_ndb_struct_na_base_pair.pair_number 
_ndb_struct_na_base_pair.pair_name 
_ndb_struct_na_base_pair.i_auth_asym_id 
_ndb_struct_na_base_pair.i_auth_seq_id 
_ndb_struct_na_base_pair.i_PDB_ins_code 
_ndb_struct_na_base_pair.j_auth_asym_id 
_ndb_struct_na_base_pair.j_auth_seq_id 
_ndb_struct_na_base_pair.j_PDB_ins_code 
_ndb_struct_na_base_pair.hbond_type_28 
_ndb_struct_na_base_pair.hbond_type_12 
1 A DG  1  1_555 B DC  10 1_555 -0.333 -0.195 0.090  -0.094 -9.161  -2.669 1  A_DG1:DC20_B  A 1  ? B 20 ? 19 1 
1 A DC  2  1_555 B DG  9  1_555 0.131  -0.044 0.135  6.146  -13.741 2.952  2  A_DC2:DG19_B  A 2  ? B 19 ? 19 1 
1 A DG  3  1_555 B DC  8  1_555 -0.439 -0.148 0.007  -9.802 -14.499 2.353  3  A_DG3:DC18_B  A 3  ? B 18 ? 19 1 
1 A DT  4  1_555 B DA  7  1_555 -0.183 -0.130 -0.111 -3.939 -15.298 0.491  4  A_DT4:DA17_B  A 4  ? B 17 ? 20 1 
1 A DA  5  1_555 B 125 6  1_555 0.231  -0.040 0.133  -0.475 -13.649 -4.294 5  A_DA5:12516_B A 5  ? B 16 ? 20 1 
1 A 125 6  1_555 B DA  5  1_555 -0.049 -0.112 0.197  7.063  -15.646 5.415  6  A_1256:DA15_B A 6  ? B 15 ? 20 1 
1 A DA  7  1_555 B DT  4  1_555 0.031  -0.141 -0.052 3.784  -14.142 2.483  7  A_DA7:DT14_B  A 7  ? B 14 ? 20 1 
1 A DC  8  1_555 B DG  3  1_555 0.190  -0.189 -0.124 6.651  -12.946 1.875  8  A_DC8:DG13_B  A 8  ? B 13 ? 19 1 
1 A DG  9  1_555 B DC  2  1_555 -0.097 -0.132 0.003  -6.441 -11.971 2.441  9  A_DG9:DC12_B  A 9  ? B 12 ? 19 1 
1 A DC  10 1_555 B DG  1  1_555 0.261  -0.075 0.143  -4.265 5.465   1.396  10 A_DC10:DG11_B A 10 ? B 11 ? 19 1 
# 
loop_
_ndb_struct_na_base_pair_step.model_number 
_ndb_struct_na_base_pair_step.i_label_asym_id_1 
_ndb_struct_na_base_pair_step.i_label_comp_id_1 
_ndb_struct_na_base_pair_step.i_label_seq_id_1 
_ndb_struct_na_base_pair_step.i_symmetry_1 
_ndb_struct_na_base_pair_step.j_label_asym_id_1 
_ndb_struct_na_base_pair_step.j_label_comp_id_1 
_ndb_struct_na_base_pair_step.j_label_seq_id_1 
_ndb_struct_na_base_pair_step.j_symmetry_1 
_ndb_struct_na_base_pair_step.i_label_asym_id_2 
_ndb_struct_na_base_pair_step.i_label_comp_id_2 
_ndb_struct_na_base_pair_step.i_label_seq_id_2 
_ndb_struct_na_base_pair_step.i_symmetry_2 
_ndb_struct_na_base_pair_step.j_label_asym_id_2 
_ndb_struct_na_base_pair_step.j_label_comp_id_2 
_ndb_struct_na_base_pair_step.j_label_seq_id_2 
_ndb_struct_na_base_pair_step.j_symmetry_2 
_ndb_struct_na_base_pair_step.shift 
_ndb_struct_na_base_pair_step.slide 
_ndb_struct_na_base_pair_step.rise 
_ndb_struct_na_base_pair_step.tilt 
_ndb_struct_na_base_pair_step.roll 
_ndb_struct_na_base_pair_step.twist 
_ndb_struct_na_base_pair_step.x_displacement 
_ndb_struct_na_base_pair_step.y_displacement 
_ndb_struct_na_base_pair_step.helical_rise 
_ndb_struct_na_base_pair_step.inclination 
_ndb_struct_na_base_pair_step.tip 
_ndb_struct_na_base_pair_step.helical_twist 
_ndb_struct_na_base_pair_step.step_number 
_ndb_struct_na_base_pair_step.step_name 
_ndb_struct_na_base_pair_step.i_auth_asym_id_1 
_ndb_struct_na_base_pair_step.i_auth_seq_id_1 
_ndb_struct_na_base_pair_step.i_PDB_ins_code_1 
_ndb_struct_na_base_pair_step.j_auth_asym_id_1 
_ndb_struct_na_base_pair_step.j_auth_seq_id_1 
_ndb_struct_na_base_pair_step.j_PDB_ins_code_1 
_ndb_struct_na_base_pair_step.i_auth_asym_id_2 
_ndb_struct_na_base_pair_step.i_auth_seq_id_2 
_ndb_struct_na_base_pair_step.i_PDB_ins_code_2 
_ndb_struct_na_base_pair_step.j_auth_asym_id_2 
_ndb_struct_na_base_pair_step.j_auth_seq_id_2 
_ndb_struct_na_base_pair_step.j_PDB_ins_code_2 
1 A DG  1 1_555 B DC  10 1_555 A DC  2  1_555 B DG  9 1_555 0.560  -1.243 3.154 1.233  -0.519 39.859 -1.764 -0.683 3.184 -0.761 
-1.807 39.881 1 AA_DG1DC2:DG19DC20_BB   A 1 ? B 20 ? A 2  ? B 19 ? 
1 A DC  2 1_555 B DG  9  1_555 A DG  3  1_555 B DC  8 1_555 0.394  -2.258 3.538 2.065  9.209  24.006 -7.543 -0.326 2.536 21.126 
-4.738 25.769 2 AA_DC2DG3:DC18DG19_BB   A 2 ? B 19 ? A 3  ? B 18 ? 
1 A DG  3 1_555 B DC  8  1_555 A DT  4  1_555 B DA  7 1_555 -1.146 -1.416 3.056 -1.400 6.169  36.358 -2.995 1.639  2.827 9.795  
2.224  36.886 3 AA_DG3DT4:DA17DC18_BB   A 3 ? B 18 ? A 4  ? B 17 ? 
1 A DT  4 1_555 B DA  7  1_555 A DA  5  1_555 B 125 6 1_555 0.566  -1.583 3.145 0.977  18.698 25.737 -5.701 -0.888 1.662 36.460 
-1.906 31.734 4 AA_DT4DA5:12516DA17_BB  A 4 ? B 17 ? A 5  ? B 16 ? 
1 A DA  5 1_555 B 125 6  1_555 A 125 6  1_555 B DA  5 1_555 0.847  -1.376 3.071 1.808  5.836  31.708 -3.416 -1.231 2.822 10.558 
-3.270 32.277 5 AA_DA51256:DA1512516_BB A 5 ? B 16 ? A 6  ? B 15 ? 
1 A 125 6 1_555 B DA  5  1_555 A DA  7  1_555 B DT  4 1_555 -0.343 -1.382 3.132 0.315  16.092 32.020 -4.259 0.598  2.206 27.136 
-0.531 35.742 6 AA_1256DA7:DT14DA15_BB  A 6 ? B 15 ? A 7  ? B 14 ? 
1 A DA  7 1_555 B DT  4  1_555 A DC  8  1_555 B DG  3 1_555 0.270  -1.433 3.246 1.323  3.594  32.669 -3.128 -0.257 3.083 6.362  
-2.343 32.887 7 AA_DA7DC8:DG13DT14_BB   A 7 ? B 14 ? A 8  ? B 13 ? 
1 A DC  8 1_555 B DG  3  1_555 A DG  9  1_555 B DC  2 1_555 -0.196 -1.740 3.460 -0.460 11.890 29.914 -5.190 0.274  2.599 21.971 
0.850  32.144 8 AA_DC8DG9:DC12DG13_BB   A 8 ? B 13 ? A 9  ? B 12 ? 
1 A DG  9 1_555 B DC  2  1_555 A DC  10 1_555 B DG  1 1_555 0.235  -1.800 3.348 -0.437 1.177  34.659 -3.203 -0.462 3.284 1.975  
0.733  34.681 9 AA_DG9DC10:DG11DC12_BB  A 9 ? B 12 ? A 10 ? B 11 ? 
# 
_atom_sites.entry_id                    1I0M 
_atom_sites.fract_transf_matrix[1][1]   0.02401240 
_atom_sites.fract_transf_matrix[1][2]   -0.02514712 
_atom_sites.fract_transf_matrix[1][3]   0.02035464 
_atom_sites.fract_transf_matrix[2][1]   0.01610175 
_atom_sites.fract_transf_matrix[2][2]   0.00345135 
_atom_sites.fract_transf_matrix[2][3]   -0.01473129 
_atom_sites.fract_transf_matrix[3][1]   0.00766946 
_atom_sites.fract_transf_matrix[3][2]   0.01741041 
_atom_sites.fract_transf_matrix[3][3]   0.01246199 
_atom_sites.fract_transf_vector[1]      0.123149 
_atom_sites.fract_transf_vector[2]      0.038665 
_atom_sites.fract_transf_vector[3]      0.255448 
# 
loop_
_atom_type.symbol 
C  
F  
N  
O  
P  
RB 
# 
loop_
_atom_site.group_PDB 
_atom_site.id 
_atom_site.type_symbol 
_atom_site.label_atom_id 
_atom_site.label_alt_id 
_atom_site.label_comp_id 
_atom_site.label_asym_id 
_atom_site.label_entity_id 
_atom_site.label_seq_id 
_atom_site.pdbx_PDB_ins_code 
_atom_site.Cartn_x 
_atom_site.Cartn_y 
_atom_site.Cartn_z 
_atom_site.occupancy 
_atom_site.B_iso_or_equiv 
_atom_site.pdbx_formal_charge 
_atom_site.auth_seq_id 
_atom_site.auth_comp_id 
_atom_site.auth_asym_id 
_atom_site.auth_atom_id 
_atom_site.pdbx_PDB_model_num 
ATOM   1   O  "O5'" . DG  A 1 1  ? -8.335  7.458   4.027   1.00 22.44 ? 1   DG  A "O5'" 1 
ATOM   2   C  "C5'" . DG  A 1 1  ? -8.675  7.849   5.341   1.00 20.53 ? 1   DG  A "C5'" 1 
ATOM   3   C  "C4'" . DG  A 1 1  ? -9.672  6.893   5.953   1.00 16.64 ? 1   DG  A "C4'" 1 
ATOM   4   O  "O4'" . DG  A 1 1  ? -10.844 6.804   5.117   1.00 15.58 ? 1   DG  A "O4'" 1 
ATOM   5   C  "C3'" . DG  A 1 1  ? -9.164  5.464   6.082   1.00 15.77 ? 1   DG  A "C3'" 1 
ATOM   6   O  "O3'" . DG  A 1 1  ? -8.461  5.316   7.316   1.00 14.84 ? 1   DG  A "O3'" 1 
ATOM   7   C  "C2'" . DG  A 1 1  ? -10.448 4.658   6.048   1.00 13.58 ? 1   DG  A "C2'" 1 
ATOM   8   C  "C1'" . DG  A 1 1  ? -11.332 5.466   5.101   1.00 16.53 ? 1   DG  A "C1'" 1 
ATOM   9   N  N9    . DG  A 1 1  ? -11.274 4.992   3.722   1.00 15.32 ? 1   DG  A N9    1 
ATOM   10  C  C8    . DG  A 1 1  ? -10.759 5.662   2.638   1.00 16.21 ? 1   DG  A C8    1 
ATOM   11  N  N7    . DG  A 1 1  ? -10.839 4.978   1.529   1.00 16.03 ? 1   DG  A N7    1 
ATOM   12  C  C5    . DG  A 1 1  ? -11.444 3.786   1.902   1.00 13.65 ? 1   DG  A C5    1 
ATOM   13  C  C6    . DG  A 1 1  ? -11.802 2.653   1.126   1.00 11.89 ? 1   DG  A C6    1 
ATOM   14  O  O6    . DG  A 1 1  ? -11.656 2.473   -0.090  1.00 13.70 ? 1   DG  A O6    1 
ATOM   15  N  N1    . DG  A 1 1  ? -12.395 1.666   1.906   1.00 11.07 ? 1   DG  A N1    1 
ATOM   16  C  C2    . DG  A 1 1  ? -12.624 1.761   3.256   1.00 10.41 ? 1   DG  A C2    1 
ATOM   17  N  N2    . DG  A 1 1  ? -13.214 0.710   3.835   1.00 12.36 ? 1   DG  A N2    1 
ATOM   18  N  N3    . DG  A 1 1  ? -12.303 2.811   3.987   1.00 12.66 ? 1   DG  A N3    1 
ATOM   19  C  C4    . DG  A 1 1  ? -11.719 3.779   3.252   1.00 13.49 ? 1   DG  A C4    1 
ATOM   20  P  P     . DC  A 1 2  ? -7.155  4.383   7.386   1.00 15.21 ? 2   DC  A P     1 
ATOM   21  O  OP1   . DC  A 1 2  ? -6.526  4.614   8.717   1.00 13.96 ? 2   DC  A OP1   1 
ATOM   22  O  OP2   . DC  A 1 2  ? -6.354  4.567   6.154   1.00 16.09 ? 2   DC  A OP2   1 
ATOM   23  O  "O5'" . DC  A 1 2  ? -7.737  2.901   7.348   1.00 12.93 ? 2   DC  A "O5'" 1 
ATOM   24  C  "C5'" . DC  A 1 2  ? -8.633  2.429   8.363   1.00 13.87 ? 2   DC  A "C5'" 1 
ATOM   25  C  "C4'" . DC  A 1 2  ? -9.276  1.136   7.919   1.00 11.49 ? 2   DC  A "C4'" 1 
ATOM   26  O  "O4'" . DC  A 1 2  ? -10.065 1.360   6.732   1.00 11.42 ? 2   DC  A "O4'" 1 
ATOM   27  C  "C3'" . DC  A 1 2  ? -8.289  0.049   7.522   1.00 11.84 ? 2   DC  A "C3'" 1 
ATOM   28  O  "O3'" . DC  A 1 2  ? -7.855  -0.668  8.677   1.00 12.07 ? 2   DC  A "O3'" 1 
ATOM   29  C  "C2'" . DC  A 1 2  ? -9.103  -0.804  6.567   1.00 12.28 ? 2   DC  A "C2'" 1 
ATOM   30  C  "C1'" . DC  A 1 2  ? -9.985  0.225   5.871   1.00 10.46 ? 2   DC  A "C1'" 1 
ATOM   31  N  N1    . DC  A 1 2  ? -9.477  0.684   4.567   1.00 10.69 ? 2   DC  A N1    1 
ATOM   32  C  C2    . DC  A 1 2  ? -9.765  -0.077  3.433   1.00 9.03  ? 2   DC  A C2    1 
ATOM   33  O  O2    . DC  A 1 2  ? -10.390 -1.134  3.568   1.00 9.93  ? 2   DC  A O2    1 
ATOM   34  N  N3    . DC  A 1 2  ? -9.354  0.357   2.221   1.00 10.21 ? 2   DC  A N3    1 
ATOM   35  C  C4    . DC  A 1 2  ? -8.664  1.491   2.119   1.00 11.16 ? 2   DC  A C4    1 
ATOM   36  N  N4    . DC  A 1 2  ? -8.299  1.892   0.901   1.00 12.16 ? 2   DC  A N4    1 
ATOM   37  C  C5    . DC  A 1 2  ? -8.318  2.270   3.268   1.00 12.06 ? 2   DC  A C5    1 
ATOM   38  C  C6    . DC  A 1 2  ? -8.745  1.833   4.460   1.00 11.55 ? 2   DC  A C6    1 
ATOM   39  P  P     . DG  A 1 3  ? -6.579  -1.628  8.569   1.00 12.44 ? 3   DG  A P     1 
ATOM   40  O  OP1   . DG  A 1 3  ? -6.408  -2.290  9.892   1.00 14.97 ? 3   DG  A OP1   1 
ATOM   41  O  OP2   . DG  A 1 3  ? -5.450  -0.860  7.978   1.00 13.11 ? 3   DG  A OP2   1 
ATOM   42  O  "O5'" . DG  A 1 3  ? -7.083  -2.724  7.532   1.00 11.03 ? 3   DG  A "O5'" 1 
ATOM   43  C  "C5'" . DG  A 1 3  ? -6.186  -3.386  6.640   1.00 11.93 ? 3   DG  A "C5'" 1 
ATOM   44  C  "C4'" . DG  A 1 3  ? -6.973  -4.160  5.612   1.00 12.14 ? 3   DG  A "C4'" 1 
ATOM   45  O  "O4'" . DG  A 1 3  ? -7.695  -3.266  4.741   1.00 11.79 ? 3   DG  A "O4'" 1 
ATOM   46  C  "C3'" . DG  A 1 3  ? -6.121  -5.002  4.681   1.00 12.26 ? 3   DG  A "C3'" 1 
ATOM   47  O  "O3'" . DG  A 1 3  ? -5.872  -6.264  5.297   1.00 13.11 ? 3   DG  A "O3'" 1 
ATOM   48  C  "C2'" . DG  A 1 3  ? -7.002  -5.129  3.456   1.00 13.04 ? 3   DG  A "C2'" 1 
ATOM   49  C  "C1'" . DG  A 1 3  ? -7.746  -3.806  3.425   1.00 10.28 ? 3   DG  A "C1'" 1 
ATOM   50  N  N9    . DG  A 1 3  ? -7.175  -2.822  2.509   1.00 10.43 ? 3   DG  A N9    1 
ATOM   51  C  C8    . DG  A 1 3  ? -6.682  -1.580  2.814   1.00 12.42 ? 3   DG  A C8    1 
ATOM   52  N  N7    . DG  A 1 3  ? -6.277  -0.913  1.769   1.00 11.81 ? 3   DG  A N7    1 
ATOM   53  C  C5    . DG  A 1 3  ? -6.504  -1.774  0.708   1.00 11.39 ? 3   DG  A C5    1 
ATOM   54  C  C6    . DG  A 1 3  ? -6.275  -1.604  -0.689  1.00 11.01 ? 3   DG  A C6    1 
ATOM   55  O  O6    . DG  A 1 3  ? -5.819  -0.613  -1.286  1.00 11.25 ? 3   DG  A O6    1 
ATOM   56  N  N1    . DG  A 1 3  ? -6.647  -2.734  -1.404  1.00 10.76 ? 3   DG  A N1    1 
ATOM   57  C  C2    . DG  A 1 3  ? -7.169  -3.876  -0.859  1.00 11.32 ? 3   DG  A C2    1 
ATOM   58  N  N2    . DG  A 1 3  ? -7.439  -4.862  -1.718  1.00 11.44 ? 3   DG  A N2    1 
ATOM   59  N  N3    . DG  A 1 3  ? -7.402  -4.037  0.428   1.00 10.70 ? 3   DG  A N3    1 
ATOM   60  C  C4    . DG  A 1 3  ? -7.047  -2.960  1.149   1.00 9.45  ? 3   DG  A C4    1 
ATOM   61  P  P     . DT  A 1 4  ? -4.524  -7.058  4.953   1.00 12.74 ? 4   DT  A P     1 
ATOM   62  O  OP1   . DT  A 1 4  ? -4.475  -8.237  5.842   1.00 14.20 ? 4   DT  A OP1   1 
ATOM   63  O  OP2   . DT  A 1 4  ? -3.391  -6.113  4.930   1.00 14.12 ? 4   DT  A OP2   1 
ATOM   64  O  "O5'" . DT  A 1 4  ? -4.740  -7.558  3.463   1.00 12.93 ? 4   DT  A "O5'" 1 
ATOM   65  C  "C5'" . DT  A 1 4  ? -5.623  -8.647  3.176   1.00 13.78 ? 4   DT  A "C5'" 1 
ATOM   66  C  "C4'" . DT  A 1 4  ? -5.406  -9.115  1.760   1.00 11.77 ? 4   DT  A "C4'" 1 
ATOM   67  O  "O4'" . DT  A 1 4  ? -5.908  -8.134  0.831   1.00 12.37 ? 4   DT  A "O4'" 1 
ATOM   68  C  "C3'" . DT  A 1 4  ? -3.936  -9.279  1.398   1.00 13.10 ? 4   DT  A "C3'" 1 
ATOM   69  O  "O3'" . DT  A 1 4  ? -3.457  -10.561 1.799   1.00 13.52 ? 4   DT  A "O3'" 1 
ATOM   70  C  "C2'" . DT  A 1 4  ? -3.942  -9.097  -0.107  1.00 12.95 ? 4   DT  A "C2'" 1 
ATOM   71  C  "C1'" . DT  A 1 4  ? -5.055  -8.073  -0.314  1.00 10.82 ? 4   DT  A "C1'" 1 
ATOM   72  N  N1    . DT  A 1 4  ? -4.569  -6.690  -0.441  1.00 10.62 ? 4   DT  A N1    1 
ATOM   73  C  C2    . DT  A 1 4  ? -4.358  -6.187  -1.703  1.00 12.41 ? 4   DT  A C2    1 
ATOM   74  O  O2    . DT  A 1 4  ? -4.505  -6.845  -2.717  1.00 11.01 ? 4   DT  A O2    1 
ATOM   75  N  N3    . DT  A 1 4  ? -3.956  -4.879  -1.736  1.00 10.43 ? 4   DT  A N3    1 
ATOM   76  C  C4    . DT  A 1 4  ? -3.729  -4.045  -0.656  1.00 11.54 ? 4   DT  A C4    1 
ATOM   77  O  O4    . DT  A 1 4  ? -3.395  -2.879  -0.847  1.00 10.19 ? 4   DT  A O4    1 
ATOM   78  C  C5    . DT  A 1 4  ? -3.933  -4.650  0.638   1.00 10.90 ? 4   DT  A C5    1 
ATOM   79  C  C7    . DT  A 1 4  ? -3.682  -3.834  1.872   1.00 12.44 ? 4   DT  A C7    1 
ATOM   80  C  C6    . DT  A 1 4  ? -4.345  -5.919  0.680   1.00 11.96 ? 4   DT  A C6    1 
ATOM   81  P  P     . DA  A 1 5  ? -1.904  -10.749 2.140   1.00 15.46 ? 5   DA  A P     1 
ATOM   82  O  OP1   . DA  A 1 5  ? -1.726  -12.178 2.505   1.00 15.91 ? 5   DA  A OP1   1 
ATOM   83  O  OP2   . DA  A 1 5  ? -1.507  -9.689  3.105   1.00 16.38 ? 5   DA  A OP2   1 
ATOM   84  O  "O5'" . DA  A 1 5  ? -1.213  -10.476 0.733   1.00 13.80 ? 5   DA  A "O5'" 1 
ATOM   85  C  "C5'" . DA  A 1 5  ? -0.046  -9.657  0.616   1.00 15.56 ? 5   DA  A "C5'" 1 
ATOM   86  C  "C4'" . DA  A 1 5  ? 0.262   -9.433  -0.845  1.00 13.14 ? 5   DA  A "C4'" 1 
ATOM   87  O  "O4'" . DA  A 1 5  ? -0.747  -8.582  -1.431  1.00 13.43 ? 5   DA  A "O4'" 1 
ATOM   88  C  "C3'" . DA  A 1 5  ? 1.574   -8.740  -1.154  1.00 14.36 ? 5   DA  A "C3'" 1 
ATOM   89  O  "O3'" . DA  A 1 5  ? 2.647   -9.680  -1.169  1.00 13.35 ? 5   DA  A "O3'" 1 
ATOM   90  C  "C2'" . DA  A 1 5  ? 1.314   -8.141  -2.518  1.00 13.60 ? 5   DA  A "C2'" 1 
ATOM   91  C  "C1'" . DA  A 1 5  ? -0.160  -7.752  -2.429  1.00 12.70 ? 5   DA  A "C1'" 1 
ATOM   92  N  N9    . DA  A 1 5  ? -0.319  -6.363  -2.004  1.00 12.16 ? 5   DA  A N9    1 
ATOM   93  C  C8    . DA  A 1 5  ? -0.563  -5.878  -0.745  1.00 11.96 ? 5   DA  A C8    1 
ATOM   94  N  N7    . DA  A 1 5  ? -0.588  -4.569  -0.683  1.00 11.57 ? 5   DA  A N7    1 
ATOM   95  C  C5    . DA  A 1 5  ? -0.359  -4.167  -1.990  1.00 12.02 ? 5   DA  A C5    1 
ATOM   96  C  C6    . DA  A 1 5  ? -0.261  -2.899  -2.589  1.00 11.23 ? 5   DA  A C6    1 
ATOM   97  N  N6    . DA  A 1 5  ? -0.384  -1.750  -1.923  1.00 11.37 ? 5   DA  A N6    1 
ATOM   98  N  N1    . DA  A 1 5  ? -0.027  -2.850  -3.920  1.00 10.57 ? 5   DA  A N1    1 
ATOM   99  C  C2    . DA  A 1 5  ? 0.093   -3.998  -4.586  1.00 12.05 ? 5   DA  A C2    1 
ATOM   100 N  N3    . DA  A 1 5  ? 0.022   -5.248  -4.140  1.00 11.54 ? 5   DA  A N3    1 
ATOM   101 C  C4    . DA  A 1 5  ? -0.206  -5.263  -2.816  1.00 11.41 ? 5   DA  A C4    1 
HETATM 102 P  P     . 125 A 1 6  ? 4.128   -9.205  -0.774  1.00 14.98 ? 6   125 A P     1 
HETATM 103 O  OP1   . 125 A 1 6  ? 5.012   -10.399 -0.864  1.00 15.28 ? 6   125 A OP1   1 
HETATM 104 O  OP2   . 125 A 1 6  ? 4.073   -8.426  0.485   1.00 15.68 ? 6   125 A OP2   1 
HETATM 105 O  "O5'" . 125 A 1 6  ? 4.524   -8.233  -1.968  1.00 13.72 ? 6   125 A "O5'" 1 
HETATM 106 C  "C5'" . 125 A 1 6  ? 4.646   -8.750  -3.299  1.00 16.18 ? 6   125 A "C5'" 1 
HETATM 107 C  "C4'" . 125 A 1 6  ? 4.911   -7.637  -4.281  1.00 13.98 ? 6   125 A "C4'" 1 
HETATM 108 O  "O4'" . 125 A 1 6  ? 3.749   -6.775  -4.392  1.00 12.85 ? 6   125 A "O4'" 1 
HETATM 109 C  "C3'" . 125 A 1 6  ? 6.035   -6.681  -3.928  1.00 14.11 ? 6   125 A "C3'" 1 
HETATM 110 O  "O3'" . 125 A 1 6  ? 7.315   -7.190  -4.226  1.00 14.09 ? 6   125 A "O3'" 1 
HETATM 111 C  "C2'" . 125 A 1 6  ? 5.698   -5.459  -4.767  1.00 12.57 ? 6   125 A "C2'" 1 
HETATM 112 O  "O2'" . 125 A 1 6  ? 6.040   -5.777  -6.118  1.00 14.09 ? 6   125 A "O2'" 1 
HETATM 113 C  "C1'" . 125 A 1 6  ? 4.171   -5.440  -4.653  1.00 12.15 ? 6   125 A "C1'" 1 
HETATM 114 N  N1    . 125 A 1 6  ? 3.727   -4.568  -3.537  1.00 10.78 ? 6   125 A N1    1 
HETATM 115 C  C2    . 125 A 1 6  ? 3.510   -3.232  -3.808  1.00 9.98  ? 6   125 A C2    1 
HETATM 116 O  O2    . 125 A 1 6  ? 3.660   -2.746  -4.912  1.00 11.43 ? 6   125 A O2    1 
HETATM 117 N  N3    . 125 A 1 6  ? 3.118   -2.480  -2.730  1.00 11.28 ? 6   125 A N3    1 
HETATM 118 C  C4    . 125 A 1 6  ? 2.933   -2.914  -1.433  1.00 10.26 ? 6   125 A C4    1 
HETATM 119 O  O4    . 125 A 1 6  ? 2.589   -2.113  -0.567  1.00 10.24 ? 6   125 A O4    1 
HETATM 120 C  C5    . 125 A 1 6  ? 3.177   -4.324  -1.214  1.00 10.55 ? 6   125 A C5    1 
HETATM 121 C  C5M   . 125 A 1 6  ? 3.009   -4.881  0.166   1.00 13.33 ? 6   125 A C5M   1 
HETATM 122 C  C6    . 125 A 1 6  ? 3.550   -5.072  -2.266  1.00 13.06 ? 6   125 A C6    1 
HETATM 123 C  "CA'" . 125 A 1 6  ? 5.786   -4.783  -7.098  1.00 15.81 ? 6   125 A "CA'" 1 
HETATM 124 C  "CB'" . 125 A 1 6  ? 6.310   -5.305  -8.415  1.00 19.96 ? 6   125 A "CB'" 1 
HETATM 125 F  "FC'" . 125 A 1 6  ? 7.638   -5.703  -8.299  1.00 21.45 ? 6   125 A "FC'" 1 
ATOM   126 P  P     . DA  A 1 7  ? 8.582   -6.643  -3.414  1.00 14.54 ? 7   DA  A P     1 
ATOM   127 O  OP1   . DA  A 1 7  ? 9.745   -7.459  -3.833  1.00 14.23 ? 7   DA  A OP1   1 
ATOM   128 O  OP2   . DA  A 1 7  ? 8.243   -6.530  -1.984  1.00 14.83 ? 7   DA  A OP2   1 
ATOM   129 O  "O5'" . DA  A 1 7  ? 8.787   -5.164  -3.962  1.00 12.85 ? 7   DA  A "O5'" 1 
ATOM   130 C  "C5'" . DA  A 1 7  ? 9.277   -4.937  -5.283  1.00 14.48 ? 7   DA  A "C5'" 1 
ATOM   131 C  "C4'" . DA  A 1 7  ? 9.372   -3.455  -5.556  1.00 12.81 ? 7   DA  A "C4'" 1 
ATOM   132 O  "O4'" . DA  A 1 7  ? 8.050   -2.876  -5.569  1.00 11.63 ? 7   DA  A "O4'" 1 
ATOM   133 C  "C3'" . DA  A 1 7  ? 10.126  -2.631  -4.522  1.00 12.40 ? 7   DA  A "C3'" 1 
ATOM   134 O  "O3'" . DA  A 1 7  ? 11.537  -2.679  -4.711  1.00 12.57 ? 7   DA  A "O3'" 1 
ATOM   135 C  "C2'" . DA  A 1 7  ? 9.562   -1.242  -4.741  1.00 12.41 ? 7   DA  A "C2'" 1 
ATOM   136 C  "C1'" . DA  A 1 7  ? 8.104   -1.537  -5.070  1.00 10.92 ? 7   DA  A "C1'" 1 
ATOM   137 N  N9    . DA  A 1 7  ? 7.301   -1.478  -3.853  1.00 11.23 ? 7   DA  A N9    1 
ATOM   138 C  C8    . DA  A 1 7  ? 6.978   -2.493  -2.988  1.00 12.76 ? 7   DA  A C8    1 
ATOM   139 N  N7    . DA  A 1 7  ? 6.282   -2.098  -1.950  1.00 11.56 ? 7   DA  A N7    1 
ATOM   140 C  C5    . DA  A 1 7  ? 6.124   -0.734  -2.159  1.00 10.72 ? 7   DA  A C5    1 
ATOM   141 C  C6    . DA  A 1 7  ? 5.478   0.271   -1.418  1.00 10.27 ? 7   DA  A C6    1 
ATOM   142 N  N6    . DA  A 1 7  ? 4.847   0.054   -0.262  1.00 11.76 ? 7   DA  A N6    1 
ATOM   143 N  N1    . DA  A 1 7  ? 5.510   1.530   -1.911  1.00 9.51  ? 7   DA  A N1    1 
ATOM   144 C  C2    . DA  A 1 7  ? 6.155   1.752   -3.061  1.00 11.89 ? 7   DA  A C2    1 
ATOM   145 N  N3    . DA  A 1 7  ? 6.799   0.895   -3.843  1.00 9.93  ? 7   DA  A N3    1 
ATOM   146 C  C4    . DA  A 1 7  ? 6.743   -0.345  -3.331  1.00 9.93  ? 7   DA  A C4    1 
ATOM   147 P  P     . DC  A 1 8  ? 12.505  -2.422  -3.458  1.00 13.62 ? 8   DC  A P     1 
ATOM   148 O  OP1   . DC  A 1 8  ? 13.861  -2.761  -3.931  1.00 14.65 ? 8   DC  A OP1   1 
ATOM   149 O  OP2   . DC  A 1 8  ? 11.957  -3.101  -2.265  1.00 17.30 ? 8   DC  A OP2   1 
ATOM   150 O  "O5'" . DC  A 1 8  ? 12.410  -0.851  -3.200  1.00 12.47 ? 8   DC  A "O5'" 1 
ATOM   151 C  "C5'" . DC  A 1 8  ? 12.850  0.088   -4.192  1.00 14.31 ? 8   DC  A "C5'" 1 
ATOM   152 C  "C4'" . DC  A 1 8  ? 12.399  1.482   -3.830  1.00 11.39 ? 8   DC  A "C4'" 1 
ATOM   153 O  "O4'" . DC  A 1 8  ? 10.957  1.527   -3.755  1.00 11.24 ? 8   DC  A "O4'" 1 
ATOM   154 C  "C3'" . DC  A 1 8  ? 12.849  1.999   -2.469  1.00 12.86 ? 8   DC  A "C3'" 1 
ATOM   155 O  "O3'" . DC  A 1 8  ? 14.184  2.501   -2.472  1.00 13.48 ? 8   DC  A "O3'" 1 
ATOM   156 C  "C2'" . DC  A 1 8  ? 11.834  3.080   -2.187  1.00 11.55 ? 8   DC  A "C2'" 1 
ATOM   157 C  "C1'" . DC  A 1 8  ? 10.569  2.474   -2.756  1.00 10.49 ? 8   DC  A "C1'" 1 
ATOM   158 N  N1    . DC  A 1 8  ? 9.821   1.764   -1.712  1.00 10.54 ? 8   DC  A N1    1 
ATOM   159 C  C2    . DC  A 1 8  ? 8.970   2.508   -0.905  1.00 10.98 ? 8   DC  A C2    1 
ATOM   160 O  O2    . DC  A 1 8  ? 8.858   3.721   -1.121  1.00 9.73  ? 8   DC  A O2    1 
ATOM   161 N  N3    . DC  A 1 8  ? 8.291   1.893   0.088   1.00 10.38 ? 8   DC  A N3    1 
ATOM   162 C  C4    . DC  A 1 8  ? 8.442   0.581   0.289   1.00 10.56 ? 8   DC  A C4    1 
ATOM   163 N  N4    . DC  A 1 8  ? 7.758   0.027   1.293   1.00 12.14 ? 8   DC  A N4    1 
ATOM   164 C  C5    . DC  A 1 8  ? 9.303   -0.211  -0.530  1.00 11.15 ? 8   DC  A C5    1 
ATOM   165 C  C6    . DC  A 1 8  ? 9.966   0.416   -1.514  1.00 11.30 ? 8   DC  A C6    1 
ATOM   166 P  P     . DG  A 1 9  ? 14.996  2.564   -1.088  1.00 14.59 ? 9   DG  A P     1 
ATOM   167 O  OP1   . DG  A 1 9  ? 16.403  2.920   -1.398  1.00 15.53 ? 9   DG  A OP1   1 
ATOM   168 O  OP2   . DG  A 1 9  ? 14.700  1.323   -0.332  1.00 17.47 ? 9   DG  A OP2   1 
ATOM   169 O  "O5'" . DG  A 1 9  ? 14.326  3.779   -0.310  1.00 11.88 ? 9   DG  A "O5'" 1 
ATOM   170 C  "C5'" . DG  A 1 9  ? 14.367  5.101   -0.848  1.00 11.88 ? 9   DG  A "C5'" 1 
ATOM   171 C  "C4'" . DG  A 1 9  ? 13.622  6.044   0.063   1.00 9.97  ? 9   DG  A "C4'" 1 
ATOM   172 O  "O4'" . DG  A 1 9  ? 12.219  5.710   0.067   1.00 10.65 ? 9   DG  A "O4'" 1 
ATOM   173 C  "C3'" . DG  A 1 9  ? 14.016  5.984   1.527   1.00 10.26 ? 9   DG  A "C3'" 1 
ATOM   174 O  "O3'" . DG  A 1 9  ? 15.160  6.764   1.823   1.00 11.00 ? 9   DG  A "O3'" 1 
ATOM   175 C  "C2'" . DG  A 1 9  ? 12.790  6.502   2.233   1.00 11.42 ? 9   DG  A "C2'" 1 
ATOM   176 C  "C1'" . DG  A 1 9  ? 11.676  5.937   1.367   1.00 9.42  ? 9   DG  A "C1'" 1 
ATOM   177 N  N9    . DG  A 1 9  ? 11.201  4.667   1.892   1.00 10.42 ? 9   DG  A N9    1 
ATOM   178 C  C8    . DG  A 1 9  ? 11.497  3.403   1.451   1.00 11.66 ? 9   DG  A C8    1 
ATOM   179 N  N7    . DG  A 1 9  ? 10.904  2.463   2.145   1.00 10.74 ? 9   DG  A N7    1 
ATOM   180 C  C5    . DG  A 1 9  ? 10.168  3.161   3.096   1.00 10.25 ? 9   DG  A C5    1 
ATOM   181 C  C6    . DG  A 1 9  ? 9.300   2.693   4.126   1.00 10.06 ? 9   DG  A C6    1 
ATOM   182 O  O6    . DG  A 1 9  ? 8.973   1.535   4.395   1.00 11.66 ? 9   DG  A O6    1 
ATOM   183 N  N1    . DG  A 1 9  ? 8.782   3.745   4.874   1.00 10.62 ? 9   DG  A N1    1 
ATOM   184 C  C2    . DG  A 1 9  ? 9.049   5.068   4.654   1.00 9.98  ? 9   DG  A C2    1 
ATOM   185 N  N2    . DG  A 1 9  ? 8.474   5.932   5.503   1.00 11.64 ? 9   DG  A N2    1 
ATOM   186 N  N3    . DG  A 1 9  ? 9.827   5.518   3.687   1.00 10.06 ? 9   DG  A N3    1 
ATOM   187 C  C4    . DG  A 1 9  ? 10.351  4.517   2.956   1.00 9.46  ? 9   DG  A C4    1 
ATOM   188 P  P     . DC  A 1 10 ? 16.025  6.425   3.140   1.00 11.64 ? 10  DC  A P     1 
ATOM   189 O  OP1   . DC  A 1 10 ? 17.118  7.424   3.221   1.00 12.20 ? 10  DC  A OP1   1 
ATOM   190 O  OP2   . DC  A 1 10 ? 16.355  4.984   3.139   1.00 13.51 ? 10  DC  A OP2   1 
ATOM   191 O  "O5'" . DC  A 1 10 ? 15.006  6.680   4.335   1.00 11.38 ? 10  DC  A "O5'" 1 
ATOM   192 C  "C5'" . DC  A 1 10 ? 14.585  8.006   4.675   1.00 12.34 ? 10  DC  A "C5'" 1 
ATOM   193 C  "C4'" . DC  A 1 10 ? 13.831  7.996   5.985   1.00 10.49 ? 10  DC  A "C4'" 1 
ATOM   194 O  "O4'" . DC  A 1 10 ? 12.564  7.317   5.846   1.00 12.07 ? 10  DC  A "O4'" 1 
ATOM   195 C  "C3'" . DC  A 1 10 ? 14.527  7.278   7.136   1.00 12.61 ? 10  DC  A "C3'" 1 
ATOM   196 O  "O3'" . DC  A 1 10 ? 15.502  8.081   7.800   1.00 10.66 ? 10  DC  A "O3'" 1 
ATOM   197 C  "C2'" . DC  A 1 10 ? 13.380  6.922   8.048   1.00 11.63 ? 10  DC  A "C2'" 1 
ATOM   198 C  "C1'" . DC  A 1 10 ? 12.226  6.670   7.072   1.00 10.93 ? 10  DC  A "C1'" 1 
ATOM   199 N  N1    . DC  A 1 10 ? 12.034  5.240   6.817   1.00 11.53 ? 10  DC  A N1    1 
ATOM   200 C  C2    . DC  A 1 10 ? 11.208  4.514   7.674   1.00 12.08 ? 10  DC  A C2    1 
ATOM   201 O  O2    . DC  A 1 10 ? 10.646  5.095   8.600   1.00 10.59 ? 10  DC  A O2    1 
ATOM   202 N  N3    . DC  A 1 10 ? 11.047  3.191   7.477   1.00 11.21 ? 10  DC  A N3    1 
ATOM   203 C  C4    . DC  A 1 10 ? 11.678  2.585   6.473   1.00 12.58 ? 10  DC  A C4    1 
ATOM   204 N  N4    . DC  A 1 10 ? 11.499  1.273   6.329   1.00 13.64 ? 10  DC  A N4    1 
ATOM   205 C  C5    . DC  A 1 10 ? 12.523  3.301   5.573   1.00 11.96 ? 10  DC  A C5    1 
ATOM   206 C  C6    . DC  A 1 10 ? 12.665  4.618   5.776   1.00 10.97 ? 10  DC  A C6    1 
ATOM   207 O  "O5'" . DG  B 1 1  ? 3.441   -2.696  11.770  1.00 28.83 ? 11  DG  B "O5'" 1 
ATOM   208 C  "C5'" . DG  B 1 1  ? 2.948   -2.013  12.918  1.00 25.34 ? 11  DG  B "C5'" 1 
ATOM   209 C  "C4'" . DG  B 1 1  ? 3.533   -0.633  13.085  1.00 23.00 ? 11  DG  B "C4'" 1 
ATOM   210 O  "O4'" . DG  B 1 1  ? 4.970   -0.711  13.175  1.00 20.66 ? 11  DG  B "O4'" 1 
ATOM   211 C  "C3'" . DG  B 1 1  ? 3.268   0.337   11.941  1.00 22.00 ? 11  DG  B "C3'" 1 
ATOM   212 O  "O3'" . DG  B 1 1  ? 2.002   0.974   12.108  1.00 19.24 ? 11  DG  B "O3'" 1 
ATOM   213 C  "C2'" . DG  B 1 1  ? 4.410   1.313   12.070  1.00 19.81 ? 11  DG  B "C2'" 1 
ATOM   214 C  "C1'" . DG  B 1 1  ? 5.554   0.447   12.572  1.00 20.26 ? 11  DG  B "C1'" 1 
ATOM   215 N  N9    . DG  B 1 1  ? 6.459   0.004   11.528  1.00 18.66 ? 11  DG  B N9    1 
ATOM   216 C  C8    . DG  B 1 1  ? 6.633   -1.275  11.057  1.00 18.93 ? 11  DG  B C8    1 
ATOM   217 N  N7    . DG  B 1 1  ? 7.529   -1.354  10.109  1.00 17.49 ? 11  DG  B N7    1 
ATOM   218 C  C5    . DG  B 1 1  ? 7.968   -0.047  9.945   1.00 16.44 ? 11  DG  B C5    1 
ATOM   219 C  C6    . DG  B 1 1  ? 8.938   0.489   9.066   1.00 15.07 ? 11  DG  B C6    1 
ATOM   220 O  O6    . DG  B 1 1  ? 9.630   -0.103  8.235   1.00 16.28 ? 11  DG  B O6    1 
ATOM   221 N  N1    . DG  B 1 1  ? 9.074   1.863   9.230   1.00 13.57 ? 11  DG  B N1    1 
ATOM   222 C  C2    . DG  B 1 1  ? 8.370   2.625   10.130  1.00 11.78 ? 11  DG  B C2    1 
ATOM   223 N  N2    . DG  B 1 1  ? 8.646   3.930   10.147  1.00 12.31 ? 11  DG  B N2    1 
ATOM   224 N  N3    . DG  B 1 1  ? 7.462   2.137   10.956  1.00 14.48 ? 11  DG  B N3    1 
ATOM   225 C  C4    . DG  B 1 1  ? 7.314   0.802   10.810  1.00 16.33 ? 11  DG  B C4    1 
ATOM   226 P  P     . DC  B 1 2  ? 1.260   1.609   10.838  1.00 18.18 ? 12  DC  B P     1 
ATOM   227 O  OP1   . DC  B 1 2  ? -0.074  2.087   11.290  1.00 18.01 ? 12  DC  B OP1   1 
ATOM   228 O  OP2   . DC  B 1 2  ? 1.353   0.666   9.702   1.00 18.00 ? 12  DC  B OP2   1 
ATOM   229 O  "O5'" . DC  B 1 2  ? 2.148   2.880   10.488  1.00 14.66 ? 12  DC  B "O5'" 1 
ATOM   230 C  "C5'" . DC  B 1 2  ? 2.187   4.016   11.369  1.00 17.15 ? 12  DC  B "C5'" 1 
ATOM   231 C  "C4'" . DC  B 1 2  ? 3.083   5.086   10.796  1.00 16.46 ? 12  DC  B "C4'" 1 
ATOM   232 O  "O4'" . DC  B 1 2  ? 4.433   4.596   10.696  1.00 14.67 ? 12  DC  B "O4'" 1 
ATOM   233 C  "C3'" . DC  B 1 2  ? 2.740   5.526   9.372   1.00 18.05 ? 12  DC  B "C3'" 1 
ATOM   234 O  "O3'" . DC  B 1 2  ? 1.688   6.507   9.305   1.00 18.64 ? 12  DC  B "O3'" 1 
ATOM   235 C  "C2'" . DC  B 1 2  ? 4.059   6.063   8.865   1.00 14.34 ? 12  DC  B "C2'" 1 
ATOM   236 C  "C1'" . DC  B 1 2  ? 5.069   5.136   9.537   1.00 13.81 ? 12  DC  B "C1'" 1 
ATOM   237 N  N1    . DC  B 1 2  ? 5.486   4.013   8.673   1.00 12.21 ? 12  DC  B N1    1 
ATOM   238 C  C2    . DC  B 1 2  ? 6.488   4.234   7.717   1.00 11.76 ? 12  DC  B C2    1 
ATOM   239 O  O2    . DC  B 1 2  ? 6.977   5.366   7.611   1.00 10.65 ? 12  DC  B O2    1 
ATOM   240 N  N3    . DC  B 1 2  ? 6.890   3.210   6.929   1.00 11.72 ? 12  DC  B N3    1 
ATOM   241 C  C4    . DC  B 1 2  ? 6.324   2.010   7.056   1.00 11.66 ? 12  DC  B C4    1 
ATOM   242 N  N4    . DC  B 1 2  ? 6.761   1.028   6.263   1.00 12.37 ? 12  DC  B N4    1 
ATOM   243 C  C5    . DC  B 1 2  ? 5.287   1.761   8.006   1.00 12.96 ? 12  DC  B C5    1 
ATOM   244 C  C6    . DC  B 1 2  ? 4.908   2.780   8.792   1.00 12.06 ? 12  DC  B C6    1 
ATOM   245 P  P     . DG  B 1 3  ? 0.769   6.582   8.003   1.00 20.08 ? 13  DG  B P     1 
ATOM   246 O  OP1   . DG  B 1 3  ? -0.215  7.681   8.168   1.00 20.84 ? 13  DG  B OP1   1 
ATOM   247 O  OP2   . DG  B 1 3  ? 0.303   5.212   7.724   1.00 21.94 ? 13  DG  B OP2   1 
ATOM   248 O  "O5'" . DG  B 1 3  ? 1.768   7.024   6.852   1.00 14.73 ? 13  DG  B "O5'" 1 
ATOM   249 C  "C5'" . DG  B 1 3  ? 2.315   8.336   6.864   1.00 18.72 ? 13  DG  B "C5'" 1 
ATOM   250 C  "C4'" . DG  B 1 3  ? 3.298   8.501   5.735   1.00 15.45 ? 13  DG  B "C4'" 1 
ATOM   251 O  "O4'" . DG  B 1 3  ? 4.407   7.593   5.907   1.00 15.53 ? 13  DG  B "O4'" 1 
ATOM   252 C  "C3'" . DG  B 1 3  ? 2.775   8.190   4.343   1.00 12.99 ? 13  DG  B "C3'" 1 
ATOM   253 O  "O3'" . DG  B 1 3  ? 2.038   9.290   3.818   1.00 12.22 ? 13  DG  B "O3'" 1 
ATOM   254 C  "C2'" . DG  B 1 3  ? 4.062   7.949   3.581   1.00 15.41 ? 13  DG  B "C2'" 1 
ATOM   255 C  "C1'" . DG  B 1 3  ? 4.955   7.293   4.629   1.00 14.52 ? 13  DG  B "C1'" 1 
ATOM   256 N  N9    . DG  B 1 3  ? 4.991   5.845   4.465   1.00 12.59 ? 13  DG  B N9    1 
ATOM   257 C  C8    . DG  B 1 3  ? 4.318   4.880   5.178   1.00 12.76 ? 13  DG  B C8    1 
ATOM   258 N  N7    . DG  B 1 3  ? 4.558   3.671   4.745   1.00 11.64 ? 13  DG  B N7    1 
ATOM   259 C  C5    . DG  B 1 3  ? 5.446   3.855   3.689   1.00 10.87 ? 13  DG  B C5    1 
ATOM   260 C  C6    . DG  B 1 3  ? 6.069   2.917   2.820   1.00 11.18 ? 13  DG  B C6    1 
ATOM   261 O  O6    . DG  B 1 3  ? 5.958   1.689   2.803   1.00 11.55 ? 13  DG  B O6    1 
ATOM   262 N  N1    . DG  B 1 3  ? 6.891   3.547   1.891   1.00 11.16 ? 13  DG  B N1    1 
ATOM   263 C  C2    . DG  B 1 3  ? 7.089   4.901   1.804   1.00 9.84  ? 13  DG  B C2    1 
ATOM   264 N  N2    . DG  B 1 3  ? 7.910   5.328   0.832   1.00 11.65 ? 13  DG  B N2    1 
ATOM   265 N  N3    . DG  B 1 3  ? 6.524   5.779   2.605   1.00 11.58 ? 13  DG  B N3    1 
ATOM   266 C  C4    . DG  B 1 3  ? 5.721   5.192   3.515   1.00 10.15 ? 13  DG  B C4    1 
ATOM   267 P  P     . DT  B 1 4  ? 1.022   9.050   2.597   1.00 12.20 ? 14  DT  B P     1 
ATOM   268 O  OP1   . DT  B 1 4  ? 0.317   10.338  2.371   1.00 13.86 ? 14  DT  B OP1   1 
ATOM   269 O  OP2   . DT  B 1 4  ? 0.231   7.818   2.843   1.00 11.85 ? 14  DT  B OP2   1 
ATOM   270 O  "O5'" . DT  B 1 4  ? 1.982   8.784   1.356   1.00 11.34 ? 14  DT  B "O5'" 1 
ATOM   271 C  "C5'" . DT  B 1 4  ? 2.815   9.832   0.849   1.00 12.16 ? 14  DT  B "C5'" 1 
ATOM   272 C  "C4'" . DT  B 1 4  ? 3.644   9.326   -0.306  1.00 11.74 ? 14  DT  B "C4'" 1 
ATOM   273 O  "O4'" . DT  B 1 4  ? 4.618   8.365   0.157   1.00 10.59 ? 14  DT  B "O4'" 1 
ATOM   274 C  "C3'" . DT  B 1 4  ? 2.880   8.573   -1.383  1.00 10.87 ? 14  DT  B "C3'" 1 
ATOM   275 O  "O3'" . DT  B 1 4  ? 2.203   9.431   -2.290  1.00 10.86 ? 14  DT  B "O3'" 1 
ATOM   276 C  "C2'" . DT  B 1 4  ? 3.977   7.780   -2.056  1.00 11.26 ? 14  DT  B "C2'" 1 
ATOM   277 C  "C1'" . DT  B 1 4  ? 4.855   7.401   -0.875  1.00 11.73 ? 14  DT  B "C1'" 1 
ATOM   278 N  N1    . DT  B 1 4  ? 4.456   6.076   -0.374  1.00 10.37 ? 14  DT  B N1    1 
ATOM   279 C  C2    . DT  B 1 4  ? 4.996   4.980   -0.997  1.00 10.15 ? 14  DT  B C2    1 
ATOM   280 O  O2    . DT  B 1 4  ? 5.794   5.068   -1.911  1.00 10.92 ? 14  DT  B O2    1 
ATOM   281 N  N3    . DT  B 1 4  ? 4.565   3.776   -0.516  1.00 10.97 ? 14  DT  B N3    1 
ATOM   282 C  C4    . DT  B 1 4  ? 3.663   3.559   0.502   1.00 10.00 ? 14  DT  B C4    1 
ATOM   283 O  O4    . DT  B 1 4  ? 3.363   2.407   0.814   1.00 9.69  ? 14  DT  B O4    1 
ATOM   284 C  C5    . DT  B 1 4  ? 3.135   4.754   1.122   1.00 10.47 ? 14  DT  B C5    1 
ATOM   285 C  C7    . DT  B 1 4  ? 2.145   4.613   2.236   1.00 10.77 ? 14  DT  B C7    1 
ATOM   286 C  C6    . DT  B 1 4  ? 3.558   5.942   0.664   1.00 10.22 ? 14  DT  B C6    1 
ATOM   287 P  P     . DA  B 1 5  ? 0.900   8.883   -3.050  1.00 12.40 ? 15  DA  B P     1 
ATOM   288 O  OP1   . DA  B 1 5  ? 0.326   10.008  -3.828  1.00 13.30 ? 15  DA  B OP1   1 
ATOM   289 O  OP2   . DA  B 1 5  ? 0.025   8.118   -2.123  1.00 12.95 ? 15  DA  B OP2   1 
ATOM   290 O  "O5'" . DA  B 1 5  ? 1.495   7.819   -4.071  1.00 11.36 ? 15  DA  B "O5'" 1 
ATOM   291 C  "C5'" . DA  B 1 5  ? 2.345   8.228   -5.153  1.00 11.84 ? 15  DA  B "C5'" 1 
ATOM   292 C  "C4'" . DA  B 1 5  ? 2.841   7.022   -5.914  1.00 10.96 ? 15  DA  B "C4'" 1 
ATOM   293 O  "O4'" . DA  B 1 5  ? 3.619   6.175   -5.046  1.00 11.09 ? 15  DA  B "O4'" 1 
ATOM   294 C  "C3'" . DA  B 1 5  ? 1.757   6.103   -6.452  1.00 11.88 ? 15  DA  B "C3'" 1 
ATOM   295 O  "O3'" . DA  B 1 5  ? 1.235   6.560   -7.690  1.00 11.04 ? 15  DA  B "O3'" 1 
ATOM   296 C  "C2'" . DA  B 1 5  ? 2.483   4.781   -6.598  1.00 11.04 ? 15  DA  B "C2'" 1 
ATOM   297 C  "C1'" . DA  B 1 5  ? 3.430   4.804   -5.412  1.00 10.99 ? 15  DA  B "C1'" 1 
ATOM   298 N  N9    . DA  B 1 5  ? 2.872   4.093   -4.263  1.00 9.86  ? 15  DA  B N9    1 
ATOM   299 C  C8    . DA  B 1 5  ? 2.222   4.605   -3.165  1.00 10.70 ? 15  DA  B C8    1 
ATOM   300 N  N7    . DA  B 1 5  ? 1.844   3.689   -2.304  1.00 9.92  ? 15  DA  B N7    1 
ATOM   301 C  C5    . DA  B 1 5  ? 2.276   2.498   -2.872  1.00 8.87  ? 15  DA  B C5    1 
ATOM   302 C  C6    . DA  B 1 5  ? 2.197   1.161   -2.452  1.00 9.26  ? 15  DA  B C6    1 
ATOM   303 N  N6    . DA  B 1 5  ? 1.636   0.778   -1.303  1.00 10.19 ? 15  DA  B N6    1 
ATOM   304 N  N1    . DA  B 1 5  ? 2.725   0.213   -3.259  1.00 9.26  ? 15  DA  B N1    1 
ATOM   305 C  C2    . DA  B 1 5  ? 3.299   0.597   -4.406  1.00 9.21  ? 15  DA  B C2    1 
ATOM   306 N  N3    . DA  B 1 5  ? 3.444   1.819   -4.907  1.00 9.47  ? 15  DA  B N3    1 
ATOM   307 C  C4    . DA  B 1 5  ? 2.906   2.734   -4.081  1.00 9.42  ? 15  DA  B C4    1 
HETATM 308 P  P     . 125 B 1 6  ? -0.225  6.089   -8.149  1.00 12.03 ? 16  125 B P     1 
HETATM 309 O  OP1   . 125 B 1 6  ? -0.604  6.934   -9.314  1.00 12.68 ? 16  125 B OP1   1 
HETATM 310 O  OP2   . 125 B 1 6  ? -1.133  5.998   -6.979  1.00 14.57 ? 16  125 B OP2   1 
HETATM 311 O  "O5'" . 125 B 1 6  ? 0.007   4.601   -8.659  1.00 12.71 ? 16  125 B "O5'" 1 
HETATM 312 C  "C5'" . 125 B 1 6  ? 0.785   4.334   -9.830  1.00 13.22 ? 16  125 B "C5'" 1 
HETATM 313 C  "C4'" . 125 B 1 6  ? 0.875   2.847   -10.060 1.00 12.21 ? 16  125 B "C4'" 1 
HETATM 314 O  "O4'" . 125 B 1 6  ? 1.656   2.224   -9.002  1.00 11.52 ? 16  125 B "O4'" 1 
HETATM 315 C  "C3'" . 125 B 1 6  ? -0.442  2.095   -10.015 1.00 13.21 ? 16  125 B "C3'" 1 
HETATM 316 O  "O3'" . 125 B 1 6  ? -1.219  2.206   -11.194 1.00 12.75 ? 16  125 B "O3'" 1 
HETATM 317 C  "C2'" . 125 B 1 6  ? 0.015   0.670   -9.731  1.00 12.10 ? 16  125 B "C2'" 1 
HETATM 318 O  "O2'" . 125 B 1 6  ? 0.618   0.150   -10.911 1.00 13.68 ? 16  125 B "O2'" 1 
HETATM 319 C  "C1'" . 125 B 1 6  ? 1.155   0.920   -8.744  1.00 11.74 ? 16  125 B "C1'" 1 
HETATM 320 N  N1    . 125 B 1 6  ? 0.657   0.863   -7.353  1.00 10.17 ? 16  125 B N1    1 
HETATM 321 C  C2    . 125 B 1 6  ? 0.624   -0.368  -6.743  1.00 10.70 ? 16  125 B C2    1 
HETATM 322 O  O2    . 125 B 1 6  ? 0.980   -1.392  -7.299  1.00 12.13 ? 16  125 B O2    1 
HETATM 323 N  N3    . 125 B 1 6  ? 0.141   -0.360  -5.458  1.00 11.46 ? 16  125 B N3    1 
HETATM 324 C  C4    . 125 B 1 6  ? -0.314  0.729   -4.745  1.00 11.28 ? 16  125 B C4    1 
HETATM 325 O  O4    . 125 B 1 6  ? -0.717  0.579   -3.598  1.00 11.70 ? 16  125 B O4    1 
HETATM 326 C  C5    . 125 B 1 6  ? -0.262  1.990   -5.448  1.00 10.31 ? 16  125 B C5    1 
HETATM 327 C  C5M   . 125 B 1 6  ? -0.777  3.210   -4.764  1.00 10.96 ? 16  125 B C5M   1 
HETATM 328 C  C6    . 125 B 1 6  ? 0.223   1.998   -6.699  1.00 11.21 ? 16  125 B C6    1 
HETATM 329 C  "CA'" . 125 B 1 6  ? 1.094   -1.188  -10.850 1.00 16.61 ? 16  125 B "CA'" 1 
HETATM 330 C  "CB'" . 125 B 1 6  ? 1.560   -1.602  -12.225 1.00 18.21 ? 16  125 B "CB'" 1 
HETATM 331 F  "FC'" . 125 B 1 6  ? 0.469   -1.671  -13.094 1.00 20.67 ? 16  125 B "FC'" 1 
ATOM   332 P  P     . DA  B 1 7  ? -2.821  2.145   -11.093 1.00 14.39 ? 17  DA  B P     1 
ATOM   333 O  OP1   . DA  B 1 7  ? -3.348  2.492   -12.433 1.00 15.33 ? 17  DA  B OP1   1 
ATOM   334 O  OP2   . DA  B 1 7  ? -3.265  2.916   -9.914  1.00 15.58 ? 17  DA  B OP2   1 
ATOM   335 O  "O5'" . DA  B 1 7  ? -3.122  0.609   -10.810 1.00 14.96 ? 17  DA  B "O5'" 1 
ATOM   336 C  "C5'" . DA  B 1 7  ? -2.827  -0.375  -11.797 1.00 15.70 ? 17  DA  B "C5'" 1 
ATOM   337 C  "C4'" . DA  B 1 7  ? -3.103  -1.761  -11.266 1.00 15.97 ? 17  DA  B "C4'" 1 
ATOM   338 O  "O4'" . DA  B 1 7  ? -2.182  -2.085  -10.197 1.00 14.43 ? 17  DA  B "O4'" 1 
ATOM   339 C  "C3'" . DA  B 1 7  ? -4.476  -1.992  -10.650 1.00 16.30 ? 17  DA  B "C3'" 1 
ATOM   340 O  "O3'" . DA  B 1 7  ? -5.511  -2.193  -11.617 1.00 18.97 ? 17  DA  B "O3'" 1 
ATOM   341 C  "C2'" . DA  B 1 7  ? -4.238  -3.218  -9.803  1.00 14.83 ? 17  DA  B "C2'" 1 
ATOM   342 C  "C1'" . DA  B 1 7  ? -2.819  -2.983  -9.289  1.00 14.52 ? 17  DA  B "C1'" 1 
ATOM   343 N  N9    . DA  B 1 7  ? -2.873  -2.350  -7.979  1.00 12.60 ? 17  DA  B N9    1 
ATOM   344 C  C8    . DA  B 1 7  ? -2.841  -1.016  -7.683  1.00 12.24 ? 17  DA  B C8    1 
ATOM   345 N  N7    . DA  B 1 7  ? -2.955  -0.744  -6.409  1.00 11.34 ? 17  DA  B N7    1 
ATOM   346 C  C5    . DA  B 1 7  ? -3.059  -1.996  -5.819  1.00 12.15 ? 17  DA  B C5    1 
ATOM   347 C  C6    . DA  B 1 7  ? -3.208  -2.402  -4.483  1.00 10.82 ? 17  DA  B C6    1 
ATOM   348 N  N6    . DA  B 1 7  ? -3.263  -1.556  -3.452  1.00 10.74 ? 17  DA  B N6    1 
ATOM   349 N  N1    . DA  B 1 7  ? -3.295  -3.726  -4.233  1.00 10.13 ? 17  DA  B N1    1 
ATOM   350 C  C2    . DA  B 1 7  ? -3.222  -4.577  -5.266  1.00 11.32 ? 17  DA  B C2    1 
ATOM   351 N  N3    . DA  B 1 7  ? -3.074  -4.317  -6.560  1.00 11.63 ? 17  DA  B N3    1 
ATOM   352 C  C4    . DA  B 1 7  ? -3.003  -2.993  -6.772  1.00 12.56 ? 17  DA  B C4    1 
ATOM   353 P  P     . DC  B 1 8  ? -6.979  -1.620  -11.312 1.00 19.36 ? 18  DC  B P     1 
ATOM   354 O  OP1   . DC  B 1 8  ? -7.799  -1.742  -12.531 1.00 19.45 ? 18  DC  B OP1   1 
ATOM   355 O  OP2   . DC  B 1 8  ? -6.801  -0.297  -10.676 1.00 21.39 ? 18  DC  B OP2   1 
ATOM   356 O  "O5'" . DC  B 1 8  ? -7.575  -2.619  -10.227 1.00 18.83 ? 18  DC  B "O5'" 1 
ATOM   357 C  "C5'" . DC  B 1 8  ? -7.724  -4.009  -10.527 1.00 19.03 ? 18  DC  B "C5'" 1 
ATOM   358 C  "C4'" . DC  B 1 8  ? -7.909  -4.797  -9.259  1.00 15.90 ? 18  DC  B "C4'" 1 
ATOM   359 O  "O4'" . DC  B 1 8  ? -6.777  -4.644  -8.396  1.00 14.10 ? 18  DC  B "O4'" 1 
ATOM   360 C  "C3'" . DC  B 1 8  ? -9.100  -4.414  -8.386  1.00 16.02 ? 18  DC  B "C3'" 1 
ATOM   361 O  "O3'" . DC  B 1 8  ? -10.328 -4.976  -8.838  1.00 19.95 ? 18  DC  B "O3'" 1 
ATOM   362 C  "C2'" . DC  B 1 8  ? -8.693  -4.967  -7.038  1.00 15.24 ? 18  DC  B "C2'" 1 
ATOM   363 C  "C1'" . DC  B 1 8  ? -7.198  -4.740  -7.024  1.00 13.12 ? 18  DC  B "C1'" 1 
ATOM   364 N  N1    . DC  B 1 8  ? -6.861  -3.479  -6.333  1.00 13.15 ? 18  DC  B N1    1 
ATOM   365 C  C2    . DC  B 1 8  ? -6.730  -3.511  -4.939  1.00 11.47 ? 18  DC  B C2    1 
ATOM   366 O  O2    . DC  B 1 8  ? -6.838  -4.594  -4.359  1.00 11.86 ? 18  DC  B O2    1 
ATOM   367 N  N3    . DC  B 1 8  ? -6.497  -2.362  -4.263  1.00 12.00 ? 18  DC  B N3    1 
ATOM   368 C  C4    . DC  B 1 8  ? -6.383  -1.211  -4.927  1.00 12.52 ? 18  DC  B C4    1 
ATOM   369 N  N4    . DC  B 1 8  ? -6.177  -0.099  -4.214  1.00 14.61 ? 18  DC  B N4    1 
ATOM   370 C  C5    . DC  B 1 8  ? -6.480  -1.149  -6.353  1.00 14.19 ? 18  DC  B C5    1 
ATOM   371 C  C6    . DC  B 1 8  ? -6.716  -2.298  -7.011  1.00 13.98 ? 18  DC  B C6    1 
ATOM   372 P  P     . DG  B 1 9  ? -11.730 -4.407  -8.285  1.00 18.93 ? 19  DG  B P     1 
ATOM   373 O  OP1   . DG  B 1 9  ? -12.810 -5.192  -8.936  1.00 19.40 ? 19  DG  B OP1   1 
ATOM   374 O  OP2   . DG  B 1 9  ? -11.749 -2.939  -8.371  1.00 21.76 ? 19  DG  B OP2   1 
ATOM   375 O  "O5'" . DG  B 1 9  ? -11.748 -4.837  -6.759  1.00 17.29 ? 19  DG  B "O5'" 1 
ATOM   376 C  "C5'" . DG  B 1 9  ? -11.842 -6.217  -6.408  1.00 14.71 ? 19  DG  B "C5'" 1 
ATOM   377 C  "C4'" . DG  B 1 9  ? -11.756 -6.383  -4.914  1.00 12.62 ? 19  DG  B "C4'" 1 
ATOM   378 O  "O4'" . DG  B 1 9  ? -10.540 -5.765  -4.442  1.00 11.59 ? 19  DG  B "O4'" 1 
ATOM   379 C  "C3'" . DG  B 1 9  ? -12.865 -5.725  -4.112  1.00 13.52 ? 19  DG  B "C3'" 1 
ATOM   380 O  "O3'" . DG  B 1 9  ? -14.009 -6.579  -4.041  1.00 11.11 ? 19  DG  B "O3'" 1 
ATOM   381 C  "C2'" . DG  B 1 9  ? -12.209 -5.526  -2.761  1.00 12.36 ? 19  DG  B "C2'" 1 
ATOM   382 C  "C1'" . DG  B 1 9  ? -10.749 -5.265  -3.128  1.00 9.95  ? 19  DG  B "C1'" 1 
ATOM   383 N  N9    . DG  B 1 9  ? -10.390 -3.851  -3.105  1.00 10.96 ? 19  DG  B N9    1 
ATOM   384 C  C8    . DG  B 1 9  ? -10.074 -3.021  -4.152  1.00 11.27 ? 19  DG  B C8    1 
ATOM   385 N  N7    . DG  B 1 9  ? -9.762  -1.811  -3.760  1.00 10.69 ? 19  DG  B N7    1 
ATOM   386 C  C5    . DG  B 1 9  ? -9.893  -1.849  -2.380  1.00 10.64 ? 19  DG  B C5    1 
ATOM   387 C  C6    . DG  B 1 9  ? -9.676  -0.848  -1.392  1.00 10.68 ? 19  DG  B C6    1 
ATOM   388 O  O6    . DG  B 1 9  ? -9.294  0.323   -1.544  1.00 10.87 ? 19  DG  B O6    1 
ATOM   389 N  N1    . DG  B 1 9  ? -9.932  -1.327  -0.108  1.00 10.17 ? 19  DG  B N1    1 
ATOM   390 C  C2    . DG  B 1 9  ? -10.345 -2.605  0.186   1.00 9.97  ? 19  DG  B C2    1 
ATOM   391 N  N2    . DG  B 1 9  ? -10.567 -2.883  1.479   1.00 9.32  ? 19  DG  B N2    1 
ATOM   392 N  N3    . DG  B 1 9  ? -10.537 -3.541  -0.718  1.00 9.61  ? 19  DG  B N3    1 
ATOM   393 C  C4    . DG  B 1 9  ? -10.295 -3.099  -1.967  1.00 10.25 ? 19  DG  B C4    1 
ATOM   394 P  P     . DC  B 1 10 ? -15.455 -5.959  -3.744  1.00 15.64 ? 20  DC  B P     1 
ATOM   395 O  OP1   . DC  B 1 10 ? -16.473 -7.022  -3.941  1.00 16.16 ? 20  DC  B OP1   1 
ATOM   396 O  OP2   . DC  B 1 10 ? -15.578 -4.687  -4.478  1.00 18.36 ? 20  DC  B OP2   1 
ATOM   397 O  "O5'" . DC  B 1 10 ? -15.403 -5.588  -2.203  1.00 12.45 ? 20  DC  B "O5'" 1 
ATOM   398 C  "C5'" . DC  B 1 10 ? -15.309 -6.608  -1.201  1.00 13.98 ? 20  DC  B "C5'" 1 
ATOM   399 C  "C4'" . DC  B 1 10 ? -15.299 -5.974  0.170   1.00 9.61  ? 20  DC  B "C4'" 1 
ATOM   400 O  "O4'" . DC  B 1 10 ? -14.105 -5.181  0.329   1.00 10.08 ? 20  DC  B "O4'" 1 
ATOM   401 C  "C3'" . DC  B 1 10 ? -16.446 -5.001  0.428   1.00 11.28 ? 20  DC  B "C3'" 1 
ATOM   402 O  "O3'" . DC  B 1 10 ? -17.618 -5.650  0.905   1.00 11.60 ? 20  DC  B "O3'" 1 
ATOM   403 C  "C2'" . DC  B 1 10 ? -15.867 -4.072  1.474   1.00 10.80 ? 20  DC  B "C2'" 1 
ATOM   404 C  "C1'" . DC  B 1 10 ? -14.392 -4.016  1.100   1.00 10.52 ? 20  DC  B "C1'" 1 
ATOM   405 N  N1    . DC  B 1 10 ? -13.998 -2.836  0.313   1.00 9.31  ? 20  DC  B N1    1 
ATOM   406 C  C2    . DC  B 1 10 ? -13.609 -1.681  0.994   1.00 9.20  ? 20  DC  B C2    1 
ATOM   407 O  O2    . DC  B 1 10 ? -13.683 -1.668  2.230   1.00 9.85  ? 20  DC  B O2    1 
ATOM   408 N  N3    . DC  B 1 10 ? -13.169 -0.613  0.292   1.00 9.64  ? 20  DC  B N3    1 
ATOM   409 C  C4    . DC  B 1 10 ? -13.125 -0.666  -1.039  1.00 10.92 ? 20  DC  B C4    1 
ATOM   410 N  N4    . DC  B 1 10 ? -12.630 0.393   -1.688  1.00 11.39 ? 20  DC  B N4    1 
ATOM   411 C  C5    . DC  B 1 10 ? -13.566 -1.812  -1.757  1.00 10.92 ? 20  DC  B C5    1 
ATOM   412 C  C6    . DC  B 1 10 ? -13.990 -2.868  -1.055  1.00 10.06 ? 20  DC  B C6    1 
HETATM 413 RB RB    . RB  C 2 .  ? 16.651  9.254   0.904   1.00 14.71 ? 21  RB  A RB    1 
HETATM 414 RB RB    . RB  D 2 .  ? -3.167  -0.288  0.606   1.00 30.00 ? 22  RB  A RB    1 
HETATM 415 RB RB    . RB  E 2 .  ? 18.977  3.979   2.745   1.00 69.00 ? 23  RB  A RB    1 
HETATM 416 O  O     . HOH F 3 .  ? -11.719 -2.702  5.494   1.00 11.73 ? 102 HOH A O     1 
HETATM 417 O  O     . HOH F 3 .  ? 9.170   -1.234  4.042   1.00 14.52 ? 105 HOH A O     1 
HETATM 418 O  O     . HOH F 3 .  ? 2.416   -5.995  -7.663  1.00 17.55 ? 106 HOH A O     1 
HETATM 419 O  O     . HOH F 3 .  ? 6.254   -3.645  0.406   1.00 14.33 ? 107 HOH A O     1 
HETATM 420 O  O     . HOH F 3 .  ? -1.468  -6.945  2.871   1.00 16.61 ? 108 HOH A O     1 
HETATM 421 O  O     . HOH F 3 .  ? 15.938  10.884  7.363   1.00 14.27 ? 109 HOH A O     1 
HETATM 422 O  O     . HOH F 3 .  ? 9.843   8.255   4.021   1.00 15.64 ? 110 HOH A O     1 
HETATM 423 O  O     . HOH F 3 .  ? -5.253  0.008   5.390   1.00 14.70 ? 112 HOH A O     1 
HETATM 424 O  O     . HOH F 3 .  ? -5.381  2.753   10.616  1.00 16.15 ? 113 HOH A O     1 
HETATM 425 O  O     . HOH F 3 .  ? 17.606  7.683   6.131   1.00 12.81 ? 114 HOH A O     1 
HETATM 426 O  O     . HOH F 3 .  ? 5.133   -1.597  -7.042  1.00 16.48 ? 116 HOH A O     1 
HETATM 427 O  O     . HOH F 3 .  ? -4.771  2.458   4.756   1.00 19.67 ? 119 HOH A O     1 
HETATM 428 O  O     . HOH F 3 .  ? -12.552 1.636   8.063   1.00 15.30 ? 121 HOH A O     1 
HETATM 429 O  O     . HOH F 3 .  ? 7.195   -8.559  -7.189  1.00 19.06 ? 123 HOH A O     1 
HETATM 430 O  O     . HOH F 3 .  ? 11.351  -0.290  2.320   1.00 18.96 ? 125 HOH A O     1 
HETATM 431 O  O     . HOH F 3 .  ? 6.179   -6.311  0.314   1.00 18.59 ? 126 HOH A O     1 
HETATM 432 O  O     . HOH F 3 .  ? 2.078   -1.899  2.242   1.00 15.33 ? 129 HOH A O     1 
HETATM 433 O  O     . HOH F 3 .  ? 0.477   -7.359  -6.101  1.00 14.55 ? 131 HOH A O     1 
HETATM 434 O  O     . HOH F 3 .  ? -5.893  -0.927  12.304  1.00 23.99 ? 132 HOH A O     1 
HETATM 435 O  O     . HOH F 3 .  ? -9.824  7.555   9.492   1.00 23.80 ? 134 HOH A O     1 
HETATM 436 O  O     . HOH F 3 .  ? -6.600  2.240   -1.754  1.00 17.38 ? 135 HOH A O     1 
HETATM 437 O  O     . HOH F 3 .  ? -5.003  1.666   1.900   1.00 19.82 ? 136 HOH A O     1 
HETATM 438 O  O     . HOH F 3 .  ? -4.234  1.205   9.375   1.00 20.55 ? 137 HOH A O     1 
HETATM 439 O  O     . HOH F 3 .  ? 2.661   -8.086  2.937   1.00 23.10 ? 138 HOH A O     1 
HETATM 440 O  O     . HOH F 3 .  ? -6.540  4.539   0.927   1.00 23.82 ? 139 HOH A O     1 
HETATM 441 O  O     . HOH F 3 .  ? 1.429   -10.077 3.630   1.00 27.62 ? 141 HOH A O     1 
HETATM 442 O  O     . HOH F 3 .  ? 8.668   -3.002  1.427   1.00 23.07 ? 142 HOH A O     1 
HETATM 443 O  O     . HOH F 3 .  ? -2.563  -3.846  5.820   1.00 26.00 ? 143 HOH A O     1 
HETATM 444 O  O     . HOH F 3 .  ? -11.318 -8.993  7.483   1.00 18.62 ? 145 HOH A O     1 
HETATM 445 O  O     . HOH F 3 .  ? 9.889   -4.030  -0.743  1.00 20.35 ? 147 HOH A O     1 
HETATM 446 O  O     . HOH F 3 .  ? -2.354  -10.028 5.927   1.00 27.38 ? 148 HOH A O     1 
HETATM 447 O  O     . HOH F 3 .  ? 12.614  -1.825  0.313   1.00 23.03 ? 150 HOH A O     1 
HETATM 448 O  O     . HOH F 3 .  ? -7.061  6.988   9.892   1.00 18.85 ? 151 HOH A O     1 
HETATM 449 O  O     . HOH F 3 .  ? -9.460  -6.947  6.866   1.00 27.14 ? 152 HOH A O     1 
HETATM 450 O  O     . HOH F 3 .  ? 4.052   -2.726  -9.454  1.00 21.68 ? 154 HOH A O     1 
HETATM 451 O  O     . HOH F 3 .  ? 16.173  -2.263  -2.067  1.00 30.70 ? 156 HOH A O     1 
HETATM 452 O  O     . HOH F 3 .  ? -7.258  -4.683  10.462  1.00 25.48 ? 157 HOH A O     1 
HETATM 453 O  O     . HOH F 3 .  ? 18.223  0.943   0.052   1.00 23.33 ? 159 HOH A O     1 
HETATM 454 O  O     . HOH F 3 .  ? -3.329  -1.286  4.028   1.00 24.64 ? 164 HOH A O     1 
HETATM 455 O  O     . HOH F 3 .  ? 14.556  2.475   2.844   1.00 27.83 ? 165 HOH A O     1 
HETATM 456 O  O     . HOH F 3 .  ? -7.406  -8.656  6.703   1.00 20.25 ? 166 HOH A O     1 
HETATM 457 O  O     . HOH F 3 .  ? -5.766  8.708   7.786   1.00 25.01 ? 172 HOH A O     1 
HETATM 458 O  O     . HOH F 3 .  ? 12.577  0.594   1.154   1.00 29.72 ? 174 HOH A O     1 
HETATM 459 O  O     . HOH F 3 .  ? 18.145  4.619   0.481   1.00 25.92 ? 175 HOH A O     1 
HETATM 460 O  O     . HOH F 3 .  ? 12.755  -0.449  4.504   1.00 24.53 ? 179 HOH A O     1 
HETATM 461 O  O     . HOH F 3 .  ? 0.898   -6.048  2.575   1.00 24.68 ? 181 HOH A O     1 
HETATM 462 O  O     . HOH F 3 .  ? 18.017  3.902   1.330   1.00 28.60 ? 185 HOH A O     1 
HETATM 463 O  O     . HOH F 3 .  ? 11.691  10.364  3.620   1.00 24.42 ? 189 HOH A O     1 
HETATM 464 O  O     . HOH F 3 .  ? 15.694  0.549   -6.195  1.00 31.92 ? 190 HOH A O     1 
HETATM 465 O  O     . HOH F 3 .  ? 0.017   -3.574  1.933   1.00 25.01 ? 194 HOH A O     1 
HETATM 466 O  O     . HOH F 3 .  ? 19.761  2.169   0.892   1.00 33.39 ? 195 HOH A O     1 
HETATM 467 O  O     . HOH F 3 .  ? 2.907   -2.848  -6.948  1.00 32.69 ? 196 HOH A O     1 
HETATM 468 O  O     . HOH F 3 .  ? -7.391  -7.110  4.357   1.00 27.32 ? 197 HOH A O     1 
HETATM 469 O  O     . HOH F 3 .  ? 2.250   -7.204  0.309   1.00 32.85 ? 201 HOH A O     1 
HETATM 470 O  O     . HOH F 3 .  ? -7.510  6.334   3.326   1.00 30.88 ? 203 HOH A O     1 
HETATM 471 O  O     . HOH F 3 .  ? 12.189  -7.413  -4.477  1.00 28.07 ? 205 HOH A O     1 
HETATM 472 O  O     . HOH F 3 .  ? -7.167  -5.710  1.069   1.00 34.37 ? 207 HOH A O     1 
HETATM 473 O  O     . HOH F 3 .  ? -0.617  -2.275  1.005   1.00 22.19 ? 208 HOH A O     1 
HETATM 474 O  O     . HOH F 3 .  ? -2.928  -2.342  7.927   1.00 26.75 ? 209 HOH A O     1 
HETATM 475 O  O     . HOH F 3 .  ? -5.717  -12.061 3.190   1.00 31.40 ? 210 HOH A O     1 
HETATM 476 O  O     . HOH F 3 .  ? 10.819  6.638   9.615   1.00 34.60 ? 213 HOH A O     1 
HETATM 477 O  O     . HOH F 3 .  ? 4.910   -13.034 -1.641  1.00 24.24 ? 214 HOH A O     1 
HETATM 478 O  O     . HOH F 3 .  ? -4.577  -7.777  8.906   1.00 28.78 ? 224 HOH A O     1 
HETATM 479 O  O     . HOH F 3 .  ? 10.058  -7.007  -7.380  1.00 34.03 ? 228 HOH A O     1 
HETATM 480 O  O     . HOH F 3 .  ? -3.960  -13.616 3.613   1.00 27.07 ? 229 HOH A O     1 
HETATM 481 O  O     . HOH F 3 .  ? 0.895   -4.923  -6.636  1.00 30.95 ? 234 HOH A O     1 
HETATM 482 O  O     . HOH F 3 .  ? -10.236 3.949   -2.079  1.00 28.99 ? 236 HOH A O     1 
HETATM 483 O  O     . HOH F 3 .  ? 4.753   -2.019  1.996   1.00 23.52 ? 237 HOH A O     1 
HETATM 484 O  O     . HOH F 3 .  ? -12.245 7.895   0.982   1.00 32.46 ? 239 HOH A O     1 
HETATM 485 O  O     . HOH F 3 .  ? 2.959   -4.376  -7.432  1.00 29.46 ? 242 HOH A O     1 
HETATM 486 O  O     . HOH F 3 .  ? 12.081  8.296   0.950   1.00 30.04 ? 244 HOH A O     1 
HETATM 487 O  O     . HOH F 3 .  ? 14.621  -5.188  -4.196  1.00 31.89 ? 246 HOH A O     1 
HETATM 488 O  O     . HOH F 3 .  ? 11.525  -6.049  -7.893  1.00 34.20 ? 251 HOH A O     1 
HETATM 489 O  O     . HOH F 3 .  ? -2.453  -6.790  1.624   1.00 30.17 ? 252 HOH A O     1 
HETATM 490 O  O     . HOH F 3 .  ? -6.534  5.383   3.465   1.00 29.67 ? 254 HOH A O     1 
HETATM 491 O  O     . HOH F 3 .  ? 3.020   -4.779  3.182   1.00 32.47 ? 255 HOH A O     1 
HETATM 492 O  O     . HOH F 3 .  ? 5.531   -10.254 2.621   1.00 28.42 ? 256 HOH A O     1 
HETATM 493 O  O     . HOH F 3 .  ? 4.768   -12.643 0.884   1.00 28.10 ? 258 HOH A O     1 
HETATM 494 O  O     . HOH F 3 .  ? -8.954  5.366   -0.593  1.00 28.85 ? 261 HOH A O     1 
HETATM 495 O  O     . HOH F 3 .  ? 10.076  -10.104 -2.537  1.00 34.66 ? 264 HOH A O     1 
HETATM 496 O  O     . HOH F 3 .  ? 11.963  8.096   8.767   1.00 32.73 ? 267 HOH A O     1 
HETATM 497 O  O     . HOH F 3 .  ? 11.810  9.240   3.983   1.00 32.85 ? 269 HOH A O     1 
HETATM 498 O  O     . HOH F 3 .  ? -7.297  -1.290  5.034   1.00 32.44 ? 280 HOH A O     1 
HETATM 499 O  O     . HOH F 3 .  ? -5.587  -3.026  13.458  1.00 33.40 ? 285 HOH A O     1 
HETATM 500 O  O     . HOH F 3 .  ? 7.704   -10.968 -2.638  1.00 30.61 ? 288 HOH A O     1 
HETATM 501 O  O     . HOH F 3 .  ? -5.918  -10.418 6.548   1.00 27.32 ? 289 HOH A O     1 
HETATM 502 O  O     . HOH F 3 .  ? -9.542  9.198   2.032   1.00 26.37 ? 293 HOH A O     1 
HETATM 503 O  O     . HOH F 3 .  ? 4.659   -7.046  -8.338  1.00 33.01 ? 294 HOH A O     1 
HETATM 504 O  O     . HOH F 3 .  ? 14.687  -4.242  -7.317  1.00 29.42 ? 297 HOH A O     1 
HETATM 505 O  O     . HOH F 3 .  ? -11.850 8.361   3.228   1.00 26.42 ? 300 HOH A O     1 
HETATM 506 O  O     . HOH F 3 .  ? 14.850  4.199   2.429   1.00 30.91 ? 302 HOH A O     1 
HETATM 507 O  O     . HOH F 3 .  ? -1.590  -3.755  1.403   1.00 28.95 ? 305 HOH A O     1 
HETATM 508 O  O     . HOH F 3 .  ? 16.961  4.518   -3.969  1.00 31.71 ? 307 HOH A O     1 
HETATM 509 O  O     . HOH F 3 .  ? -2.019  -4.871  2.171   1.00 30.72 ? 311 HOH A O     1 
HETATM 510 O  O     . HOH F 3 .  ? 18.790  5.083   -2.191  1.00 29.68 ? 313 HOH A O     1 
HETATM 511 O  O     . HOH F 3 .  ? 1.121   -12.872 1.586   1.00 28.48 ? 316 HOH A O     1 
HETATM 512 O  O     . HOH F 3 .  ? 18.482  5.045   -1.160  1.00 29.76 ? 317 HOH A O     1 
HETATM 513 O  O     . HOH F 3 .  ? 7.831   6.900   4.604   1.00 31.83 ? 320 HOH A O     1 
HETATM 514 O  O     . HOH F 3 .  ? 4.661   -9.714  -7.115  1.00 30.23 ? 330 HOH A O     1 
HETATM 515 O  O     . HOH F 3 .  ? 13.248  -4.923  -6.219  1.00 33.48 ? 331 HOH A O     1 
HETATM 516 O  O     . HOH F 3 .  ? 15.273  1.199   1.569   1.00 35.00 ? 338 HOH A O     1 
HETATM 517 O  O     . HOH F 3 .  ? -3.745  5.522   9.577   1.00 29.98 ? 339 HOH A O     1 
HETATM 518 O  O     . HOH F 3 .  ? 12.855  2.081   2.553   1.00 31.61 ? 340 HOH A O     1 
HETATM 519 O  O     . HOH F 3 .  ? 13.958  -1.730  -6.133  1.00 33.36 ? 343 HOH A O     1 
HETATM 520 O  O     . HOH F 3 .  ? 7.509   -9.827  -0.829  1.00 32.75 ? 346 HOH A O     1 
HETATM 521 O  O     . HOH F 3 .  ? -6.415  0.870   2.587   1.00 31.26 ? 347 HOH A O     1 
HETATM 522 O  O     . HOH F 3 .  ? 0.699   -4.656  2.025   1.00 33.89 ? 348 HOH A O     1 
HETATM 523 O  O     . HOH F 3 .  ? -3.860  -2.628  6.539   1.00 30.50 ? 352 HOH A O     1 
HETATM 524 O  O     . HOH F 3 .  ? 5.055   -10.653 -4.854  1.00 32.58 ? 353 HOH A O     1 
HETATM 525 O  O     . HOH G 3 .  ? 6.665   5.690   -4.419  1.00 12.51 ? 24  HOH B O     1 
HETATM 526 O  O     . HOH G 3 .  ? -3.861  1.856   -5.567  1.00 16.03 ? 104 HOH B O     1 
HETATM 527 O  O     . HOH G 3 .  ? -3.005  3.790   -7.482  1.00 15.50 ? 111 HOH B O     1 
HETATM 528 O  O     . HOH G 3 .  ? -0.335  4.010   -0.578  1.00 15.51 ? 115 HOH B O     1 
HETATM 529 O  O     . HOH G 3 .  ? -15.322 -9.005  -5.795  1.00 18.71 ? 117 HOH B O     1 
HETATM 530 O  O     . HOH G 3 .  ? 0.562   1.581   -13.656 1.00 20.48 ? 120 HOH B O     1 
HETATM 531 O  O     . HOH G 3 .  ? 1.792   1.031   2.656   1.00 17.22 ? 122 HOH B O     1 
HETATM 532 O  O     . HOH G 3 .  ? -1.551  -6.499  -7.792  1.00 18.35 ? 124 HOH B O     1 
HETATM 533 O  O     . HOH G 3 .  ? 7.354   8.473   2.628   1.00 17.34 ? 127 HOH B O     1 
HETATM 534 O  O     . HOH G 3 .  ? -0.401  6.570   0.189   1.00 17.71 ? 128 HOH B O     1 
HETATM 535 O  O     . HOH G 3 .  ? -18.935 -6.956  -3.943  1.00 22.26 ? 130 HOH B O     1 
HETATM 536 O  O     . HOH G 3 .  ? -2.371  2.718   6.941   1.00 24.45 ? 133 HOH B O     1 
HETATM 537 O  O     . HOH G 3 .  ? -16.609 -2.890  -6.965  1.00 20.89 ? 140 HOH B O     1 
HETATM 538 O  O     . HOH G 3 .  ? -9.601  0.345   -5.523  1.00 19.87 ? 144 HOH B O     1 
HETATM 539 O  O     . HOH G 3 .  ? 0.756   12.778  1.679   1.00 27.15 ? 146 HOH B O     1 
HETATM 540 O  O     . HOH G 3 .  ? 3.292   1.029   5.395   1.00 23.57 ? 149 HOH B O     1 
HETATM 541 O  O     . HOH G 3 .  ? -2.271  0.327   11.215  1.00 26.71 ? 153 HOH B O     1 
HETATM 542 O  O     . HOH G 3 .  ? -0.144  6.613   12.674  1.00 18.19 ? 155 HOH B O     1 
HETATM 543 O  O     . HOH G 3 .  ? -1.942  0.882   -15.484 1.00 30.60 ? 158 HOH B O     1 
HETATM 544 O  O     . HOH G 3 .  ? 11.344  -2.509  8.706   1.00 28.29 ? 160 HOH B O     1 
HETATM 545 O  O     . HOH G 3 .  ? -18.790 -7.420  -0.644  1.00 26.82 ? 161 HOH B O     1 
HETATM 546 O  O     . HOH G 3 .  ? -8.703  2.248   -3.576  1.00 24.76 ? 162 HOH B O     1 
HETATM 547 O  O     . HOH G 3 .  ? 1.083   -0.825  -16.520 1.00 24.07 ? 163 HOH B O     1 
HETATM 548 O  O     . HOH G 3 .  ? -12.510 0.866   -4.484  1.00 24.29 ? 168 HOH B O     1 
HETATM 549 O  O     . HOH G 3 .  ? -14.745 -2.727  -4.966  1.00 19.87 ? 169 HOH B O     1 
HETATM 550 O  O     . HOH G 3 .  ? -2.008  -1.950  -14.857 1.00 27.96 ? 170 HOH B O     1 
HETATM 551 O  O     . HOH G 3 .  ? 2.944   -1.662  -8.323  1.00 34.00 ? 171 HOH B O     1 
HETATM 552 O  O     . HOH G 3 .  ? -9.204  -0.102  -8.651  1.00 26.18 ? 173 HOH B O     1 
HETATM 553 O  O     . HOH G 3 .  ? 3.869   -1.439  8.758   1.00 30.65 ? 176 HOH B O     1 
HETATM 554 O  O     . HOH G 3 .  ? -9.239  3.101   -2.419  1.00 29.17 ? 177 HOH B O     1 
HETATM 555 O  O     . HOH G 3 .  ? 1.281   -3.840  -8.700  1.00 19.94 ? 178 HOH B O     1 
HETATM 556 O  O     . HOH G 3 .  ? -1.646  9.602   6.367   1.00 27.34 ? 180 HOH B O     1 
HETATM 557 O  O     . HOH G 3 .  ? -0.175  12.378  -2.586  1.00 28.73 ? 182 HOH B O     1 
HETATM 558 O  O     . HOH G 3 .  ? -6.645  1.052   -13.454 1.00 29.87 ? 183 HOH B O     1 
HETATM 559 O  O     . HOH G 3 .  ? 5.932   0.283   14.636  1.00 35.63 ? 184 HOH B O     1 
HETATM 560 O  O     . HOH G 3 .  ? 6.350   -3.506  13.625  1.00 32.65 ? 186 HOH B O     1 
HETATM 561 O  O     . HOH G 3 .  ? 1.236   3.461   7.027   1.00 28.41 ? 187 HOH B O     1 
HETATM 562 O  O     . HOH G 3 .  ? -4.331  2.674   -3.320  1.00 23.40 ? 188 HOH B O     1 
HETATM 563 O  O     . HOH G 3 .  ? -2.048  6.434   -11.780 1.00 32.20 ? 191 HOH B O     1 
HETATM 564 O  O     . HOH G 3 .  ? -1.259  -4.157  -13.266 1.00 26.74 ? 192 HOH B O     1 
HETATM 565 O  O     . HOH G 3 .  ? 1.060   -5.185  14.209  1.00 31.23 ? 193 HOH B O     1 
HETATM 566 O  O     . HOH G 3 .  ? 8.971   5.536   9.741   1.00 29.36 ? 198 HOH B O     1 
HETATM 567 O  O     . HOH G 3 .  ? 4.692   -1.228  6.029   1.00 32.73 ? 199 HOH B O     1 
HETATM 568 O  O     . HOH G 3 .  ? 5.815   -0.696  15.509  1.00 33.11 ? 200 HOH B O     1 
HETATM 569 O  O     . HOH G 3 .  ? -2.618  0.739   -8.931  1.00 32.15 ? 202 HOH B O     1 
HETATM 570 O  O     . HOH G 3 .  ? -5.366  -3.745  -15.114 1.00 33.81 ? 204 HOH B O     1 
HETATM 571 O  O     . HOH G 3 .  ? -5.081  3.199   -7.215  1.00 28.77 ? 206 HOH B O     1 
HETATM 572 O  O     . HOH G 3 .  ? -13.547 -3.658  -4.397  1.00 32.37 ? 211 HOH B O     1 
HETATM 573 O  O     . HOH G 3 .  ? 4.759   2.117   14.451  1.00 26.03 ? 212 HOH B O     1 
HETATM 574 O  O     . HOH G 3 .  ? -15.002 -0.188  2.786   1.00 31.20 ? 215 HOH B O     1 
HETATM 575 O  O     . HOH G 3 .  ? -5.594  -5.913  -4.002  1.00 32.96 ? 216 HOH B O     1 
HETATM 576 O  O     . HOH G 3 .  ? 1.959   6.969   10.732  1.00 30.00 ? 217 HOH B O     1 
HETATM 577 O  O     . HOH G 3 .  ? -4.651  0.429   -15.596 1.00 30.48 ? 218 HOH B O     1 
HETATM 578 O  O     . HOH G 3 .  ? -3.082  1.483   -2.604  1.00 28.07 ? 219 HOH B O     1 
HETATM 579 O  O     . HOH G 3 .  ? 0.723   3.394   4.461   1.00 30.23 ? 220 HOH B O     1 
HETATM 580 O  O     . HOH G 3 .  ? -0.478  -2.227  -15.392 1.00 31.39 ? 221 HOH B O     1 
HETATM 581 O  O     . HOH G 3 .  ? -0.615  11.631  4.959   1.00 29.14 ? 222 HOH B O     1 
HETATM 582 O  O     . HOH G 3 .  ? -8.069  -1.781  -15.762 1.00 30.15 ? 223 HOH B O     1 
HETATM 583 O  O     . HOH G 3 .  ? -1.042  9.702   -8.482  1.00 25.98 ? 225 HOH B O     1 
HETATM 584 O  O     . HOH G 3 .  ? 5.743   -0.784  3.976   1.00 21.35 ? 226 HOH B O     1 
HETATM 585 O  O     . HOH G 3 .  ? -1.610  6.883   -3.975  1.00 29.06 ? 227 HOH B O     1 
HETATM 586 O  O     . HOH G 3 .  ? -14.082 -3.134  -6.186  1.00 32.54 ? 230 HOH B O     1 
HETATM 587 O  O     . HOH G 3 .  ? -0.008  7.887   9.871   1.00 23.05 ? 231 HOH B O     1 
HETATM 588 O  O     . HOH G 3 .  ? -2.534  7.719   -5.412  1.00 28.11 ? 232 HOH B O     1 
HETATM 589 O  O     . HOH G 3 .  ? -2.949  6.724   8.048   1.00 29.93 ? 233 HOH B O     1 
HETATM 590 O  O     . HOH G 3 .  ? -5.759  1.290   -8.660  1.00 27.09 ? 235 HOH B O     1 
HETATM 591 O  O     . HOH G 3 .  ? -1.570  10.371  -5.769  1.00 27.70 ? 238 HOH B O     1 
HETATM 592 O  O     . HOH G 3 .  ? 1.807   -3.593  -15.454 1.00 27.87 ? 240 HOH B O     1 
HETATM 593 O  O     . HOH G 3 .  ? -11.351 -6.356  -9.131  1.00 30.63 ? 241 HOH B O     1 
HETATM 594 O  O     . HOH G 3 .  ? -17.806 -9.728  -2.055  1.00 29.41 ? 243 HOH B O     1 
HETATM 595 O  O     . HOH G 3 .  ? -13.471 -2.343  -5.188  1.00 32.75 ? 245 HOH B O     1 
HETATM 596 O  O     . HOH G 3 .  ? -2.379  1.835   -6.291  1.00 32.69 ? 247 HOH B O     1 
HETATM 597 O  O     . HOH G 3 .  ? -1.964  10.543  1.004   1.00 22.06 ? 248 HOH B O     1 
HETATM 598 O  O     . HOH G 3 .  ? -11.361 -2.701  -10.624 1.00 33.36 ? 249 HOH B O     1 
HETATM 599 O  O     . HOH G 3 .  ? -17.264 -4.572  -4.338  1.00 29.89 ? 250 HOH B O     1 
HETATM 600 O  O     . HOH G 3 .  ? -11.130 -4.212  -14.630 1.00 31.99 ? 253 HOH B O     1 
HETATM 601 O  O     . HOH G 3 .  ? -1.397  6.568   4.537   1.00 30.44 ? 257 HOH B O     1 
HETATM 602 O  O     . HOH G 3 .  ? -1.921  7.356   10.717  1.00 31.91 ? 259 HOH B O     1 
HETATM 603 O  O     . HOH G 3 .  ? -8.691  -3.621  -13.817 1.00 26.95 ? 260 HOH B O     1 
HETATM 604 O  O     . HOH G 3 .  ? -12.493 -1.415  -6.971  1.00 30.72 ? 262 HOH B O     1 
HETATM 605 O  O     . HOH G 3 .  ? -2.259  6.980   -2.772  1.00 26.37 ? 263 HOH B O     1 
HETATM 606 O  O     . HOH G 3 .  ? -7.089  2.806   -10.588 1.00 31.47 ? 265 HOH B O     1 
HETATM 607 O  O     . HOH G 3 .  ? 4.355   -0.601  3.037   1.00 26.35 ? 266 HOH B O     1 
HETATM 608 O  O     . HOH G 3 .  ? -14.750 -1.650  -3.564  1.00 32.24 ? 268 HOH B O     1 
HETATM 609 O  O     . HOH G 3 .  ? 1.229   2.015   7.578   1.00 28.45 ? 270 HOH B O     1 
HETATM 610 O  O     . HOH G 3 .  ? -10.868 -0.779  -4.771  1.00 29.50 ? 271 HOH B O     1 
HETATM 611 O  O     . HOH G 3 .  ? -9.271  -6.277  -9.427  1.00 30.38 ? 272 HOH B O     1 
HETATM 612 O  O     . HOH G 3 .  ? -5.950  2.996   -12.110 1.00 26.63 ? 273 HOH B O     1 
HETATM 613 O  O     . HOH G 3 .  ? -3.303  -5.019  -8.671  1.00 29.46 ? 274 HOH B O     1 
HETATM 614 O  O     . HOH G 3 .  ? -4.226  4.565   -14.304 1.00 31.28 ? 275 HOH B O     1 
HETATM 615 O  O     . HOH G 3 .  ? -14.014 -8.557  -9.683  1.00 29.54 ? 276 HOH B O     1 
HETATM 616 O  O     . HOH G 3 .  ? 0.193   -4.470  -8.144  1.00 29.86 ? 277 HOH B O     1 
HETATM 617 O  O     . HOH G 3 .  ? -2.513  5.296   -12.740 1.00 32.43 ? 278 HOH B O     1 
HETATM 618 O  O     . HOH G 3 .  ? -5.196  -4.723  -7.592  1.00 29.36 ? 279 HOH B O     1 
HETATM 619 O  O     . HOH G 3 .  ? -9.845  -2.510  -7.781  1.00 35.18 ? 281 HOH B O     1 
HETATM 620 O  O     . HOH G 3 .  ? 0.041   1.508   1.228   1.00 27.41 ? 282 HOH B O     1 
HETATM 621 O  O     . HOH G 3 .  ? -15.965 -2.046  -0.509  1.00 31.51 ? 283 HOH B O     1 
HETATM 622 O  O     . HOH G 3 .  ? -14.622 -3.731  -9.113  1.00 26.39 ? 284 HOH B O     1 
HETATM 623 O  O     . HOH G 3 .  ? 4.998   -3.559  15.934  1.00 30.66 ? 286 HOH B O     1 
HETATM 624 O  O     . HOH G 3 .  ? -0.125  11.156  6.431   1.00 32.01 ? 287 HOH B O     1 
HETATM 625 O  O     . HOH G 3 .  ? -11.684 -7.412  -9.918  1.00 26.30 ? 290 HOH B O     1 
HETATM 626 O  O     . HOH G 3 .  ? -5.378  1.475   -13.796 1.00 33.11 ? 291 HOH B O     1 
HETATM 627 O  O     . HOH G 3 .  ? 0.022   1.951   14.478  1.00 27.57 ? 292 HOH B O     1 
HETATM 628 O  O     . HOH G 3 .  ? 3.047   -5.019  15.456  1.00 30.93 ? 295 HOH B O     1 
HETATM 629 O  O     . HOH G 3 .  ? 7.042   -2.013  7.005   1.00 30.40 ? 296 HOH B O     1 
HETATM 630 O  O     . HOH G 3 .  ? -0.286  9.858   8.466   1.00 28.72 ? 298 HOH B O     1 
HETATM 631 O  O     . HOH G 3 .  ? -0.824  8.281   10.606  1.00 27.57 ? 299 HOH B O     1 
HETATM 632 O  O     . HOH G 3 .  ? 2.210   1.763   15.566  1.00 27.32 ? 301 HOH B O     1 
HETATM 633 O  O     . HOH G 3 .  ? 1.709   -5.717  12.741  1.00 33.38 ? 303 HOH B O     1 
HETATM 634 O  O     . HOH G 3 .  ? -1.430  3.931   12.567  1.00 29.69 ? 304 HOH B O     1 
HETATM 635 O  O     . HOH G 3 .  ? -3.260  4.936   -5.383  1.00 36.45 ? 306 HOH B O     1 
HETATM 636 O  O     . HOH G 3 .  ? -1.816  1.911   -1.441  1.00 24.63 ? 308 HOH B O     1 
HETATM 637 O  O     . HOH G 3 .  ? -11.604 -6.170  -10.315 1.00 30.44 ? 309 HOH B O     1 
HETATM 638 O  O     . HOH G 3 .  ? -1.129  5.342   5.713   1.00 29.26 ? 310 HOH B O     1 
HETATM 639 O  O     . HOH G 3 .  ? 4.915   -5.550  9.557   1.00 34.09 ? 312 HOH B O     1 
HETATM 640 O  O     . HOH G 3 .  ? -0.200  -0.898  8.482   1.00 33.72 ? 314 HOH B O     1 
HETATM 641 O  O     . HOH G 3 .  ? -2.045  8.781   5.009   1.00 32.69 ? 315 HOH B O     1 
HETATM 642 O  O     . HOH G 3 .  ? 5.227   3.351   11.874  1.00 31.79 ? 318 HOH B O     1 
HETATM 643 O  O     . HOH G 3 .  ? -6.701  2.190   -5.664  1.00 27.83 ? 319 HOH B O     1 
HETATM 644 O  O     . HOH G 3 .  ? 1.732   -4.940  -14.055 1.00 28.99 ? 321 HOH B O     1 
HETATM 645 O  O     . HOH G 3 .  ? 5.665   -5.032  11.216  1.00 34.47 ? 322 HOH B O     1 
HETATM 646 O  O     . HOH G 3 .  ? -0.898  -2.233  10.966  1.00 33.43 ? 323 HOH B O     1 
HETATM 647 O  O     . HOH G 3 .  ? 5.554   4.476   -3.495  1.00 32.50 ? 324 HOH B O     1 
HETATM 648 O  O     . HOH G 3 .  ? -2.677  4.674   -1.909  1.00 24.99 ? 325 HOH B O     1 
HETATM 649 O  O     . HOH G 3 .  ? 7.215   -3.338  7.948   1.00 32.44 ? 326 HOH B O     1 
HETATM 650 O  O     . HOH G 3 .  ? -13.524 -6.471  -11.359 1.00 30.81 ? 327 HOH B O     1 
HETATM 651 O  O     . HOH G 3 .  ? 3.525   5.418   -8.297  1.00 31.73 ? 328 HOH B O     1 
HETATM 652 O  O     . HOH G 3 .  ? -1.790  3.102   5.808   1.00 35.25 ? 329 HOH B O     1 
HETATM 653 O  O     . HOH G 3 .  ? -2.071  4.738   8.522   1.00 32.94 ? 332 HOH B O     1 
HETATM 654 O  O     . HOH G 3 .  ? 3.813   -3.132  14.888  1.00 30.99 ? 333 HOH B O     1 
HETATM 655 O  O     . HOH G 3 .  ? -0.164  5.068   -4.623  1.00 31.68 ? 334 HOH B O     1 
HETATM 656 O  O     . HOH G 3 .  ? -2.269  9.419   -1.319  1.00 24.78 ? 335 HOH B O     1 
HETATM 657 O  O     . HOH G 3 .  ? -4.250  -6.256  -7.018  1.00 32.39 ? 336 HOH B O     1 
HETATM 658 O  O     . HOH G 3 .  ? -8.126  1.804   -12.568 1.00 32.98 ? 337 HOH B O     1 
HETATM 659 O  O     . HOH G 3 .  ? -8.022  0.108   -0.302  1.00 30.18 ? 341 HOH B O     1 
HETATM 660 O  O     . HOH G 3 .  ? -1.763  5.344   12.610  1.00 27.63 ? 342 HOH B O     1 
HETATM 661 O  O     . HOH G 3 .  ? 0.679   -4.664  -11.331 1.00 27.80 ? 344 HOH B O     1 
HETATM 662 O  O     . HOH G 3 .  ? 1.189   11.176  7.073   1.00 32.53 ? 345 HOH B O     1 
HETATM 663 O  O     . HOH G 3 .  ? 0.380   10.312  -0.754  1.00 32.76 ? 349 HOH B O     1 
HETATM 664 O  O     . HOH G 3 .  ? 2.465   7.833   -8.847  1.00 31.95 ? 350 HOH B O     1 
HETATM 665 O  O     . HOH G 3 .  ? 1.457   -2.701  16.140  1.00 33.56 ? 351 HOH B O     1 
# 
